data_4RKE
# 
_entry.id   4RKE 
# 
_audit_conform.dict_name       mmcif_pdbx.dic 
_audit_conform.dict_version    5.387 
_audit_conform.dict_location   http://mmcif.pdb.org/dictionaries/ascii/mmcif_pdbx.dic 
# 
loop_
_database_2.database_id 
_database_2.database_code 
_database_2.pdbx_database_accession 
_database_2.pdbx_DOI 
RCSB  RCSB087455   ?            ?                   
PDB   4RKE         pdb_00004rke 10.2210/pdb4rke/pdb 
WWPDB D_1000087455 ?            ?                   
# 
loop_
_pdbx_audit_revision_history.ordinal 
_pdbx_audit_revision_history.data_content_type 
_pdbx_audit_revision_history.major_revision 
_pdbx_audit_revision_history.minor_revision 
_pdbx_audit_revision_history.revision_date 
1 'Structure model' 1 0 2014-12-10 
2 'Structure model' 1 1 2015-01-07 
3 'Structure model' 1 2 2015-02-04 
4 'Structure model' 1 3 2024-02-28 
# 
_pdbx_audit_revision_details.ordinal             1 
_pdbx_audit_revision_details.revision_ordinal    1 
_pdbx_audit_revision_details.data_content_type   'Structure model' 
_pdbx_audit_revision_details.provider            repository 
_pdbx_audit_revision_details.type                'Initial release' 
_pdbx_audit_revision_details.description         ? 
_pdbx_audit_revision_details.details             ? 
# 
loop_
_pdbx_audit_revision_group.ordinal 
_pdbx_audit_revision_group.revision_ordinal 
_pdbx_audit_revision_group.data_content_type 
_pdbx_audit_revision_group.group 
1 2 'Structure model' 'Database references'  
2 3 'Structure model' 'Database references'  
3 4 'Structure model' 'Data collection'      
4 4 'Structure model' 'Database references'  
5 4 'Structure model' 'Derived calculations' 
# 
loop_
_pdbx_audit_revision_category.ordinal 
_pdbx_audit_revision_category.revision_ordinal 
_pdbx_audit_revision_category.data_content_type 
_pdbx_audit_revision_category.category 
1 4 'Structure model' chem_comp_atom         
2 4 'Structure model' chem_comp_bond         
3 4 'Structure model' database_2             
4 4 'Structure model' pdbx_struct_conn_angle 
5 4 'Structure model' struct_conn            
6 4 'Structure model' struct_ref_seq_dif     
7 4 'Structure model' struct_site            
# 
loop_
_pdbx_audit_revision_item.ordinal 
_pdbx_audit_revision_item.revision_ordinal 
_pdbx_audit_revision_item.data_content_type 
_pdbx_audit_revision_item.item 
1  4 'Structure model' '_database_2.pdbx_DOI'                        
2  4 'Structure model' '_database_2.pdbx_database_accession'         
3  4 'Structure model' '_pdbx_struct_conn_angle.ptnr1_auth_comp_id'  
4  4 'Structure model' '_pdbx_struct_conn_angle.ptnr1_auth_seq_id'   
5  4 'Structure model' '_pdbx_struct_conn_angle.ptnr1_label_asym_id' 
6  4 'Structure model' '_pdbx_struct_conn_angle.ptnr1_label_atom_id' 
7  4 'Structure model' '_pdbx_struct_conn_angle.ptnr1_label_comp_id' 
8  4 'Structure model' '_pdbx_struct_conn_angle.ptnr1_label_seq_id'  
9  4 'Structure model' '_pdbx_struct_conn_angle.ptnr3_auth_comp_id'  
10 4 'Structure model' '_pdbx_struct_conn_angle.ptnr3_auth_seq_id'   
11 4 'Structure model' '_pdbx_struct_conn_angle.ptnr3_label_asym_id' 
12 4 'Structure model' '_pdbx_struct_conn_angle.ptnr3_label_atom_id' 
13 4 'Structure model' '_pdbx_struct_conn_angle.ptnr3_label_comp_id' 
14 4 'Structure model' '_pdbx_struct_conn_angle.ptnr3_label_seq_id'  
15 4 'Structure model' '_pdbx_struct_conn_angle.value'               
16 4 'Structure model' '_struct_conn.pdbx_dist_value'                
17 4 'Structure model' '_struct_conn.ptnr1_auth_comp_id'             
18 4 'Structure model' '_struct_conn.ptnr1_auth_seq_id'              
19 4 'Structure model' '_struct_conn.ptnr1_label_asym_id'            
20 4 'Structure model' '_struct_conn.ptnr1_label_atom_id'            
21 4 'Structure model' '_struct_conn.ptnr1_label_comp_id'            
22 4 'Structure model' '_struct_conn.ptnr1_label_seq_id'             
23 4 'Structure model' '_struct_ref_seq_dif.details'                 
24 4 'Structure model' '_struct_site.pdbx_auth_asym_id'              
25 4 'Structure model' '_struct_site.pdbx_auth_comp_id'              
26 4 'Structure model' '_struct_site.pdbx_auth_seq_id'               
# 
_pdbx_database_status.status_code                     REL 
_pdbx_database_status.entry_id                        4RKE 
_pdbx_database_status.recvd_initial_deposition_date   2014-10-13 
_pdbx_database_status.deposit_site                    RCSB 
_pdbx_database_status.process_site                    RCSB 
_pdbx_database_status.status_code_sf                  REL 
_pdbx_database_status.status_code_mr                  ? 
_pdbx_database_status.SG_entry                        ? 
_pdbx_database_status.status_code_cs                  ? 
_pdbx_database_status.methods_development_category    ? 
_pdbx_database_status.pdb_format_compatible           Y 
_pdbx_database_status.status_code_nmr_data            ? 
# 
loop_
_pdbx_database_related.db_name 
_pdbx_database_related.db_id 
_pdbx_database_related.details 
_pdbx_database_related.content_type 
PDB 1Z0A . unspecified 
PDB 4RKF . unspecified 
# 
loop_
_audit_author.name 
_audit_author.pdbx_ordinal 
'Lardong, J.A.' 1 
'Driller, J.H.' 2 
'Depner, H.'    3 
'Weise, C.'     4 
'Petzoldt, A.'  5 
'Wahl, M.C.'    6 
'Sigrist, S.J.' 7 
'Loll, B.'      8 
# 
_citation.id                        primary 
_citation.title                     'Structures of Drosophila melanogaster Rab2 and Rab3 bound to GMPPNP.' 
_citation.journal_abbrev            'Acta Crystallogr F Struct Biol Commun' 
_citation.journal_volume            71 
_citation.page_first                34 
_citation.page_last                 40 
_citation.year                      2015 
_citation.journal_id_ASTM           ? 
_citation.country                   DK 
_citation.journal_id_ISSN           1744-3091 
_citation.journal_id_CSD            ? 
_citation.book_publisher            ? 
_citation.pdbx_database_id_PubMed   25615965 
_citation.pdbx_database_id_DOI      10.1107/S2053230X1402617X 
# 
loop_
_citation_author.citation_id 
_citation_author.name 
_citation_author.ordinal 
_citation_author.identifier_ORCID 
primary 'Lardong, J.A.' 1 ? 
primary 'Driller, J.H.' 2 ? 
primary 'Depner, H.'    3 ? 
primary 'Weise, C.'     4 ? 
primary 'Petzoldt, A.'  5 ? 
primary 'Wahl, M.C.'    6 ? 
primary 'Sigrist, S.J.' 7 ? 
primary 'Loll, B.'      8 ? 
# 
loop_
_entity.id 
_entity.type 
_entity.src_method 
_entity.pdbx_description 
_entity.formula_weight 
_entity.pdbx_number_of_molecules 
_entity.pdbx_ec 
_entity.pdbx_mutation 
_entity.pdbx_fragment 
_entity.details 
1 polymer     man GH01619p                                      19980.785 1   ? Q65L 'GTPase domain (UNP Residues 1-172)' ? 
2 non-polymer syn 'PHOSPHOAMINOPHOSPHONIC ACID-GUANYLATE ESTER' 522.196   1   ? ?    ?                                    ? 
3 non-polymer syn 'MAGNESIUM ION'                               24.305    1   ? ?    ?                                    ? 
4 non-polymer syn 'PENTAETHYLENE GLYCOL'                        238.278   2   ? ?    ?                                    ? 
5 water       nat water                                         18.015    113 ? ?    ?                                    ? 
# 
_entity_name_com.entity_id   1 
_entity_name_com.name        'Rab-protein 2, Rab2' 
# 
_entity_poly.entity_id                      1 
_entity_poly.type                           'polypeptide(L)' 
_entity_poly.nstd_linkage                   no 
_entity_poly.nstd_monomer                   no 
_entity_poly.pdbx_seq_one_letter_code       
;GAMGMSYAYLFKYIIIGDTGVGKSCLLLQFTDKRFQPVHDLTIGVEFGARMITIDGKQIKLQIWDTAGLEAFRSITRSYY
RGAAGALLVYDITRRETFNHLTTWLEDARQHSNSNMVIMLIGNKSDLDSRREVKKEEGEAFAREHGLVFMETSARTAANV
EEAFINTAKEIYEKIQ
;
_entity_poly.pdbx_seq_one_letter_code_can   
;GAMGMSYAYLFKYIIIGDTGVGKSCLLLQFTDKRFQPVHDLTIGVEFGARMITIDGKQIKLQIWDTAGLEAFRSITRSYY
RGAAGALLVYDITRRETFNHLTTWLEDARQHSNSNMVIMLIGNKSDLDSRREVKKEEGEAFAREHGLVFMETSARTAANV
EEAFINTAKEIYEKIQ
;
_entity_poly.pdbx_strand_id                 A 
_entity_poly.pdbx_target_identifier         ? 
# 
loop_
_pdbx_entity_nonpoly.entity_id 
_pdbx_entity_nonpoly.name 
_pdbx_entity_nonpoly.comp_id 
2 'PHOSPHOAMINOPHOSPHONIC ACID-GUANYLATE ESTER' GNP 
3 'MAGNESIUM ION'                               MG  
4 'PENTAETHYLENE GLYCOL'                        1PE 
5 water                                         HOH 
# 
loop_
_entity_poly_seq.entity_id 
_entity_poly_seq.num 
_entity_poly_seq.mon_id 
_entity_poly_seq.hetero 
1 1   GLY n 
1 2   ALA n 
1 3   MET n 
1 4   GLY n 
1 5   MET n 
1 6   SER n 
1 7   TYR n 
1 8   ALA n 
1 9   TYR n 
1 10  LEU n 
1 11  PHE n 
1 12  LYS n 
1 13  TYR n 
1 14  ILE n 
1 15  ILE n 
1 16  ILE n 
1 17  GLY n 
1 18  ASP n 
1 19  THR n 
1 20  GLY n 
1 21  VAL n 
1 22  GLY n 
1 23  LYS n 
1 24  SER n 
1 25  CYS n 
1 26  LEU n 
1 27  LEU n 
1 28  LEU n 
1 29  GLN n 
1 30  PHE n 
1 31  THR n 
1 32  ASP n 
1 33  LYS n 
1 34  ARG n 
1 35  PHE n 
1 36  GLN n 
1 37  PRO n 
1 38  VAL n 
1 39  HIS n 
1 40  ASP n 
1 41  LEU n 
1 42  THR n 
1 43  ILE n 
1 44  GLY n 
1 45  VAL n 
1 46  GLU n 
1 47  PHE n 
1 48  GLY n 
1 49  ALA n 
1 50  ARG n 
1 51  MET n 
1 52  ILE n 
1 53  THR n 
1 54  ILE n 
1 55  ASP n 
1 56  GLY n 
1 57  LYS n 
1 58  GLN n 
1 59  ILE n 
1 60  LYS n 
1 61  LEU n 
1 62  GLN n 
1 63  ILE n 
1 64  TRP n 
1 65  ASP n 
1 66  THR n 
1 67  ALA n 
1 68  GLY n 
1 69  LEU n 
1 70  GLU n 
1 71  ALA n 
1 72  PHE n 
1 73  ARG n 
1 74  SER n 
1 75  ILE n 
1 76  THR n 
1 77  ARG n 
1 78  SER n 
1 79  TYR n 
1 80  TYR n 
1 81  ARG n 
1 82  GLY n 
1 83  ALA n 
1 84  ALA n 
1 85  GLY n 
1 86  ALA n 
1 87  LEU n 
1 88  LEU n 
1 89  VAL n 
1 90  TYR n 
1 91  ASP n 
1 92  ILE n 
1 93  THR n 
1 94  ARG n 
1 95  ARG n 
1 96  GLU n 
1 97  THR n 
1 98  PHE n 
1 99  ASN n 
1 100 HIS n 
1 101 LEU n 
1 102 THR n 
1 103 THR n 
1 104 TRP n 
1 105 LEU n 
1 106 GLU n 
1 107 ASP n 
1 108 ALA n 
1 109 ARG n 
1 110 GLN n 
1 111 HIS n 
1 112 SER n 
1 113 ASN n 
1 114 SER n 
1 115 ASN n 
1 116 MET n 
1 117 VAL n 
1 118 ILE n 
1 119 MET n 
1 120 LEU n 
1 121 ILE n 
1 122 GLY n 
1 123 ASN n 
1 124 LYS n 
1 125 SER n 
1 126 ASP n 
1 127 LEU n 
1 128 ASP n 
1 129 SER n 
1 130 ARG n 
1 131 ARG n 
1 132 GLU n 
1 133 VAL n 
1 134 LYS n 
1 135 LYS n 
1 136 GLU n 
1 137 GLU n 
1 138 GLY n 
1 139 GLU n 
1 140 ALA n 
1 141 PHE n 
1 142 ALA n 
1 143 ARG n 
1 144 GLU n 
1 145 HIS n 
1 146 GLY n 
1 147 LEU n 
1 148 VAL n 
1 149 PHE n 
1 150 MET n 
1 151 GLU n 
1 152 THR n 
1 153 SER n 
1 154 ALA n 
1 155 ARG n 
1 156 THR n 
1 157 ALA n 
1 158 ALA n 
1 159 ASN n 
1 160 VAL n 
1 161 GLU n 
1 162 GLU n 
1 163 ALA n 
1 164 PHE n 
1 165 ILE n 
1 166 ASN n 
1 167 THR n 
1 168 ALA n 
1 169 LYS n 
1 170 GLU n 
1 171 ILE n 
1 172 TYR n 
1 173 GLU n 
1 174 LYS n 
1 175 ILE n 
1 176 GLN n 
# 
_entity_src_gen.entity_id                          1 
_entity_src_gen.pdbx_src_id                        1 
_entity_src_gen.pdbx_alt_source_flag               sample 
_entity_src_gen.pdbx_seq_type                      ? 
_entity_src_gen.pdbx_beg_seq_num                   ? 
_entity_src_gen.pdbx_end_seq_num                   ? 
_entity_src_gen.gene_src_common_name               'Fruit fly' 
_entity_src_gen.gene_src_genus                     ? 
_entity_src_gen.pdbx_gene_src_gene                 'Rab2, CG3269, Dmel_CG3269' 
_entity_src_gen.gene_src_species                   ? 
_entity_src_gen.gene_src_strain                    ? 
_entity_src_gen.gene_src_tissue                    ? 
_entity_src_gen.gene_src_tissue_fraction           ? 
_entity_src_gen.gene_src_details                   ? 
_entity_src_gen.pdbx_gene_src_fragment             ? 
_entity_src_gen.pdbx_gene_src_scientific_name      'Drosophila melanogaster' 
_entity_src_gen.pdbx_gene_src_ncbi_taxonomy_id     7227 
_entity_src_gen.pdbx_gene_src_variant              ? 
_entity_src_gen.pdbx_gene_src_cell_line            ? 
_entity_src_gen.pdbx_gene_src_atcc                 ? 
_entity_src_gen.pdbx_gene_src_organ                ? 
_entity_src_gen.pdbx_gene_src_organelle            ? 
_entity_src_gen.pdbx_gene_src_cell                 ? 
_entity_src_gen.pdbx_gene_src_cellular_location    ? 
_entity_src_gen.host_org_common_name               ? 
_entity_src_gen.pdbx_host_org_scientific_name      'Escherichia coli' 
_entity_src_gen.pdbx_host_org_ncbi_taxonomy_id     469008 
_entity_src_gen.host_org_genus                     ? 
_entity_src_gen.pdbx_host_org_gene                 ? 
_entity_src_gen.pdbx_host_org_organ                ? 
_entity_src_gen.host_org_species                   ? 
_entity_src_gen.pdbx_host_org_tissue               ? 
_entity_src_gen.pdbx_host_org_tissue_fraction      ? 
_entity_src_gen.pdbx_host_org_strain               'BL21(DE3)' 
_entity_src_gen.pdbx_host_org_variant              ? 
_entity_src_gen.pdbx_host_org_cell_line            ? 
_entity_src_gen.pdbx_host_org_atcc                 ? 
_entity_src_gen.pdbx_host_org_culture_collection   ? 
_entity_src_gen.pdbx_host_org_cell                 ? 
_entity_src_gen.pdbx_host_org_organelle            ? 
_entity_src_gen.pdbx_host_org_cellular_location    ? 
_entity_src_gen.pdbx_host_org_vector_type          PLASMID 
_entity_src_gen.pdbx_host_org_vector               ? 
_entity_src_gen.host_org_details                   ? 
_entity_src_gen.expression_system_id               ? 
_entity_src_gen.plasmid_name                       pET-MBP 
_entity_src_gen.plasmid_details                    ? 
_entity_src_gen.pdbx_description                   ? 
# 
loop_
_chem_comp.id 
_chem_comp.type 
_chem_comp.mon_nstd_flag 
_chem_comp.name 
_chem_comp.pdbx_synonyms 
_chem_comp.formula 
_chem_comp.formula_weight 
1PE non-polymer         . 'PENTAETHYLENE GLYCOL'                        PEG400 'C10 H22 O6'        238.278 
ALA 'L-peptide linking' y ALANINE                                       ?      'C3 H7 N O2'        89.093  
ARG 'L-peptide linking' y ARGININE                                      ?      'C6 H15 N4 O2 1'    175.209 
ASN 'L-peptide linking' y ASPARAGINE                                    ?      'C4 H8 N2 O3'       132.118 
ASP 'L-peptide linking' y 'ASPARTIC ACID'                               ?      'C4 H7 N O4'        133.103 
CYS 'L-peptide linking' y CYSTEINE                                      ?      'C3 H7 N O2 S'      121.158 
GLN 'L-peptide linking' y GLUTAMINE                                     ?      'C5 H10 N2 O3'      146.144 
GLU 'L-peptide linking' y 'GLUTAMIC ACID'                               ?      'C5 H9 N O4'        147.129 
GLY 'peptide linking'   y GLYCINE                                       ?      'C2 H5 N O2'        75.067  
GNP non-polymer         . 'PHOSPHOAMINOPHOSPHONIC ACID-GUANYLATE ESTER' ?      'C10 H17 N6 O13 P3' 522.196 
HIS 'L-peptide linking' y HISTIDINE                                     ?      'C6 H10 N3 O2 1'    156.162 
HOH non-polymer         . WATER                                         ?      'H2 O'              18.015  
ILE 'L-peptide linking' y ISOLEUCINE                                    ?      'C6 H13 N O2'       131.173 
LEU 'L-peptide linking' y LEUCINE                                       ?      'C6 H13 N O2'       131.173 
LYS 'L-peptide linking' y LYSINE                                        ?      'C6 H15 N2 O2 1'    147.195 
MET 'L-peptide linking' y METHIONINE                                    ?      'C5 H11 N O2 S'     149.211 
MG  non-polymer         . 'MAGNESIUM ION'                               ?      'Mg 2'              24.305  
PHE 'L-peptide linking' y PHENYLALANINE                                 ?      'C9 H11 N O2'       165.189 
PRO 'L-peptide linking' y PROLINE                                       ?      'C5 H9 N O2'        115.130 
SER 'L-peptide linking' y SERINE                                        ?      'C3 H7 N O3'        105.093 
THR 'L-peptide linking' y THREONINE                                     ?      'C4 H9 N O3'        119.119 
TRP 'L-peptide linking' y TRYPTOPHAN                                    ?      'C11 H12 N2 O2'     204.225 
TYR 'L-peptide linking' y TYROSINE                                      ?      'C9 H11 N O3'       181.189 
VAL 'L-peptide linking' y VALINE                                        ?      'C5 H11 N O2'       117.146 
# 
loop_
_pdbx_poly_seq_scheme.asym_id 
_pdbx_poly_seq_scheme.entity_id 
_pdbx_poly_seq_scheme.seq_id 
_pdbx_poly_seq_scheme.mon_id 
_pdbx_poly_seq_scheme.ndb_seq_num 
_pdbx_poly_seq_scheme.pdb_seq_num 
_pdbx_poly_seq_scheme.auth_seq_num 
_pdbx_poly_seq_scheme.pdb_mon_id 
_pdbx_poly_seq_scheme.auth_mon_id 
_pdbx_poly_seq_scheme.pdb_strand_id 
_pdbx_poly_seq_scheme.pdb_ins_code 
_pdbx_poly_seq_scheme.hetero 
A 1 1   GLY 1   -3  -3  GLY GLY A . n 
A 1 2   ALA 2   -2  -2  ALA ALA A . n 
A 1 3   MET 3   -1  -1  MET MET A . n 
A 1 4   GLY 4   0   0   GLY GLY A . n 
A 1 5   MET 5   1   1   MET MET A . n 
A 1 6   SER 6   2   2   SER SER A . n 
A 1 7   TYR 7   3   3   TYR TYR A . n 
A 1 8   ALA 8   4   4   ALA ALA A . n 
A 1 9   TYR 9   5   5   TYR TYR A . n 
A 1 10  LEU 10  6   6   LEU LEU A . n 
A 1 11  PHE 11  7   7   PHE PHE A . n 
A 1 12  LYS 12  8   8   LYS LYS A . n 
A 1 13  TYR 13  9   9   TYR TYR A . n 
A 1 14  ILE 14  10  10  ILE ILE A . n 
A 1 15  ILE 15  11  11  ILE ILE A . n 
A 1 16  ILE 16  12  12  ILE ILE A . n 
A 1 17  GLY 17  13  13  GLY GLY A . n 
A 1 18  ASP 18  14  14  ASP ASP A . n 
A 1 19  THR 19  15  15  THR THR A . n 
A 1 20  GLY 20  16  16  GLY GLY A . n 
A 1 21  VAL 21  17  17  VAL VAL A . n 
A 1 22  GLY 22  18  18  GLY GLY A . n 
A 1 23  LYS 23  19  19  LYS LYS A . n 
A 1 24  SER 24  20  20  SER SER A . n 
A 1 25  CYS 25  21  21  CYS CYS A . n 
A 1 26  LEU 26  22  22  LEU LEU A . n 
A 1 27  LEU 27  23  23  LEU LEU A . n 
A 1 28  LEU 28  24  24  LEU LEU A . n 
A 1 29  GLN 29  25  25  GLN GLN A . n 
A 1 30  PHE 30  26  26  PHE PHE A . n 
A 1 31  THR 31  27  27  THR THR A . n 
A 1 32  ASP 32  28  28  ASP ASP A . n 
A 1 33  LYS 33  29  29  LYS LYS A . n 
A 1 34  ARG 34  30  30  ARG ARG A . n 
A 1 35  PHE 35  31  31  PHE PHE A . n 
A 1 36  GLN 36  32  32  GLN GLN A . n 
A 1 37  PRO 37  33  33  PRO PRO A . n 
A 1 38  VAL 38  34  34  VAL VAL A . n 
A 1 39  HIS 39  35  35  HIS HIS A . n 
A 1 40  ASP 40  36  36  ASP ASP A . n 
A 1 41  LEU 41  37  37  LEU LEU A . n 
A 1 42  THR 42  38  38  THR THR A . n 
A 1 43  ILE 43  39  39  ILE ILE A . n 
A 1 44  GLY 44  40  40  GLY GLY A . n 
A 1 45  VAL 45  41  41  VAL VAL A . n 
A 1 46  GLU 46  42  42  GLU GLU A . n 
A 1 47  PHE 47  43  43  PHE PHE A . n 
A 1 48  GLY 48  44  44  GLY GLY A . n 
A 1 49  ALA 49  45  45  ALA ALA A . n 
A 1 50  ARG 50  46  46  ARG ARG A . n 
A 1 51  MET 51  47  47  MET MET A . n 
A 1 52  ILE 52  48  48  ILE ILE A . n 
A 1 53  THR 53  49  49  THR THR A . n 
A 1 54  ILE 54  50  50  ILE ILE A . n 
A 1 55  ASP 55  51  51  ASP ASP A . n 
A 1 56  GLY 56  52  52  GLY GLY A . n 
A 1 57  LYS 57  53  53  LYS LYS A . n 
A 1 58  GLN 58  54  54  GLN GLN A . n 
A 1 59  ILE 59  55  55  ILE ILE A . n 
A 1 60  LYS 60  56  56  LYS LYS A . n 
A 1 61  LEU 61  57  57  LEU LEU A . n 
A 1 62  GLN 62  58  58  GLN GLN A . n 
A 1 63  ILE 63  59  59  ILE ILE A . n 
A 1 64  TRP 64  60  60  TRP TRP A . n 
A 1 65  ASP 65  61  61  ASP ASP A . n 
A 1 66  THR 66  62  62  THR THR A . n 
A 1 67  ALA 67  63  63  ALA ALA A . n 
A 1 68  GLY 68  64  64  GLY GLY A . n 
A 1 69  LEU 69  65  65  LEU LEU A . n 
A 1 70  GLU 70  66  66  GLU GLU A . n 
A 1 71  ALA 71  67  67  ALA ALA A . n 
A 1 72  PHE 72  68  68  PHE PHE A . n 
A 1 73  ARG 73  69  69  ARG ARG A . n 
A 1 74  SER 74  70  70  SER SER A . n 
A 1 75  ILE 75  71  71  ILE ILE A . n 
A 1 76  THR 76  72  72  THR THR A . n 
A 1 77  ARG 77  73  73  ARG ARG A . n 
A 1 78  SER 78  74  74  SER SER A . n 
A 1 79  TYR 79  75  75  TYR TYR A . n 
A 1 80  TYR 80  76  76  TYR TYR A . n 
A 1 81  ARG 81  77  77  ARG ARG A . n 
A 1 82  GLY 82  78  78  GLY GLY A . n 
A 1 83  ALA 83  79  79  ALA ALA A . n 
A 1 84  ALA 84  80  80  ALA ALA A . n 
A 1 85  GLY 85  81  81  GLY GLY A . n 
A 1 86  ALA 86  82  82  ALA ALA A . n 
A 1 87  LEU 87  83  83  LEU LEU A . n 
A 1 88  LEU 88  84  84  LEU LEU A . n 
A 1 89  VAL 89  85  85  VAL VAL A . n 
A 1 90  TYR 90  86  86  TYR TYR A . n 
A 1 91  ASP 91  87  87  ASP ASP A . n 
A 1 92  ILE 92  88  88  ILE ILE A . n 
A 1 93  THR 93  89  89  THR THR A . n 
A 1 94  ARG 94  90  90  ARG ARG A . n 
A 1 95  ARG 95  91  91  ARG ARG A . n 
A 1 96  GLU 96  92  92  GLU GLU A . n 
A 1 97  THR 97  93  93  THR THR A . n 
A 1 98  PHE 98  94  94  PHE PHE A . n 
A 1 99  ASN 99  95  95  ASN ASN A . n 
A 1 100 HIS 100 96  96  HIS HIS A . n 
A 1 101 LEU 101 97  97  LEU LEU A . n 
A 1 102 THR 102 98  98  THR THR A . n 
A 1 103 THR 103 99  99  THR THR A . n 
A 1 104 TRP 104 100 100 TRP TRP A . n 
A 1 105 LEU 105 101 101 LEU LEU A . n 
A 1 106 GLU 106 102 102 GLU GLU A . n 
A 1 107 ASP 107 103 103 ASP ASP A . n 
A 1 108 ALA 108 104 104 ALA ALA A . n 
A 1 109 ARG 109 105 105 ARG ARG A . n 
A 1 110 GLN 110 106 106 GLN GLN A . n 
A 1 111 HIS 111 107 107 HIS HIS A . n 
A 1 112 SER 112 108 108 SER SER A . n 
A 1 113 ASN 113 109 109 ASN ASN A . n 
A 1 114 SER 114 110 110 SER SER A . n 
A 1 115 ASN 115 111 111 ASN ASN A . n 
A 1 116 MET 116 112 112 MET MET A . n 
A 1 117 VAL 117 113 113 VAL VAL A . n 
A 1 118 ILE 118 114 114 ILE ILE A . n 
A 1 119 MET 119 115 115 MET MET A . n 
A 1 120 LEU 120 116 116 LEU LEU A . n 
A 1 121 ILE 121 117 117 ILE ILE A . n 
A 1 122 GLY 122 118 118 GLY GLY A . n 
A 1 123 ASN 123 119 119 ASN ASN A . n 
A 1 124 LYS 124 120 120 LYS LYS A . n 
A 1 125 SER 125 121 121 SER SER A . n 
A 1 126 ASP 126 122 122 ASP ASP A . n 
A 1 127 LEU 127 123 123 LEU LEU A . n 
A 1 128 ASP 128 124 124 ASP ASP A . n 
A 1 129 SER 129 125 125 SER SER A . n 
A 1 130 ARG 130 126 126 ARG ARG A . n 
A 1 131 ARG 131 127 127 ARG ARG A . n 
A 1 132 GLU 132 128 128 GLU GLU A . n 
A 1 133 VAL 133 129 129 VAL VAL A . n 
A 1 134 LYS 134 130 130 LYS LYS A . n 
A 1 135 LYS 135 131 131 LYS LYS A . n 
A 1 136 GLU 136 132 132 GLU GLU A . n 
A 1 137 GLU 137 133 133 GLU GLU A . n 
A 1 138 GLY 138 134 134 GLY GLY A . n 
A 1 139 GLU 139 135 135 GLU GLU A . n 
A 1 140 ALA 140 136 136 ALA ALA A . n 
A 1 141 PHE 141 137 137 PHE PHE A . n 
A 1 142 ALA 142 138 138 ALA ALA A . n 
A 1 143 ARG 143 139 139 ARG ARG A . n 
A 1 144 GLU 144 140 140 GLU GLU A . n 
A 1 145 HIS 145 141 141 HIS HIS A . n 
A 1 146 GLY 146 142 142 GLY GLY A . n 
A 1 147 LEU 147 143 143 LEU LEU A . n 
A 1 148 VAL 148 144 144 VAL VAL A . n 
A 1 149 PHE 149 145 145 PHE PHE A . n 
A 1 150 MET 150 146 146 MET MET A . n 
A 1 151 GLU 151 147 147 GLU GLU A . n 
A 1 152 THR 152 148 148 THR THR A . n 
A 1 153 SER 153 149 149 SER SER A . n 
A 1 154 ALA 154 150 150 ALA ALA A . n 
A 1 155 ARG 155 151 151 ARG ARG A . n 
A 1 156 THR 156 152 152 THR THR A . n 
A 1 157 ALA 157 153 153 ALA ALA A . n 
A 1 158 ALA 158 154 154 ALA ALA A . n 
A 1 159 ASN 159 155 155 ASN ASN A . n 
A 1 160 VAL 160 156 156 VAL VAL A . n 
A 1 161 GLU 161 157 157 GLU GLU A . n 
A 1 162 GLU 162 158 158 GLU GLU A . n 
A 1 163 ALA 163 159 159 ALA ALA A . n 
A 1 164 PHE 164 160 160 PHE PHE A . n 
A 1 165 ILE 165 161 161 ILE ILE A . n 
A 1 166 ASN 166 162 162 ASN ASN A . n 
A 1 167 THR 167 163 163 THR THR A . n 
A 1 168 ALA 168 164 164 ALA ALA A . n 
A 1 169 LYS 169 165 165 LYS LYS A . n 
A 1 170 GLU 170 166 166 GLU GLU A . n 
A 1 171 ILE 171 167 167 ILE ILE A . n 
A 1 172 TYR 172 168 168 TYR TYR A . n 
A 1 173 GLU 173 169 169 GLU GLU A . n 
A 1 174 LYS 174 170 170 LYS LYS A . n 
A 1 175 ILE 175 171 171 ILE ILE A . n 
A 1 176 GLN 176 172 172 GLN GLN A . n 
# 
loop_
_pdbx_nonpoly_scheme.asym_id 
_pdbx_nonpoly_scheme.entity_id 
_pdbx_nonpoly_scheme.mon_id 
_pdbx_nonpoly_scheme.ndb_seq_num 
_pdbx_nonpoly_scheme.pdb_seq_num 
_pdbx_nonpoly_scheme.auth_seq_num 
_pdbx_nonpoly_scheme.pdb_mon_id 
_pdbx_nonpoly_scheme.auth_mon_id 
_pdbx_nonpoly_scheme.pdb_strand_id 
_pdbx_nonpoly_scheme.pdb_ins_code 
B 2 GNP 1   201 200 GNP GNP A . 
C 3 MG  1   202 201 MG  MG  A . 
D 4 1PE 1   203 1   1PE 1PE A . 
E 4 1PE 1   204 2   1PE 1PE A . 
F 5 HOH 1   301 1   HOH HOH A . 
F 5 HOH 2   302 2   HOH HOH A . 
F 5 HOH 3   303 3   HOH HOH A . 
F 5 HOH 4   304 4   HOH HOH A . 
F 5 HOH 5   305 5   HOH HOH A . 
F 5 HOH 6   306 6   HOH HOH A . 
F 5 HOH 7   307 7   HOH HOH A . 
F 5 HOH 8   308 8   HOH HOH A . 
F 5 HOH 9   309 9   HOH HOH A . 
F 5 HOH 10  310 10  HOH HOH A . 
F 5 HOH 11  311 11  HOH HOH A . 
F 5 HOH 12  312 12  HOH HOH A . 
F 5 HOH 13  313 13  HOH HOH A . 
F 5 HOH 14  314 14  HOH HOH A . 
F 5 HOH 15  315 15  HOH HOH A . 
F 5 HOH 16  316 16  HOH HOH A . 
F 5 HOH 17  317 17  HOH HOH A . 
F 5 HOH 18  318 18  HOH HOH A . 
F 5 HOH 19  319 19  HOH HOH A . 
F 5 HOH 20  320 20  HOH HOH A . 
F 5 HOH 21  321 21  HOH HOH A . 
F 5 HOH 22  322 22  HOH HOH A . 
F 5 HOH 23  323 23  HOH HOH A . 
F 5 HOH 24  324 24  HOH HOH A . 
F 5 HOH 25  325 25  HOH HOH A . 
F 5 HOH 26  326 27  HOH HOH A . 
F 5 HOH 27  327 28  HOH HOH A . 
F 5 HOH 28  328 29  HOH HOH A . 
F 5 HOH 29  329 30  HOH HOH A . 
F 5 HOH 30  330 31  HOH HOH A . 
F 5 HOH 31  331 32  HOH HOH A . 
F 5 HOH 32  332 33  HOH HOH A . 
F 5 HOH 33  333 34  HOH HOH A . 
F 5 HOH 34  334 35  HOH HOH A . 
F 5 HOH 35  335 36  HOH HOH A . 
F 5 HOH 36  336 37  HOH HOH A . 
F 5 HOH 37  337 38  HOH HOH A . 
F 5 HOH 38  338 39  HOH HOH A . 
F 5 HOH 39  339 40  HOH HOH A . 
F 5 HOH 40  340 41  HOH HOH A . 
F 5 HOH 41  341 42  HOH HOH A . 
F 5 HOH 42  342 43  HOH HOH A . 
F 5 HOH 43  343 44  HOH HOH A . 
F 5 HOH 44  344 45  HOH HOH A . 
F 5 HOH 45  345 46  HOH HOH A . 
F 5 HOH 46  346 47  HOH HOH A . 
F 5 HOH 47  347 48  HOH HOH A . 
F 5 HOH 48  348 49  HOH HOH A . 
F 5 HOH 49  349 50  HOH HOH A . 
F 5 HOH 50  350 51  HOH HOH A . 
F 5 HOH 51  351 52  HOH HOH A . 
F 5 HOH 52  352 53  HOH HOH A . 
F 5 HOH 53  353 54  HOH HOH A . 
F 5 HOH 54  354 55  HOH HOH A . 
F 5 HOH 55  355 56  HOH HOH A . 
F 5 HOH 56  356 57  HOH HOH A . 
F 5 HOH 57  357 58  HOH HOH A . 
F 5 HOH 58  358 59  HOH HOH A . 
F 5 HOH 59  359 60  HOH HOH A . 
F 5 HOH 60  360 61  HOH HOH A . 
F 5 HOH 61  361 62  HOH HOH A . 
F 5 HOH 62  362 63  HOH HOH A . 
F 5 HOH 63  363 64  HOH HOH A . 
F 5 HOH 64  364 65  HOH HOH A . 
F 5 HOH 65  365 66  HOH HOH A . 
F 5 HOH 66  366 67  HOH HOH A . 
F 5 HOH 67  367 68  HOH HOH A . 
F 5 HOH 68  368 69  HOH HOH A . 
F 5 HOH 69  369 70  HOH HOH A . 
F 5 HOH 70  370 71  HOH HOH A . 
F 5 HOH 71  371 72  HOH HOH A . 
F 5 HOH 72  372 73  HOH HOH A . 
F 5 HOH 73  373 74  HOH HOH A . 
F 5 HOH 74  374 75  HOH HOH A . 
F 5 HOH 75  375 76  HOH HOH A . 
F 5 HOH 76  376 77  HOH HOH A . 
F 5 HOH 77  377 78  HOH HOH A . 
F 5 HOH 78  378 79  HOH HOH A . 
F 5 HOH 79  379 80  HOH HOH A . 
F 5 HOH 80  380 81  HOH HOH A . 
F 5 HOH 81  381 82  HOH HOH A . 
F 5 HOH 82  382 83  HOH HOH A . 
F 5 HOH 83  383 84  HOH HOH A . 
F 5 HOH 84  384 85  HOH HOH A . 
F 5 HOH 85  385 86  HOH HOH A . 
F 5 HOH 86  386 87  HOH HOH A . 
F 5 HOH 87  387 88  HOH HOH A . 
F 5 HOH 88  388 89  HOH HOH A . 
F 5 HOH 89  389 90  HOH HOH A . 
F 5 HOH 90  390 91  HOH HOH A . 
F 5 HOH 91  391 92  HOH HOH A . 
F 5 HOH 92  392 93  HOH HOH A . 
F 5 HOH 93  393 94  HOH HOH A . 
F 5 HOH 94  394 95  HOH HOH A . 
F 5 HOH 95  395 96  HOH HOH A . 
F 5 HOH 96  396 97  HOH HOH A . 
F 5 HOH 97  397 98  HOH HOH A . 
F 5 HOH 98  398 99  HOH HOH A . 
F 5 HOH 99  399 100 HOH HOH A . 
F 5 HOH 100 400 101 HOH HOH A . 
F 5 HOH 101 401 102 HOH HOH A . 
F 5 HOH 102 402 103 HOH HOH A . 
F 5 HOH 103 403 104 HOH HOH A . 
F 5 HOH 104 404 105 HOH HOH A . 
F 5 HOH 105 405 106 HOH HOH A . 
F 5 HOH 106 406 107 HOH HOH A . 
F 5 HOH 107 407 108 HOH HOH A . 
F 5 HOH 108 408 109 HOH HOH A . 
F 5 HOH 109 409 110 HOH HOH A . 
F 5 HOH 110 410 111 HOH HOH A . 
F 5 HOH 111 411 112 HOH HOH A . 
F 5 HOH 112 412 113 HOH HOH A . 
F 5 HOH 113 413 114 HOH HOH A . 
# 
loop_
_pdbx_unobs_or_zero_occ_atoms.id 
_pdbx_unobs_or_zero_occ_atoms.PDB_model_num 
_pdbx_unobs_or_zero_occ_atoms.polymer_flag 
_pdbx_unobs_or_zero_occ_atoms.occupancy_flag 
_pdbx_unobs_or_zero_occ_atoms.auth_asym_id 
_pdbx_unobs_or_zero_occ_atoms.auth_comp_id 
_pdbx_unobs_or_zero_occ_atoms.auth_seq_id 
_pdbx_unobs_or_zero_occ_atoms.PDB_ins_code 
_pdbx_unobs_or_zero_occ_atoms.auth_atom_id 
_pdbx_unobs_or_zero_occ_atoms.label_alt_id 
_pdbx_unobs_or_zero_occ_atoms.label_asym_id 
_pdbx_unobs_or_zero_occ_atoms.label_comp_id 
_pdbx_unobs_or_zero_occ_atoms.label_seq_id 
_pdbx_unobs_or_zero_occ_atoms.label_atom_id 
1  1 N 1 A 1PE 203 ? OH2 ? D 1PE 1 OH2 
2  1 N 1 A 1PE 203 ? C12 ? D 1PE 1 C12 
3  1 N 1 A 1PE 203 ? C22 ? D 1PE 1 C22 
4  1 N 1 A 1PE 203 ? OH3 ? D 1PE 1 OH3 
5  1 N 1 A 1PE 203 ? C13 ? D 1PE 1 C13 
6  1 N 1 A 1PE 203 ? C23 ? D 1PE 1 C23 
7  1 N 1 A 1PE 204 ? OH2 ? E 1PE 1 OH2 
8  1 N 1 A 1PE 204 ? C12 ? E 1PE 1 C12 
9  1 N 1 A 1PE 204 ? C22 ? E 1PE 1 C22 
10 1 N 1 A 1PE 204 ? OH3 ? E 1PE 1 OH3 
11 1 N 1 A 1PE 204 ? C13 ? E 1PE 1 C13 
12 1 N 1 A 1PE 204 ? C23 ? E 1PE 1 C23 
13 1 N 1 A 1PE 204 ? C16 ? E 1PE 1 C16 
14 1 N 1 A 1PE 204 ? C26 ? E 1PE 1 C26 
15 1 N 1 A 1PE 204 ? OH7 ? E 1PE 1 OH7 
# 
loop_
_software.name 
_software.classification 
_software.version 
_software.citation_id 
_software.pdbx_ordinal 
MAR345dtb 'data collection' .                           ? 1 
PHASER    phasing           .                           ? 2 
PHENIX    refinement        '(phenix.refine: 1.9_1692)' ? 3 
XDS       'data reduction'  .                           ? 4 
XSCALE    'data scaling'    .                           ? 5 
# 
_cell.entry_id           4RKE 
_cell.length_a           81.355 
_cell.length_b           81.355 
_cell.length_c           53.128 
_cell.angle_alpha        90.00 
_cell.angle_beta         90.00 
_cell.angle_gamma        120.00 
_cell.Z_PDB              6 
_cell.pdbx_unique_axis   ? 
_cell.length_a_esd       ? 
_cell.length_b_esd       ? 
_cell.length_c_esd       ? 
_cell.angle_alpha_esd    ? 
_cell.angle_beta_esd     ? 
_cell.angle_gamma_esd    ? 
# 
_symmetry.entry_id                         4RKE 
_symmetry.space_group_name_H-M             'P 31 2 1' 
_symmetry.pdbx_full_space_group_name_H-M   ? 
_symmetry.cell_setting                     ? 
_symmetry.Int_Tables_number                152 
_symmetry.space_group_name_Hall            ? 
# 
_exptl.entry_id          4RKE 
_exptl.method            'X-RAY DIFFRACTION' 
_exptl.crystals_number   1 
# 
_exptl_crystal.id                    1 
_exptl_crystal.density_meas          ? 
_exptl_crystal.density_Matthews      2.54 
_exptl_crystal.density_percent_sol   51.58 
_exptl_crystal.description           ? 
_exptl_crystal.F_000                 ? 
_exptl_crystal.preparation           ? 
# 
_exptl_crystal_grow.crystal_id      1 
_exptl_crystal_grow.method          'VAPOR DIFFUSION, SITTING DROP' 
_exptl_crystal_grow.temp            291 
_exptl_crystal_grow.temp_details    ? 
_exptl_crystal_grow.pH              4.6 
_exptl_crystal_grow.pdbx_pH_range   ? 
_exptl_crystal_grow.pdbx_details    
'34% (v/v) polyethylene glycol 400; 200 mM Na acetate at pH 4.6, VAPOR DIFFUSION, SITTING DROP, temperature 291K' 
# 
_diffrn.id                     1 
_diffrn.ambient_temp           100 
_diffrn.ambient_temp_details   ? 
_diffrn.crystal_id             1 
# 
_diffrn_detector.diffrn_id              1 
_diffrn_detector.detector               CCD 
_diffrn_detector.type                   'RAYONIX MX-225' 
_diffrn_detector.pdbx_collection_date   2014-04-24 
_diffrn_detector.details                MIRROR 
# 
_diffrn_radiation.diffrn_id                        1 
_diffrn_radiation.wavelength_id                    1 
_diffrn_radiation.pdbx_monochromatic_or_laue_m_l   M 
_diffrn_radiation.monochromator                    'DOUBLE CRYSTAL' 
_diffrn_radiation.pdbx_diffrn_protocol             'SINGLE WAVELENGTH' 
_diffrn_radiation.pdbx_scattering_type             x-ray 
# 
_diffrn_radiation_wavelength.id           1 
_diffrn_radiation_wavelength.wavelength   0.895 
_diffrn_radiation_wavelength.wt           1.0 
# 
_diffrn_source.diffrn_id                   1 
_diffrn_source.source                      SYNCHROTRON 
_diffrn_source.type                        'BESSY BEAMLINE 14.3' 
_diffrn_source.pdbx_synchrotron_site       BESSY 
_diffrn_source.pdbx_synchrotron_beamline   14.3 
_diffrn_source.pdbx_wavelength             ? 
_diffrn_source.pdbx_wavelength_list        0.895 
# 
_reflns.pdbx_diffrn_id               1 
_reflns.pdbx_ordinal                 1 
_reflns.entry_id                     4RKE 
_reflns.observed_criterion_sigma_I   -3.0 
_reflns.observed_criterion_sigma_F   ? 
_reflns.d_resolution_low             50.00 
_reflns.d_resolution_high            2.00 
_reflns.number_obs                   13981 
_reflns.number_all                   ? 
_reflns.percent_possible_obs         99.8 
_reflns.pdbx_Rmerge_I_obs            ? 
_reflns.pdbx_Rsym_value              ? 
_reflns.pdbx_netI_over_sigmaI        ? 
_reflns.B_iso_Wilson_estimate        25.7 
_reflns.pdbx_redundancy              5.0 
_reflns.R_free_details               ? 
_reflns.limit_h_max                  ? 
_reflns.limit_h_min                  ? 
_reflns.limit_k_max                  ? 
_reflns.limit_k_min                  ? 
_reflns.limit_l_max                  ? 
_reflns.limit_l_min                  ? 
_reflns.observed_criterion_F_max     ? 
_reflns.observed_criterion_F_min     ? 
_reflns.pdbx_chi_squared             ? 
_reflns.pdbx_scaling_rejects         ? 
# 
_reflns_shell.pdbx_diffrn_id         1 
_reflns_shell.pdbx_ordinal           1 
_reflns_shell.d_res_high             2.00 
_reflns_shell.d_res_low              2.12 
_reflns_shell.percent_possible_all   99.2 
_reflns_shell.Rmerge_I_obs           ? 
_reflns_shell.pdbx_Rsym_value        ? 
_reflns_shell.meanI_over_sigI_obs    1.8 
_reflns_shell.pdbx_redundancy        5.0 
_reflns_shell.percent_possible_obs   ? 
_reflns_shell.number_unique_all      ? 
_reflns_shell.number_measured_all    ? 
_reflns_shell.number_measured_obs    ? 
_reflns_shell.number_unique_obs      ? 
_reflns_shell.pdbx_chi_squared       ? 
# 
_refine.pdbx_refine_id                           'X-RAY DIFFRACTION' 
_refine.entry_id                                 4RKE 
_refine.pdbx_diffrn_id                           1 
_refine.pdbx_TLS_residual_ADP_flag               ? 
_refine.ls_number_reflns_obs                     13966 
_refine.ls_number_reflns_all                     ? 
_refine.pdbx_ls_sigma_I                          ? 
_refine.pdbx_ls_sigma_F                          1.36 
_refine.pdbx_data_cutoff_high_absF               ? 
_refine.pdbx_data_cutoff_low_absF                ? 
_refine.pdbx_data_cutoff_high_rms_absF           ? 
_refine.ls_d_res_low                             42.419 
_refine.ls_d_res_high                            2.0006 
_refine.ls_percent_reflns_obs                    99.66 
_refine.ls_R_factor_obs                          0.1697 
_refine.ls_R_factor_all                          ? 
_refine.ls_R_factor_R_work                       0.1668 
_refine.ls_R_factor_R_free                       0.2244 
_refine.ls_R_factor_R_free_error                 ? 
_refine.ls_R_factor_R_free_error_details         ? 
_refine.ls_percent_reflns_R_free                 5.01 
_refine.ls_number_reflns_R_free                  699 
_refine.ls_number_parameters                     ? 
_refine.ls_number_restraints                     ? 
_refine.occupancy_min                            ? 
_refine.occupancy_max                            ? 
_refine.correlation_coeff_Fo_to_Fc               ? 
_refine.correlation_coeff_Fo_to_Fc_free          ? 
_refine.B_iso_mean                               ? 
_refine.aniso_B[1][1]                            ? 
_refine.aniso_B[2][2]                            ? 
_refine.aniso_B[3][3]                            ? 
_refine.aniso_B[1][2]                            ? 
_refine.aniso_B[1][3]                            ? 
_refine.aniso_B[2][3]                            ? 
_refine.solvent_model_details                    'FLAT BULK SOLVENT MODEL' 
_refine.solvent_model_param_ksol                 ? 
_refine.solvent_model_param_bsol                 ? 
_refine.pdbx_solvent_vdw_probe_radii             1.11 
_refine.pdbx_solvent_ion_probe_radii             ? 
_refine.pdbx_solvent_shrinkage_radii             0.90 
_refine.pdbx_ls_cross_valid_method               ? 
_refine.details                                  ? 
_refine.pdbx_starting_model                      ? 
_refine.pdbx_method_to_determine_struct          'MOLECULAR REPLACEMENT' 
_refine.pdbx_isotropic_thermal_model             ? 
_refine.pdbx_stereochemistry_target_values       ML 
_refine.pdbx_stereochem_target_val_spec_case     ? 
_refine.pdbx_R_Free_selection_details            ? 
_refine.pdbx_overall_ESU_R                       ? 
_refine.pdbx_overall_ESU_R_Free                  ? 
_refine.overall_SU_ML                            0.19 
_refine.pdbx_overall_phase_error                 22.08 
_refine.overall_SU_B                             ? 
_refine.overall_SU_R_Cruickshank_DPI             ? 
_refine.pdbx_overall_SU_R_free_Cruickshank_DPI   ? 
_refine.pdbx_overall_SU_R_Blow_DPI               ? 
_refine.pdbx_overall_SU_R_free_Blow_DPI          ? 
_refine.ls_redundancy_reflns_obs                 ? 
_refine.B_iso_min                                ? 
_refine.B_iso_max                                ? 
_refine.overall_SU_R_free                        ? 
_refine.ls_wR_factor_R_free                      ? 
_refine.ls_wR_factor_R_work                      ? 
_refine.overall_FOM_free_R_set                   ? 
_refine.overall_FOM_work_R_set                   ? 
# 
_refine_hist.pdbx_refine_id                   'X-RAY DIFFRACTION' 
_refine_hist.cycle_id                         LAST 
_refine_hist.pdbx_number_atoms_protein        1404 
_refine_hist.pdbx_number_atoms_nucleic_acid   0 
_refine_hist.pdbx_number_atoms_ligand         50 
_refine_hist.number_atoms_solvent             113 
_refine_hist.number_atoms_total               1567 
_refine_hist.d_res_high                       2.0006 
_refine_hist.d_res_low                        42.419 
# 
loop_
_refine_ls_restr.type 
_refine_ls_restr.dev_ideal 
_refine_ls_restr.dev_ideal_target 
_refine_ls_restr.weight 
_refine_ls_restr.number 
_refine_ls_restr.pdbx_refine_id 
_refine_ls_restr.pdbx_restraint_function 
f_bond_d           0.008  ? ? 1492 'X-RAY DIFFRACTION' ? 
f_angle_d          1.103  ? ? 2014 'X-RAY DIFFRACTION' ? 
f_dihedral_angle_d 16.941 ? ? 560  'X-RAY DIFFRACTION' ? 
f_chiral_restr     0.046  ? ? 221  'X-RAY DIFFRACTION' ? 
f_plane_restr      0.003  ? ? 250  'X-RAY DIFFRACTION' ? 
# 
loop_
_refine_ls_shell.pdbx_refine_id 
_refine_ls_shell.pdbx_total_number_of_bins_used 
_refine_ls_shell.d_res_high 
_refine_ls_shell.d_res_low 
_refine_ls_shell.number_reflns_R_work 
_refine_ls_shell.R_factor_R_work 
_refine_ls_shell.percent_reflns_obs 
_refine_ls_shell.R_factor_R_free 
_refine_ls_shell.R_factor_R_free_error 
_refine_ls_shell.percent_reflns_R_free 
_refine_ls_shell.number_reflns_R_free 
_refine_ls_shell.number_reflns_all 
_refine_ls_shell.R_factor_all 
_refine_ls_shell.redundancy_reflns_obs 
_refine_ls_shell.number_reflns_obs 
'X-RAY DIFFRACTION' . 2.0006 2.1551  2602 0.2207 99.00  0.2939 . . 137 . . . . 
'X-RAY DIFFRACTION' . 2.1551 2.3719  2615 0.1993 100.00 0.2613 . . 137 . . . . 
'X-RAY DIFFRACTION' . 2.3719 2.7151  2647 0.1815 100.00 0.2237 . . 140 . . . . 
'X-RAY DIFFRACTION' . 2.7151 3.4205  2655 0.1634 100.00 0.2414 . . 139 . . . . 
'X-RAY DIFFRACTION' . 3.4205 42.4290 2748 0.1373 99.00  0.1818 . . 146 . . . . 
# 
_struct.entry_id                  4RKE 
_struct.title                     'Drosophila melanogaster Rab2 bound to GMPPNP' 
_struct.pdbx_model_details        ? 
_struct.pdbx_CASP_flag            ? 
_struct.pdbx_model_type_details   ? 
# 
_struct_keywords.entry_id        4RKE 
_struct_keywords.pdbx_keywords   HYDROLASE 
_struct_keywords.text            'GTP hydrolysis, hydrolase' 
# 
loop_
_struct_asym.id 
_struct_asym.pdbx_blank_PDB_chainid_flag 
_struct_asym.pdbx_modified 
_struct_asym.entity_id 
_struct_asym.details 
A N N 1 ? 
B N N 2 ? 
C N N 3 ? 
D N N 4 ? 
E N N 4 ? 
F N N 5 ? 
# 
_struct_ref.id                         1 
_struct_ref.db_name                    UNP 
_struct_ref.db_code                    O18333_DROME 
_struct_ref.pdbx_db_accession          O18333 
_struct_ref.entity_id                  1 
_struct_ref.pdbx_seq_one_letter_code   
;MSYAYLFKYIIIGDTGVGKSCLLLQFTDKRFQPVHDLTIGVEFGARMITIDGKQIKLQIWDTAGQEAFRSITRSYYRGAA
GALLVYDITRRETFNHLTTWLEDARQHSNSNMVIMLIGNKSDLDSRREVKKEEGEAFAREHGLVFMETSARTAANVEEAF
INTAKEIYEKIQ
;
_struct_ref.pdbx_align_begin           1 
_struct_ref.pdbx_db_isoform            ? 
# 
_struct_ref_seq.align_id                      1 
_struct_ref_seq.ref_id                        1 
_struct_ref_seq.pdbx_PDB_id_code              4RKE 
_struct_ref_seq.pdbx_strand_id                A 
_struct_ref_seq.seq_align_beg                 5 
_struct_ref_seq.pdbx_seq_align_beg_ins_code   ? 
_struct_ref_seq.seq_align_end                 176 
_struct_ref_seq.pdbx_seq_align_end_ins_code   ? 
_struct_ref_seq.pdbx_db_accession             O18333 
_struct_ref_seq.db_align_beg                  1 
_struct_ref_seq.pdbx_db_align_beg_ins_code    ? 
_struct_ref_seq.db_align_end                  172 
_struct_ref_seq.pdbx_db_align_end_ins_code    ? 
_struct_ref_seq.pdbx_auth_seq_align_beg       1 
_struct_ref_seq.pdbx_auth_seq_align_end       172 
# 
loop_
_struct_ref_seq_dif.align_id 
_struct_ref_seq_dif.pdbx_pdb_id_code 
_struct_ref_seq_dif.mon_id 
_struct_ref_seq_dif.pdbx_pdb_strand_id 
_struct_ref_seq_dif.seq_num 
_struct_ref_seq_dif.pdbx_pdb_ins_code 
_struct_ref_seq_dif.pdbx_seq_db_name 
_struct_ref_seq_dif.pdbx_seq_db_accession_code 
_struct_ref_seq_dif.db_mon_id 
_struct_ref_seq_dif.pdbx_seq_db_seq_num 
_struct_ref_seq_dif.details 
_struct_ref_seq_dif.pdbx_auth_seq_num 
_struct_ref_seq_dif.pdbx_ordinal 
1 4RKE GLY A 1  ? UNP O18333 ?   ?  'expression tag'      -3 1 
1 4RKE ALA A 2  ? UNP O18333 ?   ?  'expression tag'      -2 2 
1 4RKE MET A 3  ? UNP O18333 ?   ?  'expression tag'      -1 3 
1 4RKE GLY A 4  ? UNP O18333 ?   ?  'expression tag'      0  4 
1 4RKE LEU A 69 ? UNP O18333 GLN 65 'engineered mutation' 65 5 
# 
_pdbx_struct_assembly.id                   1 
_pdbx_struct_assembly.details              author_and_software_defined_assembly 
_pdbx_struct_assembly.method_details       PISA 
_pdbx_struct_assembly.oligomeric_details   monomeric 
_pdbx_struct_assembly.oligomeric_count     1 
# 
_pdbx_struct_assembly_gen.assembly_id       1 
_pdbx_struct_assembly_gen.oper_expression   1 
_pdbx_struct_assembly_gen.asym_id_list      A,B,C,D,E,F 
# 
_pdbx_struct_oper_list.id                   1 
_pdbx_struct_oper_list.type                 'identity operation' 
_pdbx_struct_oper_list.name                 1_555 
_pdbx_struct_oper_list.symmetry_operation   x,y,z 
_pdbx_struct_oper_list.matrix[1][1]         1.0000000000 
_pdbx_struct_oper_list.matrix[1][2]         0.0000000000 
_pdbx_struct_oper_list.matrix[1][3]         0.0000000000 
_pdbx_struct_oper_list.vector[1]            0.0000000000 
_pdbx_struct_oper_list.matrix[2][1]         0.0000000000 
_pdbx_struct_oper_list.matrix[2][2]         1.0000000000 
_pdbx_struct_oper_list.matrix[2][3]         0.0000000000 
_pdbx_struct_oper_list.vector[2]            0.0000000000 
_pdbx_struct_oper_list.matrix[3][1]         0.0000000000 
_pdbx_struct_oper_list.matrix[3][2]         0.0000000000 
_pdbx_struct_oper_list.matrix[3][3]         1.0000000000 
_pdbx_struct_oper_list.vector[3]            0.0000000000 
# 
_struct_biol.id        1 
_struct_biol.details   ? 
# 
loop_
_struct_conf.conf_type_id 
_struct_conf.id 
_struct_conf.pdbx_PDB_helix_id 
_struct_conf.beg_label_comp_id 
_struct_conf.beg_label_asym_id 
_struct_conf.beg_label_seq_id 
_struct_conf.pdbx_beg_PDB_ins_code 
_struct_conf.end_label_comp_id 
_struct_conf.end_label_asym_id 
_struct_conf.end_label_seq_id 
_struct_conf.pdbx_end_PDB_ins_code 
_struct_conf.beg_auth_comp_id 
_struct_conf.beg_auth_asym_id 
_struct_conf.beg_auth_seq_id 
_struct_conf.end_auth_comp_id 
_struct_conf.end_auth_asym_id 
_struct_conf.end_auth_seq_id 
_struct_conf.pdbx_PDB_helix_class 
_struct_conf.details 
_struct_conf.pdbx_PDB_helix_length 
HELX_P HELX_P1 1 GLY A 22  ? LYS A 33  ? GLY A 18  LYS A 29  1 ? 12 
HELX_P HELX_P2 2 ARG A 77  ? ARG A 81  ? ARG A 73  ARG A 77  5 ? 5  
HELX_P HELX_P3 3 ARG A 94  ? HIS A 100 ? ARG A 90  HIS A 96  1 ? 7  
HELX_P HELX_P4 4 HIS A 100 ? HIS A 111 ? HIS A 96  HIS A 107 1 ? 12 
HELX_P HELX_P5 5 LEU A 127 ? ARG A 131 ? LEU A 123 ARG A 127 5 ? 5  
HELX_P HELX_P6 6 LYS A 134 ? GLY A 146 ? LYS A 130 GLY A 142 1 ? 13 
HELX_P HELX_P7 7 ASN A 159 ? GLN A 176 ? ASN A 155 GLN A 172 1 ? 18 
# 
_struct_conf_type.id          HELX_P 
_struct_conf_type.criteria    ? 
_struct_conf_type.reference   ? 
# 
loop_
_struct_conn.id 
_struct_conn.conn_type_id 
_struct_conn.pdbx_leaving_atom_flag 
_struct_conn.pdbx_PDB_id 
_struct_conn.ptnr1_label_asym_id 
_struct_conn.ptnr1_label_comp_id 
_struct_conn.ptnr1_label_seq_id 
_struct_conn.ptnr1_label_atom_id 
_struct_conn.pdbx_ptnr1_label_alt_id 
_struct_conn.pdbx_ptnr1_PDB_ins_code 
_struct_conn.pdbx_ptnr1_standard_comp_id 
_struct_conn.ptnr1_symmetry 
_struct_conn.ptnr2_label_asym_id 
_struct_conn.ptnr2_label_comp_id 
_struct_conn.ptnr2_label_seq_id 
_struct_conn.ptnr2_label_atom_id 
_struct_conn.pdbx_ptnr2_label_alt_id 
_struct_conn.pdbx_ptnr2_PDB_ins_code 
_struct_conn.ptnr1_auth_asym_id 
_struct_conn.ptnr1_auth_comp_id 
_struct_conn.ptnr1_auth_seq_id 
_struct_conn.ptnr2_auth_asym_id 
_struct_conn.ptnr2_auth_comp_id 
_struct_conn.ptnr2_auth_seq_id 
_struct_conn.ptnr2_symmetry 
_struct_conn.pdbx_ptnr3_label_atom_id 
_struct_conn.pdbx_ptnr3_label_seq_id 
_struct_conn.pdbx_ptnr3_label_comp_id 
_struct_conn.pdbx_ptnr3_label_asym_id 
_struct_conn.pdbx_ptnr3_label_alt_id 
_struct_conn.pdbx_ptnr3_PDB_ins_code 
_struct_conn.details 
_struct_conn.pdbx_dist_value 
_struct_conn.pdbx_value_order 
_struct_conn.pdbx_role 
metalc1 metalc ? ? A SER 24 OG  ? ? ? 1_555 C MG  . MG ? ? A SER 20  A MG  202 1_555 ? ? ? ? ? ? ? 2.148 ? ? 
metalc2 metalc ? ? A THR 42 OG1 ? ? ? 1_555 C MG  . MG ? ? A THR 38  A MG  202 1_555 ? ? ? ? ? ? ? 2.074 ? ? 
metalc3 metalc ? ? B GNP .  O2G ? ? ? 1_555 C MG  . MG ? ? A GNP 201 A MG  202 1_555 ? ? ? ? ? ? ? 1.875 ? ? 
metalc4 metalc ? ? B GNP .  O2B ? ? ? 1_555 C MG  . MG ? ? A GNP 201 A MG  202 1_555 ? ? ? ? ? ? ? 2.042 ? ? 
metalc5 metalc ? ? C MG  .  MG  ? ? ? 1_555 F HOH . O  ? ? A MG  202 A HOH 301 1_555 ? ? ? ? ? ? ? 2.161 ? ? 
metalc6 metalc ? ? C MG  .  MG  ? ? ? 1_555 F HOH . O  ? ? A MG  202 A HOH 302 1_555 ? ? ? ? ? ? ? 2.259 ? ? 
# 
_struct_conn_type.id          metalc 
_struct_conn_type.criteria    ? 
_struct_conn_type.reference   ? 
# 
loop_
_pdbx_struct_conn_angle.id 
_pdbx_struct_conn_angle.ptnr1_label_atom_id 
_pdbx_struct_conn_angle.ptnr1_label_alt_id 
_pdbx_struct_conn_angle.ptnr1_label_asym_id 
_pdbx_struct_conn_angle.ptnr1_label_comp_id 
_pdbx_struct_conn_angle.ptnr1_label_seq_id 
_pdbx_struct_conn_angle.ptnr1_auth_atom_id 
_pdbx_struct_conn_angle.ptnr1_auth_asym_id 
_pdbx_struct_conn_angle.ptnr1_auth_comp_id 
_pdbx_struct_conn_angle.ptnr1_auth_seq_id 
_pdbx_struct_conn_angle.ptnr1_PDB_ins_code 
_pdbx_struct_conn_angle.ptnr1_symmetry 
_pdbx_struct_conn_angle.ptnr2_label_atom_id 
_pdbx_struct_conn_angle.ptnr2_label_alt_id 
_pdbx_struct_conn_angle.ptnr2_label_asym_id 
_pdbx_struct_conn_angle.ptnr2_label_comp_id 
_pdbx_struct_conn_angle.ptnr2_label_seq_id 
_pdbx_struct_conn_angle.ptnr2_auth_atom_id 
_pdbx_struct_conn_angle.ptnr2_auth_asym_id 
_pdbx_struct_conn_angle.ptnr2_auth_comp_id 
_pdbx_struct_conn_angle.ptnr2_auth_seq_id 
_pdbx_struct_conn_angle.ptnr2_PDB_ins_code 
_pdbx_struct_conn_angle.ptnr2_symmetry 
_pdbx_struct_conn_angle.ptnr3_label_atom_id 
_pdbx_struct_conn_angle.ptnr3_label_alt_id 
_pdbx_struct_conn_angle.ptnr3_label_asym_id 
_pdbx_struct_conn_angle.ptnr3_label_comp_id 
_pdbx_struct_conn_angle.ptnr3_label_seq_id 
_pdbx_struct_conn_angle.ptnr3_auth_atom_id 
_pdbx_struct_conn_angle.ptnr3_auth_asym_id 
_pdbx_struct_conn_angle.ptnr3_auth_comp_id 
_pdbx_struct_conn_angle.ptnr3_auth_seq_id 
_pdbx_struct_conn_angle.ptnr3_PDB_ins_code 
_pdbx_struct_conn_angle.ptnr3_symmetry 
_pdbx_struct_conn_angle.value 
_pdbx_struct_conn_angle.value_esd 
1  OG  ? A SER 24 ? A SER 20  ? 1_555 MG ? C MG . ? A MG 202 ? 1_555 OG1 ? A THR 42 ? A THR 38  ? 1_555 88.6  ? 
2  OG  ? A SER 24 ? A SER 20  ? 1_555 MG ? C MG . ? A MG 202 ? 1_555 O2G ? B GNP .  ? A GNP 201 ? 1_555 169.8 ? 
3  OG1 ? A THR 42 ? A THR 38  ? 1_555 MG ? C MG . ? A MG 202 ? 1_555 O2G ? B GNP .  ? A GNP 201 ? 1_555 84.7  ? 
4  OG  ? A SER 24 ? A SER 20  ? 1_555 MG ? C MG . ? A MG 202 ? 1_555 O2B ? B GNP .  ? A GNP 201 ? 1_555 91.5  ? 
5  OG1 ? A THR 42 ? A THR 38  ? 1_555 MG ? C MG . ? A MG 202 ? 1_555 O2B ? B GNP .  ? A GNP 201 ? 1_555 179.0 ? 
6  O2G ? B GNP .  ? A GNP 201 ? 1_555 MG ? C MG . ? A MG 202 ? 1_555 O2B ? B GNP .  ? A GNP 201 ? 1_555 95.3  ? 
7  OG  ? A SER 24 ? A SER 20  ? 1_555 MG ? C MG . ? A MG 202 ? 1_555 O   ? F HOH .  ? A HOH 301 ? 1_555 88.1  ? 
8  OG1 ? A THR 42 ? A THR 38  ? 1_555 MG ? C MG . ? A MG 202 ? 1_555 O   ? F HOH .  ? A HOH 301 ? 1_555 86.2  ? 
9  O2G ? B GNP .  ? A GNP 201 ? 1_555 MG ? C MG . ? A MG 202 ? 1_555 O   ? F HOH .  ? A HOH 301 ? 1_555 99.1  ? 
10 O2B ? B GNP .  ? A GNP 201 ? 1_555 MG ? C MG . ? A MG 202 ? 1_555 O   ? F HOH .  ? A HOH 301 ? 1_555 92.9  ? 
11 OG  ? A SER 24 ? A SER 20  ? 1_555 MG ? C MG . ? A MG 202 ? 1_555 O   ? F HOH .  ? A HOH 302 ? 1_555 81.8  ? 
12 OG1 ? A THR 42 ? A THR 38  ? 1_555 MG ? C MG . ? A MG 202 ? 1_555 O   ? F HOH .  ? A HOH 302 ? 1_555 95.5  ? 
13 O2G ? B GNP .  ? A GNP 201 ? 1_555 MG ? C MG . ? A MG 202 ? 1_555 O   ? F HOH .  ? A HOH 302 ? 1_555 91.2  ? 
14 O2B ? B GNP .  ? A GNP 201 ? 1_555 MG ? C MG . ? A MG 202 ? 1_555 O   ? F HOH .  ? A HOH 302 ? 1_555 85.5  ? 
15 O   ? F HOH .  ? A HOH 301 ? 1_555 MG ? C MG . ? A MG 202 ? 1_555 O   ? F HOH .  ? A HOH 302 ? 1_555 169.7 ? 
# 
_struct_sheet.id               A 
_struct_sheet.type             ? 
_struct_sheet.number_strands   6 
_struct_sheet.details          ? 
# 
loop_
_struct_sheet_order.sheet_id 
_struct_sheet_order.range_id_1 
_struct_sheet_order.range_id_2 
_struct_sheet_order.offset 
_struct_sheet_order.sense 
A 1 2 ? anti-parallel 
A 2 3 ? parallel      
A 3 4 ? parallel      
A 4 5 ? parallel      
A 5 6 ? parallel      
# 
loop_
_struct_sheet_range.sheet_id 
_struct_sheet_range.id 
_struct_sheet_range.beg_label_comp_id 
_struct_sheet_range.beg_label_asym_id 
_struct_sheet_range.beg_label_seq_id 
_struct_sheet_range.pdbx_beg_PDB_ins_code 
_struct_sheet_range.end_label_comp_id 
_struct_sheet_range.end_label_asym_id 
_struct_sheet_range.end_label_seq_id 
_struct_sheet_range.pdbx_end_PDB_ins_code 
_struct_sheet_range.beg_auth_comp_id 
_struct_sheet_range.beg_auth_asym_id 
_struct_sheet_range.beg_auth_seq_id 
_struct_sheet_range.end_auth_comp_id 
_struct_sheet_range.end_auth_asym_id 
_struct_sheet_range.end_auth_seq_id 
A 1 GLU A 46  ? ILE A 54  ? GLU A 42  ILE A 50  
A 2 LYS A 57  ? ASP A 65  ? LYS A 53  ASP A 61  
A 3 TYR A 9   ? GLY A 17  ? TYR A 5   GLY A 13  
A 4 GLY A 85  ? ASP A 91  ? GLY A 81  ASP A 87  
A 5 VAL A 117 ? ASN A 123 ? VAL A 113 ASN A 119 
A 6 VAL A 148 ? THR A 152 ? VAL A 144 THR A 148 
# 
loop_
_pdbx_struct_sheet_hbond.sheet_id 
_pdbx_struct_sheet_hbond.range_id_1 
_pdbx_struct_sheet_hbond.range_id_2 
_pdbx_struct_sheet_hbond.range_1_label_atom_id 
_pdbx_struct_sheet_hbond.range_1_label_comp_id 
_pdbx_struct_sheet_hbond.range_1_label_asym_id 
_pdbx_struct_sheet_hbond.range_1_label_seq_id 
_pdbx_struct_sheet_hbond.range_1_PDB_ins_code 
_pdbx_struct_sheet_hbond.range_1_auth_atom_id 
_pdbx_struct_sheet_hbond.range_1_auth_comp_id 
_pdbx_struct_sheet_hbond.range_1_auth_asym_id 
_pdbx_struct_sheet_hbond.range_1_auth_seq_id 
_pdbx_struct_sheet_hbond.range_2_label_atom_id 
_pdbx_struct_sheet_hbond.range_2_label_comp_id 
_pdbx_struct_sheet_hbond.range_2_label_asym_id 
_pdbx_struct_sheet_hbond.range_2_label_seq_id 
_pdbx_struct_sheet_hbond.range_2_PDB_ins_code 
_pdbx_struct_sheet_hbond.range_2_auth_atom_id 
_pdbx_struct_sheet_hbond.range_2_auth_comp_id 
_pdbx_struct_sheet_hbond.range_2_auth_asym_id 
_pdbx_struct_sheet_hbond.range_2_auth_seq_id 
A 1 2 N ARG A 50  ? N ARG A 46  O LEU A 61  ? O LEU A 57  
A 2 3 O GLN A 62  ? O GLN A 58  N TYR A 13  ? N TYR A 9   
A 3 4 N ILE A 14  ? N ILE A 10  O LEU A 87  ? O LEU A 83  
A 4 5 N ALA A 86  ? N ALA A 82  O MET A 119 ? O MET A 115 
A 5 6 N LEU A 120 ? N LEU A 116 O VAL A 148 ? O VAL A 144 
# 
loop_
_struct_site.id 
_struct_site.pdbx_evidence_code 
_struct_site.pdbx_auth_asym_id 
_struct_site.pdbx_auth_comp_id 
_struct_site.pdbx_auth_seq_id 
_struct_site.pdbx_auth_ins_code 
_struct_site.pdbx_num_residues 
_struct_site.details 
AC1 Software A GNP 201 ? 26 'BINDING SITE FOR RESIDUE GNP A 201' 
AC2 Software A MG  202 ? 6  'BINDING SITE FOR RESIDUE MG A 202'  
AC3 Software A 1PE 203 ? 2  'BINDING SITE FOR RESIDUE 1PE A 203' 
AC4 Software A 1PE 204 ? 5  'BINDING SITE FOR RESIDUE 1PE A 204' 
# 
loop_
_struct_site_gen.id 
_struct_site_gen.site_id 
_struct_site_gen.pdbx_num_res 
_struct_site_gen.label_comp_id 
_struct_site_gen.label_asym_id 
_struct_site_gen.label_seq_id 
_struct_site_gen.pdbx_auth_ins_code 
_struct_site_gen.auth_comp_id 
_struct_site_gen.auth_asym_id 
_struct_site_gen.auth_seq_id 
_struct_site_gen.label_atom_id 
_struct_site_gen.label_alt_id 
_struct_site_gen.symmetry 
_struct_site_gen.details 
1  AC1 26 THR A 19  ? THR A 15  . ? 1_555 ? 
2  AC1 26 GLY A 20  ? GLY A 16  . ? 1_555 ? 
3  AC1 26 VAL A 21  ? VAL A 17  . ? 1_555 ? 
4  AC1 26 GLY A 22  ? GLY A 18  . ? 1_555 ? 
5  AC1 26 LYS A 23  ? LYS A 19  . ? 1_555 ? 
6  AC1 26 SER A 24  ? SER A 20  . ? 1_555 ? 
7  AC1 26 CYS A 25  ? CYS A 21  . ? 1_555 ? 
8  AC1 26 PHE A 35  ? PHE A 31  . ? 1_555 ? 
9  AC1 26 GLN A 36  ? GLN A 32  . ? 1_555 ? 
10 AC1 26 PRO A 37  ? PRO A 33  . ? 1_555 ? 
11 AC1 26 VAL A 38  ? VAL A 34  . ? 1_555 ? 
12 AC1 26 HIS A 39  ? HIS A 35  . ? 1_555 ? 
13 AC1 26 THR A 42  ? THR A 38  . ? 1_555 ? 
14 AC1 26 GLY A 68  ? GLY A 64  . ? 1_555 ? 
15 AC1 26 ASN A 123 ? ASN A 119 . ? 1_555 ? 
16 AC1 26 LYS A 124 ? LYS A 120 . ? 1_555 ? 
17 AC1 26 ASP A 126 ? ASP A 122 . ? 1_555 ? 
18 AC1 26 LEU A 127 ? LEU A 123 . ? 1_555 ? 
19 AC1 26 SER A 153 ? SER A 149 . ? 1_555 ? 
20 AC1 26 ALA A 154 ? ALA A 150 . ? 1_555 ? 
21 AC1 26 ARG A 155 ? ARG A 151 . ? 1_555 ? 
22 AC1 26 MG  C .   ? MG  A 202 . ? 1_555 ? 
23 AC1 26 HOH F .   ? HOH A 301 . ? 1_555 ? 
24 AC1 26 HOH F .   ? HOH A 302 . ? 1_555 ? 
25 AC1 26 HOH F .   ? HOH A 311 . ? 1_555 ? 
26 AC1 26 HOH F .   ? HOH A 320 . ? 1_555 ? 
27 AC2 6  SER A 24  ? SER A 20  . ? 1_555 ? 
28 AC2 6  THR A 42  ? THR A 38  . ? 1_555 ? 
29 AC2 6  ARG A 81  ? ARG A 77  . ? 2_655 ? 
30 AC2 6  GNP B .   ? GNP A 201 . ? 1_555 ? 
31 AC2 6  HOH F .   ? HOH A 301 . ? 1_555 ? 
32 AC2 6  HOH F .   ? HOH A 302 . ? 1_555 ? 
33 AC3 2  GLU A 139 ? GLU A 135 . ? 1_555 ? 
34 AC3 2  LEU A 147 ? LEU A 143 . ? 1_555 ? 
35 AC4 5  ARG A 73  ? ARG A 69  . ? 1_555 ? 
36 AC4 5  THR A 103 ? THR A 99  . ? 1_555 ? 
37 AC4 5  ASP A 107 ? ASP A 103 . ? 1_555 ? 
38 AC4 5  HOH F .   ? HOH A 350 . ? 1_555 ? 
39 AC4 5  HOH F .   ? HOH A 413 . ? 1_555 ? 
# 
loop_
_pdbx_validate_torsion.id 
_pdbx_validate_torsion.PDB_model_num 
_pdbx_validate_torsion.auth_comp_id 
_pdbx_validate_torsion.auth_asym_id 
_pdbx_validate_torsion.auth_seq_id 
_pdbx_validate_torsion.PDB_ins_code 
_pdbx_validate_torsion.label_alt_id 
_pdbx_validate_torsion.phi 
_pdbx_validate_torsion.psi 
1 1 MET A 1   ? ? -127.30 -68.83 
2 1 ILE A 39  ? ? -117.71 -74.01 
3 1 ARG A 73  ? ? -95.57  32.93  
4 1 LYS A 120 ? ? 72.47   40.05  
5 1 LEU A 123 ? ? -97.83  51.25  
6 1 ALA A 153 ? ? 84.21   8.38   
# 
loop_
_pdbx_struct_special_symmetry.id 
_pdbx_struct_special_symmetry.PDB_model_num 
_pdbx_struct_special_symmetry.auth_asym_id 
_pdbx_struct_special_symmetry.auth_comp_id 
_pdbx_struct_special_symmetry.auth_seq_id 
_pdbx_struct_special_symmetry.PDB_ins_code 
_pdbx_struct_special_symmetry.label_asym_id 
_pdbx_struct_special_symmetry.label_comp_id 
_pdbx_struct_special_symmetry.label_seq_id 
1 1 A HOH 376 ? F HOH . 
2 1 A HOH 403 ? F HOH . 
3 1 A HOH 412 ? F HOH . 
# 
loop_
_chem_comp_atom.comp_id 
_chem_comp_atom.atom_id 
_chem_comp_atom.type_symbol 
_chem_comp_atom.pdbx_aromatic_flag 
_chem_comp_atom.pdbx_stereo_config 
_chem_comp_atom.pdbx_ordinal 
1PE OH2    O  N N 1   
1PE C12    C  N N 2   
1PE C22    C  N N 3   
1PE OH3    O  N N 4   
1PE C13    C  N N 5   
1PE C23    C  N N 6   
1PE OH4    O  N N 7   
1PE C14    C  N N 8   
1PE C24    C  N N 9   
1PE OH5    O  N N 10  
1PE C15    C  N N 11  
1PE C25    C  N N 12  
1PE OH6    O  N N 13  
1PE C16    C  N N 14  
1PE C26    C  N N 15  
1PE OH7    O  N N 16  
1PE HO2    H  N N 17  
1PE H121   H  N N 18  
1PE H122   H  N N 19  
1PE H221   H  N N 20  
1PE H222   H  N N 21  
1PE H131   H  N N 22  
1PE H132   H  N N 23  
1PE H231   H  N N 24  
1PE H232   H  N N 25  
1PE H141   H  N N 26  
1PE H142   H  N N 27  
1PE H241   H  N N 28  
1PE H242   H  N N 29  
1PE H151   H  N N 30  
1PE H152   H  N N 31  
1PE H251   H  N N 32  
1PE H252   H  N N 33  
1PE H161   H  N N 34  
1PE H162   H  N N 35  
1PE H261   H  N N 36  
1PE H262   H  N N 37  
1PE HO7    H  N N 38  
ALA N      N  N N 39  
ALA CA     C  N S 40  
ALA C      C  N N 41  
ALA O      O  N N 42  
ALA CB     C  N N 43  
ALA OXT    O  N N 44  
ALA H      H  N N 45  
ALA H2     H  N N 46  
ALA HA     H  N N 47  
ALA HB1    H  N N 48  
ALA HB2    H  N N 49  
ALA HB3    H  N N 50  
ALA HXT    H  N N 51  
ARG N      N  N N 52  
ARG CA     C  N S 53  
ARG C      C  N N 54  
ARG O      O  N N 55  
ARG CB     C  N N 56  
ARG CG     C  N N 57  
ARG CD     C  N N 58  
ARG NE     N  N N 59  
ARG CZ     C  N N 60  
ARG NH1    N  N N 61  
ARG NH2    N  N N 62  
ARG OXT    O  N N 63  
ARG H      H  N N 64  
ARG H2     H  N N 65  
ARG HA     H  N N 66  
ARG HB2    H  N N 67  
ARG HB3    H  N N 68  
ARG HG2    H  N N 69  
ARG HG3    H  N N 70  
ARG HD2    H  N N 71  
ARG HD3    H  N N 72  
ARG HE     H  N N 73  
ARG HH11   H  N N 74  
ARG HH12   H  N N 75  
ARG HH21   H  N N 76  
ARG HH22   H  N N 77  
ARG HXT    H  N N 78  
ASN N      N  N N 79  
ASN CA     C  N S 80  
ASN C      C  N N 81  
ASN O      O  N N 82  
ASN CB     C  N N 83  
ASN CG     C  N N 84  
ASN OD1    O  N N 85  
ASN ND2    N  N N 86  
ASN OXT    O  N N 87  
ASN H      H  N N 88  
ASN H2     H  N N 89  
ASN HA     H  N N 90  
ASN HB2    H  N N 91  
ASN HB3    H  N N 92  
ASN HD21   H  N N 93  
ASN HD22   H  N N 94  
ASN HXT    H  N N 95  
ASP N      N  N N 96  
ASP CA     C  N S 97  
ASP C      C  N N 98  
ASP O      O  N N 99  
ASP CB     C  N N 100 
ASP CG     C  N N 101 
ASP OD1    O  N N 102 
ASP OD2    O  N N 103 
ASP OXT    O  N N 104 
ASP H      H  N N 105 
ASP H2     H  N N 106 
ASP HA     H  N N 107 
ASP HB2    H  N N 108 
ASP HB3    H  N N 109 
ASP HD2    H  N N 110 
ASP HXT    H  N N 111 
CYS N      N  N N 112 
CYS CA     C  N R 113 
CYS C      C  N N 114 
CYS O      O  N N 115 
CYS CB     C  N N 116 
CYS SG     S  N N 117 
CYS OXT    O  N N 118 
CYS H      H  N N 119 
CYS H2     H  N N 120 
CYS HA     H  N N 121 
CYS HB2    H  N N 122 
CYS HB3    H  N N 123 
CYS HG     H  N N 124 
CYS HXT    H  N N 125 
GLN N      N  N N 126 
GLN CA     C  N S 127 
GLN C      C  N N 128 
GLN O      O  N N 129 
GLN CB     C  N N 130 
GLN CG     C  N N 131 
GLN CD     C  N N 132 
GLN OE1    O  N N 133 
GLN NE2    N  N N 134 
GLN OXT    O  N N 135 
GLN H      H  N N 136 
GLN H2     H  N N 137 
GLN HA     H  N N 138 
GLN HB2    H  N N 139 
GLN HB3    H  N N 140 
GLN HG2    H  N N 141 
GLN HG3    H  N N 142 
GLN HE21   H  N N 143 
GLN HE22   H  N N 144 
GLN HXT    H  N N 145 
GLU N      N  N N 146 
GLU CA     C  N S 147 
GLU C      C  N N 148 
GLU O      O  N N 149 
GLU CB     C  N N 150 
GLU CG     C  N N 151 
GLU CD     C  N N 152 
GLU OE1    O  N N 153 
GLU OE2    O  N N 154 
GLU OXT    O  N N 155 
GLU H      H  N N 156 
GLU H2     H  N N 157 
GLU HA     H  N N 158 
GLU HB2    H  N N 159 
GLU HB3    H  N N 160 
GLU HG2    H  N N 161 
GLU HG3    H  N N 162 
GLU HE2    H  N N 163 
GLU HXT    H  N N 164 
GLY N      N  N N 165 
GLY CA     C  N N 166 
GLY C      C  N N 167 
GLY O      O  N N 168 
GLY OXT    O  N N 169 
GLY H      H  N N 170 
GLY H2     H  N N 171 
GLY HA2    H  N N 172 
GLY HA3    H  N N 173 
GLY HXT    H  N N 174 
GNP PG     P  N N 175 
GNP O1G    O  N N 176 
GNP O2G    O  N N 177 
GNP O3G    O  N N 178 
GNP N3B    N  N N 179 
GNP PB     P  N R 180 
GNP O1B    O  N N 181 
GNP O2B    O  N N 182 
GNP O3A    O  N N 183 
GNP PA     P  N S 184 
GNP O1A    O  N N 185 
GNP O2A    O  N N 186 
GNP "O5'"  O  N N 187 
GNP "C5'"  C  N N 188 
GNP "C4'"  C  N R 189 
GNP "O4'"  O  N N 190 
GNP "C3'"  C  N S 191 
GNP "O3'"  O  N N 192 
GNP "C2'"  C  N R 193 
GNP "O2'"  O  N N 194 
GNP "C1'"  C  N R 195 
GNP N9     N  Y N 196 
GNP C8     C  Y N 197 
GNP N7     N  Y N 198 
GNP C5     C  Y N 199 
GNP C6     C  Y N 200 
GNP O6     O  N N 201 
GNP N1     N  Y N 202 
GNP C2     C  Y N 203 
GNP N2     N  N N 204 
GNP N3     N  Y N 205 
GNP C4     C  Y N 206 
GNP HOG2   H  N N 207 
GNP HOG3   H  N N 208 
GNP HNB3   H  N N 209 
GNP HOB2   H  N N 210 
GNP HOA2   H  N N 211 
GNP "H5'2" H  N N 212 
GNP "H5'1" H  N N 213 
GNP "H4'"  H  N N 214 
GNP "H3'"  H  N N 215 
GNP "HO3'" H  N N 216 
GNP "H2'"  H  N N 217 
GNP "HO2'" H  N N 218 
GNP "H1'"  H  N N 219 
GNP H8     H  N N 220 
GNP HN1    H  N N 221 
GNP HN21   H  N N 222 
GNP HN22   H  N N 223 
HIS N      N  N N 224 
HIS CA     C  N S 225 
HIS C      C  N N 226 
HIS O      O  N N 227 
HIS CB     C  N N 228 
HIS CG     C  Y N 229 
HIS ND1    N  Y N 230 
HIS CD2    C  Y N 231 
HIS CE1    C  Y N 232 
HIS NE2    N  Y N 233 
HIS OXT    O  N N 234 
HIS H      H  N N 235 
HIS H2     H  N N 236 
HIS HA     H  N N 237 
HIS HB2    H  N N 238 
HIS HB3    H  N N 239 
HIS HD1    H  N N 240 
HIS HD2    H  N N 241 
HIS HE1    H  N N 242 
HIS HE2    H  N N 243 
HIS HXT    H  N N 244 
HOH O      O  N N 245 
HOH H1     H  N N 246 
HOH H2     H  N N 247 
ILE N      N  N N 248 
ILE CA     C  N S 249 
ILE C      C  N N 250 
ILE O      O  N N 251 
ILE CB     C  N S 252 
ILE CG1    C  N N 253 
ILE CG2    C  N N 254 
ILE CD1    C  N N 255 
ILE OXT    O  N N 256 
ILE H      H  N N 257 
ILE H2     H  N N 258 
ILE HA     H  N N 259 
ILE HB     H  N N 260 
ILE HG12   H  N N 261 
ILE HG13   H  N N 262 
ILE HG21   H  N N 263 
ILE HG22   H  N N 264 
ILE HG23   H  N N 265 
ILE HD11   H  N N 266 
ILE HD12   H  N N 267 
ILE HD13   H  N N 268 
ILE HXT    H  N N 269 
LEU N      N  N N 270 
LEU CA     C  N S 271 
LEU C      C  N N 272 
LEU O      O  N N 273 
LEU CB     C  N N 274 
LEU CG     C  N N 275 
LEU CD1    C  N N 276 
LEU CD2    C  N N 277 
LEU OXT    O  N N 278 
LEU H      H  N N 279 
LEU H2     H  N N 280 
LEU HA     H  N N 281 
LEU HB2    H  N N 282 
LEU HB3    H  N N 283 
LEU HG     H  N N 284 
LEU HD11   H  N N 285 
LEU HD12   H  N N 286 
LEU HD13   H  N N 287 
LEU HD21   H  N N 288 
LEU HD22   H  N N 289 
LEU HD23   H  N N 290 
LEU HXT    H  N N 291 
LYS N      N  N N 292 
LYS CA     C  N S 293 
LYS C      C  N N 294 
LYS O      O  N N 295 
LYS CB     C  N N 296 
LYS CG     C  N N 297 
LYS CD     C  N N 298 
LYS CE     C  N N 299 
LYS NZ     N  N N 300 
LYS OXT    O  N N 301 
LYS H      H  N N 302 
LYS H2     H  N N 303 
LYS HA     H  N N 304 
LYS HB2    H  N N 305 
LYS HB3    H  N N 306 
LYS HG2    H  N N 307 
LYS HG3    H  N N 308 
LYS HD2    H  N N 309 
LYS HD3    H  N N 310 
LYS HE2    H  N N 311 
LYS HE3    H  N N 312 
LYS HZ1    H  N N 313 
LYS HZ2    H  N N 314 
LYS HZ3    H  N N 315 
LYS HXT    H  N N 316 
MET N      N  N N 317 
MET CA     C  N S 318 
MET C      C  N N 319 
MET O      O  N N 320 
MET CB     C  N N 321 
MET CG     C  N N 322 
MET SD     S  N N 323 
MET CE     C  N N 324 
MET OXT    O  N N 325 
MET H      H  N N 326 
MET H2     H  N N 327 
MET HA     H  N N 328 
MET HB2    H  N N 329 
MET HB3    H  N N 330 
MET HG2    H  N N 331 
MET HG3    H  N N 332 
MET HE1    H  N N 333 
MET HE2    H  N N 334 
MET HE3    H  N N 335 
MET HXT    H  N N 336 
MG  MG     MG N N 337 
PHE N      N  N N 338 
PHE CA     C  N S 339 
PHE C      C  N N 340 
PHE O      O  N N 341 
PHE CB     C  N N 342 
PHE CG     C  Y N 343 
PHE CD1    C  Y N 344 
PHE CD2    C  Y N 345 
PHE CE1    C  Y N 346 
PHE CE2    C  Y N 347 
PHE CZ     C  Y N 348 
PHE OXT    O  N N 349 
PHE H      H  N N 350 
PHE H2     H  N N 351 
PHE HA     H  N N 352 
PHE HB2    H  N N 353 
PHE HB3    H  N N 354 
PHE HD1    H  N N 355 
PHE HD2    H  N N 356 
PHE HE1    H  N N 357 
PHE HE2    H  N N 358 
PHE HZ     H  N N 359 
PHE HXT    H  N N 360 
PRO N      N  N N 361 
PRO CA     C  N S 362 
PRO C      C  N N 363 
PRO O      O  N N 364 
PRO CB     C  N N 365 
PRO CG     C  N N 366 
PRO CD     C  N N 367 
PRO OXT    O  N N 368 
PRO H      H  N N 369 
PRO HA     H  N N 370 
PRO HB2    H  N N 371 
PRO HB3    H  N N 372 
PRO HG2    H  N N 373 
PRO HG3    H  N N 374 
PRO HD2    H  N N 375 
PRO HD3    H  N N 376 
PRO HXT    H  N N 377 
SER N      N  N N 378 
SER CA     C  N S 379 
SER C      C  N N 380 
SER O      O  N N 381 
SER CB     C  N N 382 
SER OG     O  N N 383 
SER OXT    O  N N 384 
SER H      H  N N 385 
SER H2     H  N N 386 
SER HA     H  N N 387 
SER HB2    H  N N 388 
SER HB3    H  N N 389 
SER HG     H  N N 390 
SER HXT    H  N N 391 
THR N      N  N N 392 
THR CA     C  N S 393 
THR C      C  N N 394 
THR O      O  N N 395 
THR CB     C  N R 396 
THR OG1    O  N N 397 
THR CG2    C  N N 398 
THR OXT    O  N N 399 
THR H      H  N N 400 
THR H2     H  N N 401 
THR HA     H  N N 402 
THR HB     H  N N 403 
THR HG1    H  N N 404 
THR HG21   H  N N 405 
THR HG22   H  N N 406 
THR HG23   H  N N 407 
THR HXT    H  N N 408 
TRP N      N  N N 409 
TRP CA     C  N S 410 
TRP C      C  N N 411 
TRP O      O  N N 412 
TRP CB     C  N N 413 
TRP CG     C  Y N 414 
TRP CD1    C  Y N 415 
TRP CD2    C  Y N 416 
TRP NE1    N  Y N 417 
TRP CE2    C  Y N 418 
TRP CE3    C  Y N 419 
TRP CZ2    C  Y N 420 
TRP CZ3    C  Y N 421 
TRP CH2    C  Y N 422 
TRP OXT    O  N N 423 
TRP H      H  N N 424 
TRP H2     H  N N 425 
TRP HA     H  N N 426 
TRP HB2    H  N N 427 
TRP HB3    H  N N 428 
TRP HD1    H  N N 429 
TRP HE1    H  N N 430 
TRP HE3    H  N N 431 
TRP HZ2    H  N N 432 
TRP HZ3    H  N N 433 
TRP HH2    H  N N 434 
TRP HXT    H  N N 435 
TYR N      N  N N 436 
TYR CA     C  N S 437 
TYR C      C  N N 438 
TYR O      O  N N 439 
TYR CB     C  N N 440 
TYR CG     C  Y N 441 
TYR CD1    C  Y N 442 
TYR CD2    C  Y N 443 
TYR CE1    C  Y N 444 
TYR CE2    C  Y N 445 
TYR CZ     C  Y N 446 
TYR OH     O  N N 447 
TYR OXT    O  N N 448 
TYR H      H  N N 449 
TYR H2     H  N N 450 
TYR HA     H  N N 451 
TYR HB2    H  N N 452 
TYR HB3    H  N N 453 
TYR HD1    H  N N 454 
TYR HD2    H  N N 455 
TYR HE1    H  N N 456 
TYR HE2    H  N N 457 
TYR HH     H  N N 458 
TYR HXT    H  N N 459 
VAL N      N  N N 460 
VAL CA     C  N S 461 
VAL C      C  N N 462 
VAL O      O  N N 463 
VAL CB     C  N N 464 
VAL CG1    C  N N 465 
VAL CG2    C  N N 466 
VAL OXT    O  N N 467 
VAL H      H  N N 468 
VAL H2     H  N N 469 
VAL HA     H  N N 470 
VAL HB     H  N N 471 
VAL HG11   H  N N 472 
VAL HG12   H  N N 473 
VAL HG13   H  N N 474 
VAL HG21   H  N N 475 
VAL HG22   H  N N 476 
VAL HG23   H  N N 477 
VAL HXT    H  N N 478 
# 
loop_
_chem_comp_bond.comp_id 
_chem_comp_bond.atom_id_1 
_chem_comp_bond.atom_id_2 
_chem_comp_bond.value_order 
_chem_comp_bond.pdbx_aromatic_flag 
_chem_comp_bond.pdbx_stereo_config 
_chem_comp_bond.pdbx_ordinal 
1PE OH2   C12    sing N N 1   
1PE OH2   HO2    sing N N 2   
1PE C12   C22    sing N N 3   
1PE C12   H121   sing N N 4   
1PE C12   H122   sing N N 5   
1PE C22   OH3    sing N N 6   
1PE C22   H221   sing N N 7   
1PE C22   H222   sing N N 8   
1PE OH3   C23    sing N N 9   
1PE C13   C23    sing N N 10  
1PE C13   OH4    sing N N 11  
1PE C13   H131   sing N N 12  
1PE C13   H132   sing N N 13  
1PE C23   H231   sing N N 14  
1PE C23   H232   sing N N 15  
1PE OH4   C24    sing N N 16  
1PE C14   C24    sing N N 17  
1PE C14   OH5    sing N N 18  
1PE C14   H141   sing N N 19  
1PE C14   H142   sing N N 20  
1PE C24   H241   sing N N 21  
1PE C24   H242   sing N N 22  
1PE OH5   C25    sing N N 23  
1PE C15   C25    sing N N 24  
1PE C15   OH6    sing N N 25  
1PE C15   H151   sing N N 26  
1PE C15   H152   sing N N 27  
1PE C25   H251   sing N N 28  
1PE C25   H252   sing N N 29  
1PE OH6   C26    sing N N 30  
1PE C16   C26    sing N N 31  
1PE C16   OH7    sing N N 32  
1PE C16   H161   sing N N 33  
1PE C16   H162   sing N N 34  
1PE C26   H261   sing N N 35  
1PE C26   H262   sing N N 36  
1PE OH7   HO7    sing N N 37  
ALA N     CA     sing N N 38  
ALA N     H      sing N N 39  
ALA N     H2     sing N N 40  
ALA CA    C      sing N N 41  
ALA CA    CB     sing N N 42  
ALA CA    HA     sing N N 43  
ALA C     O      doub N N 44  
ALA C     OXT    sing N N 45  
ALA CB    HB1    sing N N 46  
ALA CB    HB2    sing N N 47  
ALA CB    HB3    sing N N 48  
ALA OXT   HXT    sing N N 49  
ARG N     CA     sing N N 50  
ARG N     H      sing N N 51  
ARG N     H2     sing N N 52  
ARG CA    C      sing N N 53  
ARG CA    CB     sing N N 54  
ARG CA    HA     sing N N 55  
ARG C     O      doub N N 56  
ARG C     OXT    sing N N 57  
ARG CB    CG     sing N N 58  
ARG CB    HB2    sing N N 59  
ARG CB    HB3    sing N N 60  
ARG CG    CD     sing N N 61  
ARG CG    HG2    sing N N 62  
ARG CG    HG3    sing N N 63  
ARG CD    NE     sing N N 64  
ARG CD    HD2    sing N N 65  
ARG CD    HD3    sing N N 66  
ARG NE    CZ     sing N N 67  
ARG NE    HE     sing N N 68  
ARG CZ    NH1    sing N N 69  
ARG CZ    NH2    doub N N 70  
ARG NH1   HH11   sing N N 71  
ARG NH1   HH12   sing N N 72  
ARG NH2   HH21   sing N N 73  
ARG NH2   HH22   sing N N 74  
ARG OXT   HXT    sing N N 75  
ASN N     CA     sing N N 76  
ASN N     H      sing N N 77  
ASN N     H2     sing N N 78  
ASN CA    C      sing N N 79  
ASN CA    CB     sing N N 80  
ASN CA    HA     sing N N 81  
ASN C     O      doub N N 82  
ASN C     OXT    sing N N 83  
ASN CB    CG     sing N N 84  
ASN CB    HB2    sing N N 85  
ASN CB    HB3    sing N N 86  
ASN CG    OD1    doub N N 87  
ASN CG    ND2    sing N N 88  
ASN ND2   HD21   sing N N 89  
ASN ND2   HD22   sing N N 90  
ASN OXT   HXT    sing N N 91  
ASP N     CA     sing N N 92  
ASP N     H      sing N N 93  
ASP N     H2     sing N N 94  
ASP CA    C      sing N N 95  
ASP CA    CB     sing N N 96  
ASP CA    HA     sing N N 97  
ASP C     O      doub N N 98  
ASP C     OXT    sing N N 99  
ASP CB    CG     sing N N 100 
ASP CB    HB2    sing N N 101 
ASP CB    HB3    sing N N 102 
ASP CG    OD1    doub N N 103 
ASP CG    OD2    sing N N 104 
ASP OD2   HD2    sing N N 105 
ASP OXT   HXT    sing N N 106 
CYS N     CA     sing N N 107 
CYS N     H      sing N N 108 
CYS N     H2     sing N N 109 
CYS CA    C      sing N N 110 
CYS CA    CB     sing N N 111 
CYS CA    HA     sing N N 112 
CYS C     O      doub N N 113 
CYS C     OXT    sing N N 114 
CYS CB    SG     sing N N 115 
CYS CB    HB2    sing N N 116 
CYS CB    HB3    sing N N 117 
CYS SG    HG     sing N N 118 
CYS OXT   HXT    sing N N 119 
GLN N     CA     sing N N 120 
GLN N     H      sing N N 121 
GLN N     H2     sing N N 122 
GLN CA    C      sing N N 123 
GLN CA    CB     sing N N 124 
GLN CA    HA     sing N N 125 
GLN C     O      doub N N 126 
GLN C     OXT    sing N N 127 
GLN CB    CG     sing N N 128 
GLN CB    HB2    sing N N 129 
GLN CB    HB3    sing N N 130 
GLN CG    CD     sing N N 131 
GLN CG    HG2    sing N N 132 
GLN CG    HG3    sing N N 133 
GLN CD    OE1    doub N N 134 
GLN CD    NE2    sing N N 135 
GLN NE2   HE21   sing N N 136 
GLN NE2   HE22   sing N N 137 
GLN OXT   HXT    sing N N 138 
GLU N     CA     sing N N 139 
GLU N     H      sing N N 140 
GLU N     H2     sing N N 141 
GLU CA    C      sing N N 142 
GLU CA    CB     sing N N 143 
GLU CA    HA     sing N N 144 
GLU C     O      doub N N 145 
GLU C     OXT    sing N N 146 
GLU CB    CG     sing N N 147 
GLU CB    HB2    sing N N 148 
GLU CB    HB3    sing N N 149 
GLU CG    CD     sing N N 150 
GLU CG    HG2    sing N N 151 
GLU CG    HG3    sing N N 152 
GLU CD    OE1    doub N N 153 
GLU CD    OE2    sing N N 154 
GLU OE2   HE2    sing N N 155 
GLU OXT   HXT    sing N N 156 
GLY N     CA     sing N N 157 
GLY N     H      sing N N 158 
GLY N     H2     sing N N 159 
GLY CA    C      sing N N 160 
GLY CA    HA2    sing N N 161 
GLY CA    HA3    sing N N 162 
GLY C     O      doub N N 163 
GLY C     OXT    sing N N 164 
GLY OXT   HXT    sing N N 165 
GNP PG    O1G    doub N N 166 
GNP PG    O2G    sing N N 167 
GNP PG    O3G    sing N N 168 
GNP PG    N3B    sing N N 169 
GNP O2G   HOG2   sing N N 170 
GNP O3G   HOG3   sing N N 171 
GNP N3B   PB     sing N N 172 
GNP N3B   HNB3   sing N N 173 
GNP PB    O1B    doub N N 174 
GNP PB    O2B    sing N N 175 
GNP PB    O3A    sing N N 176 
GNP O2B   HOB2   sing N N 177 
GNP O3A   PA     sing N N 178 
GNP PA    O1A    doub N N 179 
GNP PA    O2A    sing N N 180 
GNP PA    "O5'"  sing N N 181 
GNP O2A   HOA2   sing N N 182 
GNP "O5'" "C5'"  sing N N 183 
GNP "C5'" "C4'"  sing N N 184 
GNP "C5'" "H5'2" sing N N 185 
GNP "C5'" "H5'1" sing N N 186 
GNP "C4'" "O4'"  sing N N 187 
GNP "C4'" "C3'"  sing N N 188 
GNP "C4'" "H4'"  sing N N 189 
GNP "O4'" "C1'"  sing N N 190 
GNP "C3'" "O3'"  sing N N 191 
GNP "C3'" "C2'"  sing N N 192 
GNP "C3'" "H3'"  sing N N 193 
GNP "O3'" "HO3'" sing N N 194 
GNP "C2'" "O2'"  sing N N 195 
GNP "C2'" "C1'"  sing N N 196 
GNP "C2'" "H2'"  sing N N 197 
GNP "O2'" "HO2'" sing N N 198 
GNP "C1'" N9     sing N N 199 
GNP "C1'" "H1'"  sing N N 200 
GNP N9    C8     sing Y N 201 
GNP N9    C4     sing Y N 202 
GNP C8    N7     doub Y N 203 
GNP C8    H8     sing N N 204 
GNP N7    C5     sing Y N 205 
GNP C5    C6     sing Y N 206 
GNP C5    C4     doub Y N 207 
GNP C6    O6     doub N N 208 
GNP C6    N1     sing Y N 209 
GNP N1    C2     sing Y N 210 
GNP N1    HN1    sing N N 211 
GNP C2    N2     sing N N 212 
GNP C2    N3     doub Y N 213 
GNP N2    HN21   sing N N 214 
GNP N2    HN22   sing N N 215 
GNP N3    C4     sing Y N 216 
HIS N     CA     sing N N 217 
HIS N     H      sing N N 218 
HIS N     H2     sing N N 219 
HIS CA    C      sing N N 220 
HIS CA    CB     sing N N 221 
HIS CA    HA     sing N N 222 
HIS C     O      doub N N 223 
HIS C     OXT    sing N N 224 
HIS CB    CG     sing N N 225 
HIS CB    HB2    sing N N 226 
HIS CB    HB3    sing N N 227 
HIS CG    ND1    sing Y N 228 
HIS CG    CD2    doub Y N 229 
HIS ND1   CE1    doub Y N 230 
HIS ND1   HD1    sing N N 231 
HIS CD2   NE2    sing Y N 232 
HIS CD2   HD2    sing N N 233 
HIS CE1   NE2    sing Y N 234 
HIS CE1   HE1    sing N N 235 
HIS NE2   HE2    sing N N 236 
HIS OXT   HXT    sing N N 237 
HOH O     H1     sing N N 238 
HOH O     H2     sing N N 239 
ILE N     CA     sing N N 240 
ILE N     H      sing N N 241 
ILE N     H2     sing N N 242 
ILE CA    C      sing N N 243 
ILE CA    CB     sing N N 244 
ILE CA    HA     sing N N 245 
ILE C     O      doub N N 246 
ILE C     OXT    sing N N 247 
ILE CB    CG1    sing N N 248 
ILE CB    CG2    sing N N 249 
ILE CB    HB     sing N N 250 
ILE CG1   CD1    sing N N 251 
ILE CG1   HG12   sing N N 252 
ILE CG1   HG13   sing N N 253 
ILE CG2   HG21   sing N N 254 
ILE CG2   HG22   sing N N 255 
ILE CG2   HG23   sing N N 256 
ILE CD1   HD11   sing N N 257 
ILE CD1   HD12   sing N N 258 
ILE CD1   HD13   sing N N 259 
ILE OXT   HXT    sing N N 260 
LEU N     CA     sing N N 261 
LEU N     H      sing N N 262 
LEU N     H2     sing N N 263 
LEU CA    C      sing N N 264 
LEU CA    CB     sing N N 265 
LEU CA    HA     sing N N 266 
LEU C     O      doub N N 267 
LEU C     OXT    sing N N 268 
LEU CB    CG     sing N N 269 
LEU CB    HB2    sing N N 270 
LEU CB    HB3    sing N N 271 
LEU CG    CD1    sing N N 272 
LEU CG    CD2    sing N N 273 
LEU CG    HG     sing N N 274 
LEU CD1   HD11   sing N N 275 
LEU CD1   HD12   sing N N 276 
LEU CD1   HD13   sing N N 277 
LEU CD2   HD21   sing N N 278 
LEU CD2   HD22   sing N N 279 
LEU CD2   HD23   sing N N 280 
LEU OXT   HXT    sing N N 281 
LYS N     CA     sing N N 282 
LYS N     H      sing N N 283 
LYS N     H2     sing N N 284 
LYS CA    C      sing N N 285 
LYS CA    CB     sing N N 286 
LYS CA    HA     sing N N 287 
LYS C     O      doub N N 288 
LYS C     OXT    sing N N 289 
LYS CB    CG     sing N N 290 
LYS CB    HB2    sing N N 291 
LYS CB    HB3    sing N N 292 
LYS CG    CD     sing N N 293 
LYS CG    HG2    sing N N 294 
LYS CG    HG3    sing N N 295 
LYS CD    CE     sing N N 296 
LYS CD    HD2    sing N N 297 
LYS CD    HD3    sing N N 298 
LYS CE    NZ     sing N N 299 
LYS CE    HE2    sing N N 300 
LYS CE    HE3    sing N N 301 
LYS NZ    HZ1    sing N N 302 
LYS NZ    HZ2    sing N N 303 
LYS NZ    HZ3    sing N N 304 
LYS OXT   HXT    sing N N 305 
MET N     CA     sing N N 306 
MET N     H      sing N N 307 
MET N     H2     sing N N 308 
MET CA    C      sing N N 309 
MET CA    CB     sing N N 310 
MET CA    HA     sing N N 311 
MET C     O      doub N N 312 
MET C     OXT    sing N N 313 
MET CB    CG     sing N N 314 
MET CB    HB2    sing N N 315 
MET CB    HB3    sing N N 316 
MET CG    SD     sing N N 317 
MET CG    HG2    sing N N 318 
MET CG    HG3    sing N N 319 
MET SD    CE     sing N N 320 
MET CE    HE1    sing N N 321 
MET CE    HE2    sing N N 322 
MET CE    HE3    sing N N 323 
MET OXT   HXT    sing N N 324 
PHE N     CA     sing N N 325 
PHE N     H      sing N N 326 
PHE N     H2     sing N N 327 
PHE CA    C      sing N N 328 
PHE CA    CB     sing N N 329 
PHE CA    HA     sing N N 330 
PHE C     O      doub N N 331 
PHE C     OXT    sing N N 332 
PHE CB    CG     sing N N 333 
PHE CB    HB2    sing N N 334 
PHE CB    HB3    sing N N 335 
PHE CG    CD1    doub Y N 336 
PHE CG    CD2    sing Y N 337 
PHE CD1   CE1    sing Y N 338 
PHE CD1   HD1    sing N N 339 
PHE CD2   CE2    doub Y N 340 
PHE CD2   HD2    sing N N 341 
PHE CE1   CZ     doub Y N 342 
PHE CE1   HE1    sing N N 343 
PHE CE2   CZ     sing Y N 344 
PHE CE2   HE2    sing N N 345 
PHE CZ    HZ     sing N N 346 
PHE OXT   HXT    sing N N 347 
PRO N     CA     sing N N 348 
PRO N     CD     sing N N 349 
PRO N     H      sing N N 350 
PRO CA    C      sing N N 351 
PRO CA    CB     sing N N 352 
PRO CA    HA     sing N N 353 
PRO C     O      doub N N 354 
PRO C     OXT    sing N N 355 
PRO CB    CG     sing N N 356 
PRO CB    HB2    sing N N 357 
PRO CB    HB3    sing N N 358 
PRO CG    CD     sing N N 359 
PRO CG    HG2    sing N N 360 
PRO CG    HG3    sing N N 361 
PRO CD    HD2    sing N N 362 
PRO CD    HD3    sing N N 363 
PRO OXT   HXT    sing N N 364 
SER N     CA     sing N N 365 
SER N     H      sing N N 366 
SER N     H2     sing N N 367 
SER CA    C      sing N N 368 
SER CA    CB     sing N N 369 
SER CA    HA     sing N N 370 
SER C     O      doub N N 371 
SER C     OXT    sing N N 372 
SER CB    OG     sing N N 373 
SER CB    HB2    sing N N 374 
SER CB    HB3    sing N N 375 
SER OG    HG     sing N N 376 
SER OXT   HXT    sing N N 377 
THR N     CA     sing N N 378 
THR N     H      sing N N 379 
THR N     H2     sing N N 380 
THR CA    C      sing N N 381 
THR CA    CB     sing N N 382 
THR CA    HA     sing N N 383 
THR C     O      doub N N 384 
THR C     OXT    sing N N 385 
THR CB    OG1    sing N N 386 
THR CB    CG2    sing N N 387 
THR CB    HB     sing N N 388 
THR OG1   HG1    sing N N 389 
THR CG2   HG21   sing N N 390 
THR CG2   HG22   sing N N 391 
THR CG2   HG23   sing N N 392 
THR OXT   HXT    sing N N 393 
TRP N     CA     sing N N 394 
TRP N     H      sing N N 395 
TRP N     H2     sing N N 396 
TRP CA    C      sing N N 397 
TRP CA    CB     sing N N 398 
TRP CA    HA     sing N N 399 
TRP C     O      doub N N 400 
TRP C     OXT    sing N N 401 
TRP CB    CG     sing N N 402 
TRP CB    HB2    sing N N 403 
TRP CB    HB3    sing N N 404 
TRP CG    CD1    doub Y N 405 
TRP CG    CD2    sing Y N 406 
TRP CD1   NE1    sing Y N 407 
TRP CD1   HD1    sing N N 408 
TRP CD2   CE2    doub Y N 409 
TRP CD2   CE3    sing Y N 410 
TRP NE1   CE2    sing Y N 411 
TRP NE1   HE1    sing N N 412 
TRP CE2   CZ2    sing Y N 413 
TRP CE3   CZ3    doub Y N 414 
TRP CE3   HE3    sing N N 415 
TRP CZ2   CH2    doub Y N 416 
TRP CZ2   HZ2    sing N N 417 
TRP CZ3   CH2    sing Y N 418 
TRP CZ3   HZ3    sing N N 419 
TRP CH2   HH2    sing N N 420 
TRP OXT   HXT    sing N N 421 
TYR N     CA     sing N N 422 
TYR N     H      sing N N 423 
TYR N     H2     sing N N 424 
TYR CA    C      sing N N 425 
TYR CA    CB     sing N N 426 
TYR CA    HA     sing N N 427 
TYR C     O      doub N N 428 
TYR C     OXT    sing N N 429 
TYR CB    CG     sing N N 430 
TYR CB    HB2    sing N N 431 
TYR CB    HB3    sing N N 432 
TYR CG    CD1    doub Y N 433 
TYR CG    CD2    sing Y N 434 
TYR CD1   CE1    sing Y N 435 
TYR CD1   HD1    sing N N 436 
TYR CD2   CE2    doub Y N 437 
TYR CD2   HD2    sing N N 438 
TYR CE1   CZ     doub Y N 439 
TYR CE1   HE1    sing N N 440 
TYR CE2   CZ     sing Y N 441 
TYR CE2   HE2    sing N N 442 
TYR CZ    OH     sing N N 443 
TYR OH    HH     sing N N 444 
TYR OXT   HXT    sing N N 445 
VAL N     CA     sing N N 446 
VAL N     H      sing N N 447 
VAL N     H2     sing N N 448 
VAL CA    C      sing N N 449 
VAL CA    CB     sing N N 450 
VAL CA    HA     sing N N 451 
VAL C     O      doub N N 452 
VAL C     OXT    sing N N 453 
VAL CB    CG1    sing N N 454 
VAL CB    CG2    sing N N 455 
VAL CB    HB     sing N N 456 
VAL CG1   HG11   sing N N 457 
VAL CG1   HG12   sing N N 458 
VAL CG1   HG13   sing N N 459 
VAL CG2   HG21   sing N N 460 
VAL CG2   HG22   sing N N 461 
VAL CG2   HG23   sing N N 462 
VAL OXT   HXT    sing N N 463 
# 
_atom_sites.entry_id                    4RKE 
_atom_sites.fract_transf_matrix[1][1]   -0.01267427 
_atom_sites.fract_transf_matrix[1][2]   -0.00166043 
_atom_sites.fract_transf_matrix[1][3]   -0.00616981 
_atom_sites.fract_transf_matrix[2][1]   -0.00081929 
_atom_sites.fract_transf_matrix[2][2]   -0.00279140 
_atom_sites.fract_transf_matrix[2][3]   -0.01389166 
_atom_sites.fract_transf_matrix[3][1]   0.00063047 
_atom_sites.fract_transf_matrix[3][2]   -0.01844994 
_atom_sites.fract_transf_matrix[3][3]   0.00367016 
_atom_sites.fract_transf_vector[1]      0.490284 
_atom_sites.fract_transf_vector[2]      0.342849 
_atom_sites.fract_transf_vector[3]      3.214604 
# 
loop_
_atom_type.symbol 
C  
H  
MG 
N  
O  
P  
S  
# 
loop_
_atom_site.group_PDB 
_atom_site.id 
_atom_site.type_symbol 
_atom_site.label_atom_id 
_atom_site.label_alt_id 
_atom_site.label_comp_id 
_atom_site.label_asym_id 
_atom_site.label_entity_id 
_atom_site.label_seq_id 
_atom_site.pdbx_PDB_ins_code 
_atom_site.Cartn_x 
_atom_site.Cartn_y 
_atom_site.Cartn_z 
_atom_site.occupancy 
_atom_site.B_iso_or_equiv 
_atom_site.pdbx_formal_charge 
_atom_site.auth_seq_id 
_atom_site.auth_comp_id 
_atom_site.auth_asym_id 
_atom_site.auth_atom_id 
_atom_site.pdbx_PDB_model_num 
ATOM   1    N  N     . GLY A 1 1   ? -20.037 5.579   9.787   1.00 28.83 ? -3  GLY A N     1 
ATOM   2    C  CA    . GLY A 1 1   ? -19.847 7.014   9.650   1.00 23.67 ? -3  GLY A CA    1 
ATOM   3    C  C     . GLY A 1 1   ? -20.207 7.493   8.252   1.00 34.33 ? -3  GLY A C     1 
ATOM   4    O  O     . GLY A 1 1   ? -20.628 6.697   7.404   1.00 21.81 ? -3  GLY A O     1 
ATOM   5    N  N     . ALA A 1 2   ? -20.047 8.792   8.002   1.00 23.85 ? -2  ALA A N     1 
ATOM   6    C  CA    . ALA A 1 2   ? -20.351 9.329   6.685   1.00 29.12 ? -2  ALA A CA    1 
ATOM   7    C  C     . ALA A 1 2   ? -19.565 10.606  6.403   1.00 27.08 ? -2  ALA A C     1 
ATOM   8    O  O     . ALA A 1 2   ? -19.307 11.402  7.307   1.00 27.36 ? -2  ALA A O     1 
ATOM   9    C  CB    . ALA A 1 2   ? -21.843 9.580   6.557   1.00 26.72 ? -2  ALA A CB    1 
ATOM   10   N  N     . MET A 1 3   ? -19.167 10.782  5.146   1.00 27.86 ? -1  MET A N     1 
ATOM   11   C  CA    . MET A 1 3   ? -18.472 11.996  4.724   1.00 28.77 ? -1  MET A CA    1 
ATOM   12   C  C     . MET A 1 3   ? -19.390 13.187  4.941   1.00 37.15 ? -1  MET A C     1 
ATOM   13   O  O     . MET A 1 3   ? -20.530 13.169  4.497   1.00 30.17 ? -1  MET A O     1 
ATOM   14   C  CB    . MET A 1 3   ? -18.046 11.909  3.250   1.00 26.92 ? -1  MET A CB    1 
ATOM   15   C  CG    . MET A 1 3   ? -16.788 11.072  3.006   1.00 25.38 ? -1  MET A CG    1 
ATOM   16   S  SD    . MET A 1 3   ? -16.203 11.059  1.290   1.00 25.40 ? -1  MET A SD    1 
ATOM   17   C  CE    . MET A 1 3   ? -17.226 9.766   0.578   1.00 35.47 ? -1  MET A CE    1 
ATOM   18   N  N     . GLY A 1 4   ? -18.901 14.214  5.629   1.00 32.04 ? 0   GLY A N     1 
ATOM   19   C  CA    . GLY A 1 4   ? -19.720 15.378  5.919   1.00 29.72 ? 0   GLY A CA    1 
ATOM   20   C  C     . GLY A 1 4   ? -20.523 15.180  7.192   1.00 30.88 ? 0   GLY A C     1 
ATOM   21   O  O     . GLY A 1 4   ? -21.424 15.962  7.503   1.00 28.28 ? 0   GLY A O     1 
ATOM   22   N  N     . MET A 1 5   ? -20.198 14.116  7.922   1.00 23.53 ? 1   MET A N     1 
ATOM   23   C  CA    . MET A 1 5   ? -20.767 13.870  9.243   1.00 25.43 ? 1   MET A CA    1 
ATOM   24   C  C     . MET A 1 5   ? -19.645 13.640  10.251  1.00 31.26 ? 1   MET A C     1 
ATOM   25   O  O     . MET A 1 5   ? -19.412 14.472  11.130  1.00 34.61 ? 1   MET A O     1 
ATOM   26   C  CB    . MET A 1 5   ? -21.718 12.667  9.226   1.00 35.45 ? 1   MET A CB    1 
ATOM   27   C  CG    . MET A 1 5   ? -23.168 13.014  9.525   1.00 40.09 ? 1   MET A CG    1 
ATOM   28   S  SD    . MET A 1 5   ? -24.266 11.575  9.636   1.00 55.65 ? 1   MET A SD    1 
ATOM   29   C  CE    . MET A 1 5   ? -23.548 10.647  10.990  1.00 40.09 ? 1   MET A CE    1 
ATOM   30   N  N     . SER A 1 6   ? -18.944 12.515  10.118  1.00 31.93 ? 2   SER A N     1 
ATOM   31   C  CA    . SER A 1 6   ? -17.900 12.154  11.077  1.00 27.56 ? 2   SER A CA    1 
ATOM   32   C  C     . SER A 1 6   ? -16.485 12.296  10.517  1.00 28.87 ? 2   SER A C     1 
ATOM   33   O  O     . SER A 1 6   ? -15.520 11.989  11.215  1.00 35.29 ? 2   SER A O     1 
ATOM   34   C  CB    . SER A 1 6   ? -18.112 10.720  11.584  1.00 36.98 ? 2   SER A CB    1 
ATOM   35   O  OG    . SER A 1 6   ? -18.463 9.842   10.531  1.00 31.02 ? 2   SER A OG    1 
ATOM   36   N  N     . TYR A 1 7   ? -16.365 12.742  9.265   1.00 20.73 ? 3   TYR A N     1 
ATOM   37   C  CA    . TYR A 1 7   ? -15.060 13.065  8.664   1.00 18.87 ? 3   TYR A CA    1 
ATOM   38   C  C     . TYR A 1 7   ? -15.261 13.849  7.371   1.00 21.85 ? 3   TYR A C     1 
ATOM   39   O  O     . TYR A 1 7   ? -16.340 13.808  6.781   1.00 20.56 ? 3   TYR A O     1 
ATOM   40   C  CB    . TYR A 1 7   ? -14.229 11.794  8.391   1.00 25.37 ? 3   TYR A CB    1 
ATOM   41   C  CG    . TYR A 1 7   ? -15.047 10.636  7.866   1.00 25.81 ? 3   TYR A CG    1 
ATOM   42   C  CD1   . TYR A 1 7   ? -15.492 10.614  6.545   1.00 24.41 ? 3   TYR A CD1   1 
ATOM   43   C  CD2   . TYR A 1 7   ? -15.387 9.572   8.693   1.00 16.97 ? 3   TYR A CD2   1 
ATOM   44   C  CE1   . TYR A 1 7   ? -16.252 9.556   6.063   1.00 21.75 ? 3   TYR A CE1   1 
ATOM   45   C  CE2   . TYR A 1 7   ? -16.147 8.509   8.217   1.00 26.93 ? 3   TYR A CE2   1 
ATOM   46   C  CZ    . TYR A 1 7   ? -16.573 8.513   6.896   1.00 23.92 ? 3   TYR A CZ    1 
ATOM   47   O  OH    . TYR A 1 7   ? -17.329 7.473   6.404   1.00 27.40 ? 3   TYR A OH    1 
ATOM   48   N  N     . ALA A 1 8   ? -14.232 14.566  6.930   1.00 18.31 ? 4   ALA A N     1 
ATOM   49   C  CA    . ALA A 1 8   ? -14.357 15.369  5.714   1.00 21.14 ? 4   ALA A CA    1 
ATOM   50   C  C     . ALA A 1 8   ? -14.350 14.505  4.454   1.00 23.67 ? 4   ALA A C     1 
ATOM   51   O  O     . ALA A 1 8   ? -15.203 14.668  3.587   1.00 20.59 ? 4   ALA A O     1 
ATOM   52   C  CB    . ALA A 1 8   ? -13.249 16.416  5.642   1.00 17.12 ? 4   ALA A CB    1 
ATOM   53   N  N     . TYR A 1 9   ? -13.379 13.600  4.353   1.00 16.90 ? 5   TYR A N     1 
ATOM   54   C  CA    . TYR A 1 9   ? -13.284 12.657  3.235   1.00 21.89 ? 5   TYR A CA    1 
ATOM   55   C  C     . TYR A 1 9   ? -13.060 11.241  3.748   1.00 14.87 ? 5   TYR A C     1 
ATOM   56   O  O     . TYR A 1 9   ? -12.485 11.057  4.819   1.00 18.00 ? 5   TYR A O     1 
ATOM   57   C  CB    . TYR A 1 9   ? -12.128 13.012  2.289   1.00 19.13 ? 5   TYR A CB    1 
ATOM   58   C  CG    . TYR A 1 9   ? -12.266 14.312  1.535   1.00 17.66 ? 5   TYR A CG    1 
ATOM   59   C  CD1   . TYR A 1 9   ? -13.067 14.402  0.410   1.00 17.23 ? 5   TYR A CD1   1 
ATOM   60   C  CD2   . TYR A 1 9   ? -11.551 15.430  1.921   1.00 20.26 ? 5   TYR A CD2   1 
ATOM   61   C  CE1   . TYR A 1 9   ? -13.176 15.582  -0.289  1.00 19.74 ? 5   TYR A CE1   1 
ATOM   62   C  CE2   . TYR A 1 9   ? -11.653 16.613  1.231   1.00 23.56 ? 5   TYR A CE2   1 
ATOM   63   C  CZ    . TYR A 1 9   ? -12.465 16.686  0.122   1.00 21.08 ? 5   TYR A CZ    1 
ATOM   64   O  OH    . TYR A 1 9   ? -12.561 17.877  -0.571  1.00 24.31 ? 5   TYR A OH    1 
ATOM   65   N  N     . LEU A 1 10  ? -13.508 10.251  2.987   1.00 16.08 ? 6   LEU A N     1 
ATOM   66   C  CA    . LEU A 1 10  ? -13.072 8.880   3.220   1.00 15.57 ? 6   LEU A CA    1 
ATOM   67   C  C     . LEU A 1 10  ? -12.217 8.481   2.032   1.00 17.46 ? 6   LEU A C     1 
ATOM   68   O  O     . LEU A 1 10  ? -12.665 8.568   0.881   1.00 19.22 ? 6   LEU A O     1 
ATOM   69   C  CB    . LEU A 1 10  ? -14.253 7.912   3.395   1.00 12.20 ? 6   LEU A CB    1 
ATOM   70   C  CG    . LEU A 1 10  ? -13.789 6.466   3.687   1.00 18.38 ? 6   LEU A CG    1 
ATOM   71   C  CD1   . LEU A 1 10  ? -14.010 6.084   5.139   1.00 20.43 ? 6   LEU A CD1   1 
ATOM   72   C  CD2   . LEU A 1 10  ? -14.430 5.442   2.756   1.00 27.11 ? 6   LEU A CD2   1 
ATOM   73   N  N     . PHE A 1 11  ? -10.975 8.089   2.308   1.00 13.80 ? 7   PHE A N     1 
ATOM   74   C  CA    . PHE A 1 11  ? -10.080 7.577   1.280   1.00 11.20 ? 7   PHE A CA    1 
ATOM   75   C  C     . PHE A 1 11  ? -9.929  6.068   1.460   1.00 15.13 ? 7   PHE A C     1 
ATOM   76   O  O     . PHE A 1 11  ? -9.371  5.632   2.463   1.00 13.47 ? 7   PHE A O     1 
ATOM   77   C  CB    . PHE A 1 11  ? -8.697  8.224   1.358   1.00 13.81 ? 7   PHE A CB    1 
ATOM   78   C  CG    . PHE A 1 11  ? -8.662  9.686   0.980   1.00 18.88 ? 7   PHE A CG    1 
ATOM   79   C  CD1   . PHE A 1 11  ? -9.772  10.325  0.422   1.00 17.91 ? 7   PHE A CD1   1 
ATOM   80   C  CD2   . PHE A 1 11  ? -7.505  10.412  1.167   1.00 11.96 ? 7   PHE A CD2   1 
ATOM   81   C  CE1   . PHE A 1 11  ? -9.720  11.669  0.079   1.00 18.75 ? 7   PHE A CE1   1 
ATOM   82   C  CE2   . PHE A 1 11  ? -7.440  11.759  0.825   1.00 16.56 ? 7   PHE A CE2   1 
ATOM   83   C  CZ    . PHE A 1 11  ? -8.552  12.389  0.282   1.00 19.53 ? 7   PHE A CZ    1 
ATOM   84   N  N     . LYS A 1 12  ? -10.426 5.286   0.501   1.00 12.32 ? 8   LYS A N     1 
ATOM   85   C  CA    . LYS A 1 12  ? -10.218 3.836   0.502   1.00 11.43 ? 8   LYS A CA    1 
ATOM   86   C  C     . LYS A 1 12  ? -8.865  3.490   -0.129  1.00 17.22 ? 8   LYS A C     1 
ATOM   87   O  O     . LYS A 1 12  ? -8.581  3.904   -1.256  1.00 16.93 ? 8   LYS A O     1 
ATOM   88   C  CB    . LYS A 1 12  ? -11.342 3.105   -0.250  1.00 11.00 ? 8   LYS A CB    1 
ATOM   89   C  CG    . LYS A 1 12  ? -10.987 1.637   -0.602  1.00 14.42 ? 8   LYS A CG    1 
ATOM   90   C  CD    . LYS A 1 12  ? -12.124 0.927   -1.349  1.00 16.11 ? 8   LYS A CD    1 
ATOM   91   C  CE    . LYS A 1 12  ? -11.727 -0.495  -1.771  1.00 25.26 ? 8   LYS A CE    1 
ATOM   92   N  NZ    . LYS A 1 12  ? -12.886 -1.220  -2.390  1.00 19.52 ? 8   LYS A NZ    1 
ATOM   93   N  N     . TYR A 1 13  ? -8.034  2.759   0.616   1.00 13.53 ? 9   TYR A N     1 
ATOM   94   C  CA    . TYR A 1 13  ? -6.765  2.233   0.116   1.00 17.80 ? 9   TYR A CA    1 
ATOM   95   C  C     . TYR A 1 13  ? -6.874  0.736   -0.081  1.00 15.81 ? 9   TYR A C     1 
ATOM   96   O  O     . TYR A 1 13  ? -7.598  0.062   0.650   1.00 15.06 ? 9   TYR A O     1 
ATOM   97   C  CB    . TYR A 1 13  ? -5.597  2.445   1.096   1.00 13.84 ? 9   TYR A CB    1 
ATOM   98   C  CG    . TYR A 1 13  ? -5.085  3.842   1.340   1.00 17.44 ? 9   TYR A CG    1 
ATOM   99   C  CD1   . TYR A 1 13  ? -5.722  4.971   0.825   1.00 15.71 ? 9   TYR A CD1   1 
ATOM   100  C  CD2   . TYR A 1 13  ? -3.943  4.027   2.108   1.00 13.09 ? 9   TYR A CD2   1 
ATOM   101  C  CE1   . TYR A 1 13  ? -5.223  6.248   1.076   1.00 16.44 ? 9   TYR A CE1   1 
ATOM   102  C  CE2   . TYR A 1 13  ? -3.439  5.290   2.356   1.00 14.97 ? 9   TYR A CE2   1 
ATOM   103  C  CZ    . TYR A 1 13  ? -4.079  6.396   1.843   1.00 16.18 ? 9   TYR A CZ    1 
ATOM   104  O  OH    . TYR A 1 13  ? -3.554  7.639   2.112   1.00 12.17 ? 9   TYR A OH    1 
ATOM   105  N  N     . ILE A 1 14  ? -6.125  0.216   -1.041  1.00 14.99 ? 10  ILE A N     1 
ATOM   106  C  CA    A ILE A 1 14  ? -5.879  -1.229  -1.104  0.50 17.32 ? 10  ILE A CA    1 
ATOM   107  C  CA    B ILE A 1 14  ? -5.894  -1.216  -1.143  0.50 17.24 ? 10  ILE A CA    1 
ATOM   108  C  C     . ILE A 1 14  ? -4.377  -1.459  -1.081  1.00 20.09 ? 10  ILE A C     1 
ATOM   109  O  O     . ILE A 1 14  ? -3.601  -0.679  -1.645  1.00 19.79 ? 10  ILE A O     1 
ATOM   110  C  CB    A ILE A 1 14  ? -6.472  -1.900  -2.367  0.50 16.74 ? 10  ILE A CB    1 
ATOM   111  C  CB    B ILE A 1 14  ? -6.514  -1.776  -2.440  0.50 16.78 ? 10  ILE A CB    1 
ATOM   112  C  CG1   A ILE A 1 14  ? -5.691  -1.458  -3.607  0.50 19.42 ? 10  ILE A CG1   1 
ATOM   113  C  CG1   B ILE A 1 14  ? -6.439  -3.293  -2.476  0.50 19.88 ? 10  ILE A CG1   1 
ATOM   114  C  CG2   A ILE A 1 14  ? -7.962  -1.646  -2.485  0.50 10.71 ? 10  ILE A CG2   1 
ATOM   115  C  CG2   B ILE A 1 14  ? -5.833  -1.195  -3.679  0.50 20.00 ? 10  ILE A CG2   1 
ATOM   116  C  CD1   A ILE A 1 14  ? -6.477  -1.451  -4.842  0.50 19.74 ? 10  ILE A CD1   1 
ATOM   117  C  CD1   B ILE A 1 14  ? -6.657  -3.820  -3.852  0.50 32.37 ? 10  ILE A CD1   1 
ATOM   118  N  N     . ILE A 1 15  ? -3.956  -2.511  -0.386  1.00 14.12 ? 11  ILE A N     1 
ATOM   119  C  CA    . ILE A 1 15  ? -2.544  -2.858  -0.307  1.00 13.95 ? 11  ILE A CA    1 
ATOM   120  C  C     . ILE A 1 15  ? -2.359  -4.182  -1.040  1.00 16.37 ? 11  ILE A C     1 
ATOM   121  O  O     . ILE A 1 15  ? -2.978  -5.176  -0.670  1.00 15.80 ? 11  ILE A O     1 
ATOM   122  C  CB    . ILE A 1 15  ? -2.053  -3.008  1.145   1.00 16.85 ? 11  ILE A CB    1 
ATOM   123  C  CG1   . ILE A 1 15  ? -2.492  -1.825  2.000   1.00 20.32 ? 11  ILE A CG1   1 
ATOM   124  C  CG2   . ILE A 1 15  ? -0.554  -3.186  1.177   1.00 12.82 ? 11  ILE A CG2   1 
ATOM   125  C  CD1   . ILE A 1 15  ? -2.084  -1.975  3.459   1.00 15.00 ? 11  ILE A CD1   1 
ATOM   126  N  N     . ILE A 1 16  ? -1.547  -4.177  -2.093  1.00 13.67 ? 12  ILE A N     1 
ATOM   127  C  CA    . ILE A 1 16  ? -1.337  -5.353  -2.925  1.00 11.51 ? 12  ILE A CA    1 
ATOM   128  C  C     . ILE A 1 16  ? 0.141   -5.616  -3.082  1.00 13.77 ? 12  ILE A C     1 
ATOM   129  O  O     . ILE A 1 16  ? 0.960   -4.733  -2.841  1.00 10.16 ? 12  ILE A O     1 
ATOM   130  C  CB    . ILE A 1 16  ? -1.964  -5.200  -4.315  1.00 18.50 ? 12  ILE A CB    1 
ATOM   131  C  CG1   . ILE A 1 16  ? -1.571  -3.848  -4.916  1.00 15.86 ? 12  ILE A CG1   1 
ATOM   132  C  CG2   . ILE A 1 16  ? -3.462  -5.338  -4.219  1.00 17.00 ? 12  ILE A CG2   1 
ATOM   133  C  CD1   . ILE A 1 16  ? -2.095  -3.620  -6.328  1.00 18.17 ? 12  ILE A CD1   1 
ATOM   134  N  N     . GLY A 1 17  ? 0.469   -6.844  -3.466  1.00 14.77 ? 13  GLY A N     1 
ATOM   135  C  CA    . GLY A 1 17  ? 1.841   -7.281  -3.599  1.00 15.16 ? 13  GLY A CA    1 
ATOM   136  C  C     . GLY A 1 17  ? 1.963   -8.757  -3.255  1.00 18.39 ? 13  GLY A C     1 
ATOM   137  O  O     . GLY A 1 17  ? 1.022   -9.353  -2.720  1.00 13.25 ? 13  GLY A O     1 
ATOM   138  N  N     . ASP A 1 18  ? 3.121   -9.340  -3.558  1.00 15.06 ? 14  ASP A N     1 
ATOM   139  C  CA    . ASP A 1 18  ? 3.398   -10.764 -3.289  1.00 15.80 ? 14  ASP A CA    1 
ATOM   140  C  C     . ASP A 1 18  ? 3.295   -11.142 -1.821  1.00 15.01 ? 14  ASP A C     1 
ATOM   141  O  O     . ASP A 1 18  ? 3.390   -10.290 -0.931  1.00 15.60 ? 14  ASP A O     1 
ATOM   142  C  CB    . ASP A 1 18  ? 4.801   -11.124 -3.754  1.00 13.40 ? 14  ASP A CB    1 
ATOM   143  C  CG    . ASP A 1 18  ? 4.880   -11.415 -5.227  1.00 17.38 ? 14  ASP A CG    1 
ATOM   144  O  OD1   . ASP A 1 18  ? 3.884   -11.221 -5.947  1.00 20.05 ? 14  ASP A OD1   1 
ATOM   145  O  OD2   . ASP A 1 18  ? 5.966   -11.846 -5.666  1.00 16.29 ? 14  ASP A OD2   1 
ATOM   146  N  N     . THR A 1 19  ? 3.166   -12.433 -1.555  1.00 16.40 ? 15  THR A N     1 
ATOM   147  C  CA    . THR A 1 19  ? 3.136   -12.892 -0.174  1.00 10.23 ? 15  THR A CA    1 
ATOM   148  C  C     . THR A 1 19  ? 4.474   -12.580 0.527   1.00 11.61 ? 15  THR A C     1 
ATOM   149  O  O     . THR A 1 19  ? 5.541   -12.637 -0.085  1.00 12.63 ? 15  THR A O     1 
ATOM   150  C  CB    . THR A 1 19  ? 2.812   -14.406 -0.096  1.00 15.96 ? 15  THR A CB    1 
ATOM   151  O  OG1   . THR A 1 19  ? 2.564   -14.775 1.263   1.00 12.20 ? 15  THR A OG1   1 
ATOM   152  C  CG2   . THR A 1 19  ? 3.949   -15.256 -0.656  1.00 13.78 ? 15  THR A CG2   1 
ATOM   153  N  N     . GLY A 1 20  ? 4.400   -12.192 1.798   1.00 13.98 ? 16  GLY A N     1 
ATOM   154  C  CA    . GLY A 1 20  ? 5.588   -11.995 2.608   1.00 14.13 ? 16  GLY A CA    1 
ATOM   155  C  C     . GLY A 1 20  ? 6.322   -10.680 2.404   1.00 15.13 ? 16  GLY A C     1 
ATOM   156  O  O     . GLY A 1 20  ? 7.361   -10.457 3.038   1.00 16.71 ? 16  GLY A O     1 
ATOM   157  N  N     . VAL A 1 21  ? 5.822   -9.810  1.526   1.00 15.31 ? 17  VAL A N     1 
ATOM   158  C  CA    . VAL A 1 21  ? 6.526   -8.547  1.258   1.00 14.00 ? 17  VAL A CA    1 
ATOM   159  C  C     . VAL A 1 21  ? 6.363   -7.565  2.414   1.00 18.44 ? 17  VAL A C     1 
ATOM   160  O  O     . VAL A 1 21  ? 7.189   -6.665  2.592   1.00 16.65 ? 17  VAL A O     1 
ATOM   161  C  CB    . VAL A 1 21  ? 6.067   -7.864  -0.055  1.00 14.50 ? 17  VAL A CB    1 
ATOM   162  C  CG1   . VAL A 1 21  ? 6.389   -8.741  -1.254  1.00 13.87 ? 17  VAL A CG1   1 
ATOM   163  C  CG2   . VAL A 1 21  ? 4.580   -7.491  -0.020  1.00 7.68  ? 17  VAL A CG2   1 
ATOM   164  N  N     . GLY A 1 22  ? 5.297   -7.743  3.192   1.00 18.50 ? 18  GLY A N     1 
ATOM   165  C  CA    . GLY A 1 22  ? 5.093   -6.991  4.418   1.00 8.61  ? 18  GLY A CA    1 
ATOM   166  C  C     . GLY A 1 22  ? 3.896   -6.052  4.446   1.00 15.33 ? 18  GLY A C     1 
ATOM   167  O  O     . GLY A 1 22  ? 3.888   -5.091  5.216   1.00 14.50 ? 18  GLY A O     1 
ATOM   168  N  N     . LYS A 1 23  ? 2.879   -6.345  3.637   1.00 12.56 ? 19  LYS A N     1 
ATOM   169  C  CA    . LYS A 1 23  ? 1.649   -5.554  3.590   1.00 15.27 ? 19  LYS A CA    1 
ATOM   170  C  C     . LYS A 1 23  ? 0.954   -5.401  4.950   1.00 20.02 ? 19  LYS A C     1 
ATOM   171  O  O     . LYS A 1 23  ? 0.619   -4.286  5.370   1.00 15.22 ? 19  LYS A O     1 
ATOM   172  C  CB    . LYS A 1 23  ? 0.667   -6.182  2.594   1.00 14.38 ? 19  LYS A CB    1 
ATOM   173  C  CG    . LYS A 1 23  ? 1.201   -6.283  1.174   1.00 18.61 ? 19  LYS A CG    1 
ATOM   174  C  CD    . LYS A 1 23  ? 0.153   -6.838  0.210   1.00 11.32 ? 19  LYS A CD    1 
ATOM   175  C  CE    . LYS A 1 23  ? -0.132  -8.317  0.509   1.00 13.29 ? 19  LYS A CE    1 
ATOM   176  N  NZ    . LYS A 1 23  ? 1.104   -9.154  0.495   1.00 13.72 ? 19  LYS A NZ    1 
ATOM   177  N  N     . SER A 1 24  ? 0.719   -6.525  5.625   1.00 16.51 ? 20  SER A N     1 
ATOM   178  C  CA    . SER A 1 24  ? 0.002   -6.530  6.886   1.00 12.00 ? 20  SER A CA    1 
ATOM   179  C  C     . SER A 1 24  ? 0.790   -5.857  8.000   1.00 16.50 ? 20  SER A C     1 
ATOM   180  O  O     . SER A 1 24  ? 0.212   -5.178  8.853   1.00 18.17 ? 20  SER A O     1 
ATOM   181  C  CB    . SER A 1 24  ? -0.345  -7.965  7.289   1.00 15.37 ? 20  SER A CB    1 
ATOM   182  O  OG    . SER A 1 24  ? -1.201  -8.557  6.327   1.00 16.68 ? 20  SER A OG    1 
ATOM   183  N  N     . CYS A 1 25  ? 2.107   -6.056  7.996   1.00 15.12 ? 21  CYS A N     1 
ATOM   184  C  CA    . CYS A 1 25  ? 2.982   -5.444  8.981   1.00 9.86  ? 21  CYS A CA    1 
ATOM   185  C  C     . CYS A 1 25  ? 3.089   -3.917  8.771   1.00 19.86 ? 21  CYS A C     1 
ATOM   186  O  O     . CYS A 1 25  ? 3.233   -3.161  9.730   1.00 16.30 ? 21  CYS A O     1 
ATOM   187  C  CB    . CYS A 1 25  ? 4.370   -6.089  8.949   1.00 16.26 ? 21  CYS A CB    1 
ATOM   188  S  SG    . CYS A 1 25  ? 4.421   -7.776  9.656   1.00 18.81 ? 21  CYS A SG    1 
ATOM   189  N  N     . LEU A 1 26  ? 3.018   -3.469  7.523   1.00 13.27 ? 22  LEU A N     1 
ATOM   190  C  CA    . LEU A 1 26  ? 2.978   -2.032  7.237   1.00 18.71 ? 22  LEU A CA    1 
ATOM   191  C  C     . LEU A 1 26  ? 1.710   -1.409  7.819   1.00 18.88 ? 22  LEU A C     1 
ATOM   192  O  O     . LEU A 1 26  ? 1.757   -0.356  8.460   1.00 17.86 ? 22  LEU A O     1 
ATOM   193  C  CB    . LEU A 1 26  ? 3.050   -1.776  5.727   1.00 15.99 ? 22  LEU A CB    1 
ATOM   194  C  CG    . LEU A 1 26  ? 4.425   -1.987  5.089   1.00 12.68 ? 22  LEU A CG    1 
ATOM   195  C  CD1   . LEU A 1 26  ? 4.315   -2.050  3.586   1.00 16.71 ? 22  LEU A CD1   1 
ATOM   196  C  CD2   . LEU A 1 26  ? 5.389   -0.890  5.512   1.00 14.88 ? 22  LEU A CD2   1 
ATOM   197  N  N     . LEU A 1 27  ? 0.581   -2.079  7.600   1.00 15.05 ? 23  LEU A N     1 
ATOM   198  C  CA    . LEU A 1 27  ? -0.702  -1.626  8.127   1.00 19.29 ? 23  LEU A CA    1 
ATOM   199  C  C     . LEU A 1 27  ? -0.670  -1.568  9.656   1.00 21.32 ? 23  LEU A C     1 
ATOM   200  O  O     . LEU A 1 27  ? -1.022  -0.549  10.246  1.00 17.50 ? 23  LEU A O     1 
ATOM   201  C  CB    . LEU A 1 27  ? -1.836  -2.542  7.645   1.00 11.92 ? 23  LEU A CB    1 
ATOM   202  C  CG    . LEU A 1 27  ? -3.254  -2.234  8.146   1.00 21.29 ? 23  LEU A CG    1 
ATOM   203  C  CD1   . LEU A 1 27  ? -3.634  -0.758  7.918   1.00 13.97 ? 23  LEU A CD1   1 
ATOM   204  C  CD2   . LEU A 1 27  ? -4.273  -3.155  7.465   1.00 15.87 ? 23  LEU A CD2   1 
ATOM   205  N  N     . LEU A 1 28  ? -0.240  -2.653  10.294  1.00 18.87 ? 24  LEU A N     1 
ATOM   206  C  CA    . LEU A 1 28  ? -0.214  -2.711  11.759  1.00 21.67 ? 24  LEU A CA    1 
ATOM   207  C  C     . LEU A 1 28  ? 0.743   -1.676  12.355  1.00 19.16 ? 24  LEU A C     1 
ATOM   208  O  O     . LEU A 1 28  ? 0.440   -1.070  13.371  1.00 20.71 ? 24  LEU A O     1 
ATOM   209  C  CB    . LEU A 1 28  ? 0.173   -4.110  12.244  1.00 18.16 ? 24  LEU A CB    1 
ATOM   210  C  CG    . LEU A 1 28  ? 0.245   -4.313  13.762  1.00 25.94 ? 24  LEU A CG    1 
ATOM   211  C  CD1   . LEU A 1 28  ? -1.140  -4.234  14.393  1.00 26.94 ? 24  LEU A CD1   1 
ATOM   212  C  CD2   . LEU A 1 28  ? 0.909   -5.637  14.098  1.00 29.44 ? 24  LEU A CD2   1 
ATOM   213  N  N     . GLN A 1 29  ? 1.898   -1.482  11.729  1.00 17.87 ? 25  GLN A N     1 
ATOM   214  C  CA    . GLN A 1 29  ? 2.814   -0.423  12.151  1.00 19.33 ? 25  GLN A CA    1 
ATOM   215  C  C     . GLN A 1 29  ? 2.149   0.953   12.007  1.00 23.01 ? 25  GLN A C     1 
ATOM   216  O  O     . GLN A 1 29  ? 2.373   1.860   12.824  1.00 20.98 ? 25  GLN A O     1 
ATOM   217  C  CB    . GLN A 1 29  ? 4.113   -0.480  11.337  1.00 23.61 ? 25  GLN A CB    1 
ATOM   218  C  CG    . GLN A 1 29  ? 5.160   0.547   11.737  1.00 29.06 ? 25  GLN A CG    1 
ATOM   219  C  CD    . GLN A 1 29  ? 5.701   0.322   13.153  1.00 37.94 ? 25  GLN A CD    1 
ATOM   220  O  OE1   . GLN A 1 29  ? 5.464   1.124   14.058  1.00 34.01 ? 25  GLN A OE1   1 
ATOM   221  N  NE2   . GLN A 1 29  ? 6.443   -0.757  13.337  1.00 25.27 ? 25  GLN A NE2   1 
ATOM   222  N  N     . PHE A 1 30  ? 1.317   1.106   10.980  1.00 20.89 ? 26  PHE A N     1 
ATOM   223  C  CA    . PHE A 1 30  ? 0.665   2.393   10.745  1.00 18.89 ? 26  PHE A CA    1 
ATOM   224  C  C     . PHE A 1 30  ? -0.399  2.699   11.798  1.00 20.48 ? 26  PHE A C     1 
ATOM   225  O  O     . PHE A 1 30  ? -0.427  3.790   12.372  1.00 21.04 ? 26  PHE A O     1 
ATOM   226  C  CB    . PHE A 1 30  ? 0.029   2.452   9.350   1.00 14.87 ? 26  PHE A CB    1 
ATOM   227  C  CG    . PHE A 1 30  ? -0.693  3.750   9.078   1.00 15.22 ? 26  PHE A CG    1 
ATOM   228  C  CD1   . PHE A 1 30  ? 0.001   4.943   9.048   1.00 15.72 ? 26  PHE A CD1   1 
ATOM   229  C  CD2   . PHE A 1 30  ? -2.062  3.772   8.877   1.00 16.13 ? 26  PHE A CD2   1 
ATOM   230  C  CE1   . PHE A 1 30  ? -0.660  6.149   8.817   1.00 29.48 ? 26  PHE A CE1   1 
ATOM   231  C  CE2   . PHE A 1 30  ? -2.734  4.973   8.650   1.00 17.54 ? 26  PHE A CE2   1 
ATOM   232  C  CZ    . PHE A 1 30  ? -2.034  6.159   8.624   1.00 16.00 ? 26  PHE A CZ    1 
ATOM   233  N  N     . THR A 1 31  ? -1.273  1.740   12.061  1.00 22.98 ? 27  THR A N     1 
ATOM   234  C  CA    A THR A 1 31  ? -2.367  1.963   12.992  0.50 19.98 ? 27  THR A CA    1 
ATOM   235  C  CA    B THR A 1 31  ? -2.368  1.962   12.992  0.50 19.88 ? 27  THR A CA    1 
ATOM   236  C  C     . THR A 1 31  ? -1.952  1.776   14.449  1.00 26.86 ? 27  THR A C     1 
ATOM   237  O  O     . THR A 1 31  ? -2.406  2.507   15.323  1.00 21.67 ? 27  THR A O     1 
ATOM   238  C  CB    A THR A 1 31  ? -3.548  1.025   12.693  0.50 21.63 ? 27  THR A CB    1 
ATOM   239  C  CB    B THR A 1 31  ? -3.547  1.024   12.693  0.50 21.63 ? 27  THR A CB    1 
ATOM   240  O  OG1   A THR A 1 31  ? -3.157  -0.335  12.934  0.50 21.77 ? 27  THR A OG1   1 
ATOM   241  O  OG1   B THR A 1 31  ? -3.157  -0.335  12.939  0.50 21.76 ? 27  THR A OG1   1 
ATOM   242  C  CG2   A THR A 1 31  ? -3.991  1.179   11.245  0.50 19.48 ? 27  THR A CG2   1 
ATOM   243  C  CG2   B THR A 1 31  ? -3.987  1.173   11.243  0.50 19.49 ? 27  THR A CG2   1 
ATOM   244  N  N     . ASP A 1 32  ? -1.086  0.799   14.711  1.00 26.54 ? 28  ASP A N     1 
ATOM   245  C  CA    . ASP A 1 32  ? -0.784  0.408   16.094  1.00 23.33 ? 28  ASP A CA    1 
ATOM   246  C  C     . ASP A 1 32  ? 0.636   0.662   16.583  1.00 22.22 ? 28  ASP A C     1 
ATOM   247  O  O     . ASP A 1 32  ? 0.928   0.397   17.746  1.00 24.88 ? 28  ASP A O     1 
ATOM   248  C  CB    . ASP A 1 32  ? -1.083  -1.087  16.290  1.00 32.49 ? 28  ASP A CB    1 
ATOM   249  C  CG    . ASP A 1 32  ? -2.563  -1.399  16.272  1.00 30.63 ? 28  ASP A CG    1 
ATOM   250  O  OD1   . ASP A 1 32  ? -3.301  -0.773  15.489  1.00 28.93 ? 28  ASP A OD1   1 
ATOM   251  O  OD2   . ASP A 1 32  ? -2.987  -2.271  17.052  1.00 37.52 ? 28  ASP A OD2   1 
ATOM   252  N  N     . LYS A 1 33  ? 1.504   1.171   15.712  1.00 15.45 ? 29  LYS A N     1 
ATOM   253  C  CA    . LYS A 1 33  ? 2.939   1.291   15.986  1.00 25.60 ? 29  LYS A CA    1 
ATOM   254  C  C     . LYS A 1 33  ? 3.526   0.031   16.662  1.00 26.44 ? 29  LYS A C     1 
ATOM   255  O  O     . LYS A 1 33  ? 4.299   0.118   17.615  1.00 22.14 ? 29  LYS A O     1 
ATOM   256  C  CB    . LYS A 1 33  ? 3.225   2.543   16.825  1.00 23.36 ? 29  LYS A CB    1 
ATOM   257  C  CG    . LYS A 1 33  ? 3.039   3.856   16.038  1.00 31.51 ? 29  LYS A CG    1 
ATOM   258  C  CD    . LYS A 1 33  ? 3.453   5.077   16.857  1.00 37.86 ? 29  LYS A CD    1 
ATOM   259  C  CE    . LYS A 1 33  ? 2.783   6.356   16.343  1.00 48.24 ? 29  LYS A CE    1 
ATOM   260  N  NZ    . LYS A 1 33  ? 3.408   6.879   15.097  1.00 47.52 ? 29  LYS A NZ    1 
ATOM   261  N  N     . ARG A 1 34  ? 3.134   -1.131  16.150  1.00 24.13 ? 30  ARG A N     1 
ATOM   262  C  CA    . ARG A 1 34  ? 3.632   -2.426  16.602  1.00 29.56 ? 30  ARG A CA    1 
ATOM   263  C  C     . ARG A 1 34  ? 4.198   -3.198  15.410  1.00 27.35 ? 30  ARG A C     1 
ATOM   264  O  O     . ARG A 1 34  ? 3.665   -3.095  14.306  1.00 21.98 ? 30  ARG A O     1 
ATOM   265  C  CB    . ARG A 1 34  ? 2.506   -3.232  17.261  1.00 29.34 ? 30  ARG A CB    1 
ATOM   266  C  CG    . ARG A 1 34  ? 2.646   -3.411  18.758  1.00 39.08 ? 30  ARG A CG    1 
ATOM   267  C  CD    . ARG A 1 34  ? 1.292   -3.666  19.401  1.00 49.79 ? 30  ARG A CD    1 
ATOM   268  N  NE    . ARG A 1 34  ? 0.610   -4.810  18.802  1.00 58.44 ? 30  ARG A NE    1 
ATOM   269  C  CZ    . ARG A 1 34  ? -0.691  -4.842  18.533  1.00 62.65 ? 30  ARG A CZ    1 
ATOM   270  N  NH1   . ARG A 1 34  ? -1.448  -3.788  18.812  1.00 56.07 ? 30  ARG A NH1   1 
ATOM   271  N  NH2   . ARG A 1 34  ? -1.237  -5.923  17.981  1.00 55.97 ? 30  ARG A NH2   1 
ATOM   272  N  N     . PHE A 1 35  ? 5.278   -3.952  15.615  1.00 23.56 ? 31  PHE A N     1 
ATOM   273  C  CA    . PHE A 1 35  ? 5.802   -4.814  14.553  1.00 24.37 ? 31  PHE A CA    1 
ATOM   274  C  C     . PHE A 1 35  ? 5.499   -6.286  14.831  1.00 26.94 ? 31  PHE A C     1 
ATOM   275  O  O     . PHE A 1 35  ? 5.821   -6.808  15.898  1.00 24.60 ? 31  PHE A O     1 
ATOM   276  C  CB    . PHE A 1 35  ? 7.312   -4.617  14.370  1.00 21.74 ? 31  PHE A CB    1 
ATOM   277  C  CG    . PHE A 1 35  ? 7.940   -5.602  13.415  1.00 21.99 ? 31  PHE A CG    1 
ATOM   278  C  CD1   . PHE A 1 35  ? 7.504   -5.693  12.100  1.00 18.57 ? 31  PHE A CD1   1 
ATOM   279  C  CD2   . PHE A 1 35  ? 8.970   -6.432  13.828  1.00 27.15 ? 31  PHE A CD2   1 
ATOM   280  C  CE1   . PHE A 1 35  ? 8.077   -6.598  11.218  1.00 20.15 ? 31  PHE A CE1   1 
ATOM   281  C  CE2   . PHE A 1 35  ? 9.546   -7.343  12.952  1.00 26.54 ? 31  PHE A CE2   1 
ATOM   282  C  CZ    . PHE A 1 35  ? 9.095   -7.422  11.641  1.00 24.17 ? 31  PHE A CZ    1 
ATOM   283  N  N     . GLN A 1 36  ? 4.873   -6.945  13.862  1.00 25.91 ? 32  GLN A N     1 
ATOM   284  C  CA    . GLN A 1 36  ? 4.538   -8.363  13.963  1.00 29.75 ? 32  GLN A CA    1 
ATOM   285  C  C     . GLN A 1 36  ? 5.631   -9.217  13.289  1.00 26.74 ? 32  GLN A C     1 
ATOM   286  O  O     . GLN A 1 36  ? 5.742   -9.226  12.064  1.00 26.74 ? 32  GLN A O     1 
ATOM   287  C  CB    . GLN A 1 36  ? 3.163   -8.608  13.327  1.00 17.32 ? 32  GLN A CB    1 
ATOM   288  C  CG    . GLN A 1 36  ? 2.851   -10.057 12.981  1.00 24.43 ? 32  GLN A CG    1 
ATOM   289  C  CD    . GLN A 1 36  ? 2.655   -10.928 14.208  1.00 26.27 ? 32  GLN A CD    1 
ATOM   290  O  OE1   . GLN A 1 36  ? 3.620   -11.336 14.854  1.00 30.05 ? 32  GLN A OE1   1 
ATOM   291  N  NE2   . GLN A 1 36  ? 1.400   -11.224 14.530  1.00 30.01 ? 32  GLN A NE2   1 
ATOM   292  N  N     . PRO A 1 37  ? 6.458   -9.918  14.088  1.00 24.58 ? 33  PRO A N     1 
ATOM   293  C  CA    . PRO A 1 37  ? 7.603   -10.654 13.527  1.00 24.61 ? 33  PRO A CA    1 
ATOM   294  C  C     . PRO A 1 37  ? 7.216   -11.959 12.821  1.00 26.69 ? 33  PRO A C     1 
ATOM   295  O  O     . PRO A 1 37  ? 8.022   -12.537 12.086  1.00 21.43 ? 33  PRO A O     1 
ATOM   296  C  CB    . PRO A 1 37  ? 8.460   -10.948 14.763  1.00 24.78 ? 33  PRO A CB    1 
ATOM   297  C  CG    . PRO A 1 37  ? 7.455   -11.061 15.870  1.00 27.72 ? 33  PRO A CG    1 
ATOM   298  C  CD    . PRO A 1 37  ? 6.384   -10.054 15.556  1.00 31.36 ? 33  PRO A CD    1 
ATOM   299  N  N     . VAL A 1 38  ? 5.997   -12.428 13.050  1.00 25.84 ? 34  VAL A N     1 
ATOM   300  C  CA    . VAL A 1 38  ? 5.550   -13.668 12.434  1.00 24.00 ? 34  VAL A CA    1 
ATOM   301  C  C     . VAL A 1 38  ? 4.752   -13.386 11.155  1.00 26.63 ? 34  VAL A C     1 
ATOM   302  O  O     . VAL A 1 38  ? 3.999   -12.406 11.089  1.00 22.31 ? 34  VAL A O     1 
ATOM   303  C  CB    . VAL A 1 38  ? 4.704   -14.501 13.422  1.00 24.97 ? 34  VAL A CB    1 
ATOM   304  C  CG1   . VAL A 1 38  ? 3.874   -15.557 12.694  1.00 24.15 ? 34  VAL A CG1   1 
ATOM   305  C  CG2   . VAL A 1 38  ? 5.607   -15.156 14.468  1.00 19.32 ? 34  VAL A CG2   1 
ATOM   306  N  N     . HIS A 1 39  ? 4.939   -14.230 10.140  1.00 17.65 ? 35  HIS A N     1 
ATOM   307  C  CA    . HIS A 1 39  ? 4.169   -14.153 8.896   1.00 17.74 ? 35  HIS A CA    1 
ATOM   308  C  C     . HIS A 1 39  ? 2.847   -14.898 9.032   1.00 19.11 ? 35  HIS A C     1 
ATOM   309  O  O     . HIS A 1 39  ? 2.780   -16.109 8.841   1.00 22.00 ? 35  HIS A O     1 
ATOM   310  C  CB    . HIS A 1 39  ? 4.986   -14.716 7.721   1.00 17.48 ? 35  HIS A CB    1 
ATOM   311  C  CG    . HIS A 1 39  ? 4.305   -14.620 6.387   1.00 22.49 ? 35  HIS A CG    1 
ATOM   312  N  ND1   . HIS A 1 39  ? 4.729   -15.335 5.286   1.00 20.18 ? 35  HIS A ND1   1 
ATOM   313  C  CD2   . HIS A 1 39  ? 3.248   -13.881 5.967   1.00 20.35 ? 35  HIS A CD2   1 
ATOM   314  C  CE1   . HIS A 1 39  ? 3.954   -15.056 4.253   1.00 19.01 ? 35  HIS A CE1   1 
ATOM   315  N  NE2   . HIS A 1 39  ? 3.045   -14.179 4.640   1.00 19.13 ? 35  HIS A NE2   1 
ATOM   316  N  N     . ASP A 1 40  ? 1.789   -14.172 9.369   1.00 20.91 ? 36  ASP A N     1 
ATOM   317  C  CA    . ASP A 1 40  ? 0.448   -14.741 9.333   1.00 25.56 ? 36  ASP A CA    1 
ATOM   318  C  C     . ASP A 1 40  ? -0.150  -14.453 7.969   1.00 20.71 ? 36  ASP A C     1 
ATOM   319  O  O     . ASP A 1 40  ? -0.469  -13.304 7.657   1.00 32.37 ? 36  ASP A O     1 
ATOM   320  C  CB    . ASP A 1 40  ? -0.437  -14.168 10.444  1.00 32.67 ? 36  ASP A CB    1 
ATOM   321  C  CG    . ASP A 1 40  ? -0.167  -14.804 11.800  1.00 47.85 ? 36  ASP A CG    1 
ATOM   322  O  OD1   . ASP A 1 40  ? 0.072   -16.037 11.860  1.00 33.87 ? 36  ASP A OD1   1 
ATOM   323  O  OD2   . ASP A 1 40  ? -0.205  -14.066 12.810  1.00 46.26 ? 36  ASP A OD2   1 
ATOM   324  N  N     . LEU A 1 41  ? -0.296  -15.492 7.157   1.00 15.81 ? 37  LEU A N     1 
ATOM   325  C  CA    . LEU A 1 41  ? -0.774  -15.332 5.796   1.00 17.33 ? 37  LEU A CA    1 
ATOM   326  C  C     . LEU A 1 41  ? -2.196  -14.790 5.765   1.00 27.01 ? 37  LEU A C     1 
ATOM   327  O  O     . LEU A 1 41  ? -3.116  -15.422 6.272   1.00 25.89 ? 37  LEU A O     1 
ATOM   328  C  CB    . LEU A 1 41  ? -0.700  -16.654 5.036   1.00 21.83 ? 37  LEU A CB    1 
ATOM   329  C  CG    . LEU A 1 41  ? 0.687   -16.978 4.457   1.00 26.27 ? 37  LEU A CG    1 
ATOM   330  C  CD1   . LEU A 1 41  ? 1.639   -17.468 5.532   1.00 27.40 ? 37  LEU A CD1   1 
ATOM   331  C  CD2   . LEU A 1 41  ? 0.590   -17.977 3.337   1.00 29.62 ? 37  LEU A CD2   1 
ATOM   332  N  N     . THR A 1 42  ? -2.359  -13.607 5.176   1.00 16.89 ? 38  THR A N     1 
ATOM   333  C  CA    . THR A 1 42  ? -3.682  -13.033 4.944   1.00 20.19 ? 38  THR A CA    1 
ATOM   334  C  C     . THR A 1 42  ? -4.461  -13.855 3.939   1.00 17.66 ? 38  THR A C     1 
ATOM   335  O  O     . THR A 1 42  ? -3.902  -14.279 2.923   1.00 19.86 ? 38  THR A O     1 
ATOM   336  C  CB    . THR A 1 42  ? -3.579  -11.602 4.422   1.00 16.88 ? 38  THR A CB    1 
ATOM   337  O  OG1   . THR A 1 42  ? -2.630  -10.887 5.219   1.00 18.20 ? 38  THR A OG1   1 
ATOM   338  C  CG2   . THR A 1 42  ? -4.929  -10.928 4.473   1.00 19.49 ? 38  THR A CG2   1 
ATOM   339  N  N     . ILE A 1 43  ? -5.750  -14.064 4.186   1.00 18.03 ? 39  ILE A N     1 
ATOM   340  C  CA    . ILE A 1 43  ? -6.529  -14.879 3.260   1.00 22.06 ? 39  ILE A CA    1 
ATOM   341  C  C     . ILE A 1 43  ? -7.667  -14.070 2.612   1.00 29.17 ? 39  ILE A C     1 
ATOM   342  O  O     . ILE A 1 43  ? -7.543  -13.696 1.446   1.00 50.98 ? 39  ILE A O     1 
ATOM   343  C  CB    . ILE A 1 43  ? -7.019  -16.186 3.962   1.00 29.93 ? 39  ILE A CB    1 
ATOM   344  C  CG1   . ILE A 1 43  ? -7.756  -17.089 2.969   1.00 25.02 ? 39  ILE A CG1   1 
ATOM   345  C  CG2   . ILE A 1 43  ? -7.773  -15.900 5.271   1.00 32.55 ? 39  ILE A CG2   1 
ATOM   346  C  CD1   . ILE A 1 43  ? -7.967  -18.481 3.497   1.00 43.53 ? 39  ILE A CD1   1 
ATOM   347  N  N     . GLY A 1 44  ? -8.745  -13.757 3.324   1.00 36.70 ? 40  GLY A N     1 
ATOM   348  C  CA    . GLY A 1 44  ? -9.744  -12.846 2.774   1.00 21.80 ? 40  GLY A CA    1 
ATOM   349  C  C     . GLY A 1 44  ? -9.184  -11.438 2.874   1.00 36.06 ? 40  GLY A C     1 
ATOM   350  O  O     . GLY A 1 44  ? -8.031  -11.268 3.246   1.00 39.48 ? 40  GLY A O     1 
ATOM   351  N  N     . VAL A 1 45  ? -9.973  -10.420 2.555   1.00 24.01 ? 41  VAL A N     1 
ATOM   352  C  CA    . VAL A 1 45  ? -9.539  -9.056  2.806   1.00 19.20 ? 41  VAL A CA    1 
ATOM   353  C  C     . VAL A 1 45  ? -9.663  -8.784  4.297   1.00 20.52 ? 41  VAL A C     1 
ATOM   354  O  O     . VAL A 1 45  ? -10.619 -9.214  4.929   1.00 19.62 ? 41  VAL A O     1 
ATOM   355  C  CB    . VAL A 1 45  ? -10.361 -8.037  1.998   1.00 20.98 ? 41  VAL A CB    1 
ATOM   356  C  CG1   . VAL A 1 45  ? -9.945  -6.603  2.342   1.00 23.83 ? 41  VAL A CG1   1 
ATOM   357  C  CG2   . VAL A 1 45  ? -10.197 -8.307  0.504   1.00 25.44 ? 41  VAL A CG2   1 
ATOM   358  N  N     . GLU A 1 46  ? -8.666  -8.121  4.867   1.00 17.36 ? 42  GLU A N     1 
ATOM   359  C  CA    . GLU A 1 46  ? -8.754  -7.645  6.241   1.00 17.23 ? 42  GLU A CA    1 
ATOM   360  C  C     . GLU A 1 46  ? -8.819  -6.123  6.225   1.00 22.32 ? 42  GLU A C     1 
ATOM   361  O  O     . GLU A 1 46  ? -8.078  -5.483  5.481   1.00 25.51 ? 42  GLU A O     1 
ATOM   362  C  CB    . GLU A 1 46  ? -7.566  -8.153  7.054   1.00 21.81 ? 42  GLU A CB    1 
ATOM   363  C  CG    . GLU A 1 46  ? -7.483  -9.679  7.032   1.00 24.81 ? 42  GLU A CG    1 
ATOM   364  C  CD    . GLU A 1 46  ? -6.382  -10.240 7.900   1.00 34.29 ? 42  GLU A CD    1 
ATOM   365  O  OE1   . GLU A 1 46  ? -5.599  -9.448  8.469   1.00 39.47 ? 42  GLU A OE1   1 
ATOM   366  O  OE2   . GLU A 1 46  ? -6.306  -11.483 8.005   1.00 32.67 ? 42  GLU A OE2   1 
ATOM   367  N  N     . PHE A 1 47  ? -9.718  -5.541  7.014   1.00 18.59 ? 43  PHE A N     1 
ATOM   368  C  CA    . PHE A 1 47  ? -9.898  -4.091  6.992   1.00 18.17 ? 43  PHE A CA    1 
ATOM   369  C  C     . PHE A 1 47  ? -9.131  -3.424  8.123   1.00 25.09 ? 43  PHE A C     1 
ATOM   370  O  O     . PHE A 1 47  ? -9.210  -3.848  9.271   1.00 27.11 ? 43  PHE A O     1 
ATOM   371  C  CB    . PHE A 1 47  ? -11.376 -3.715  7.093   1.00 25.67 ? 43  PHE A CB    1 
ATOM   372  C  CG    . PHE A 1 47  ? -12.265 -4.445  6.127   1.00 12.73 ? 43  PHE A CG    1 
ATOM   373  C  CD1   . PHE A 1 47  ? -12.341 -4.049  4.794   1.00 18.91 ? 43  PHE A CD1   1 
ATOM   374  C  CD2   . PHE A 1 47  ? -13.048 -5.516  6.556   1.00 19.96 ? 43  PHE A CD2   1 
ATOM   375  C  CE1   . PHE A 1 47  ? -13.170 -4.716  3.903   1.00 15.64 ? 43  PHE A CE1   1 
ATOM   376  C  CE2   . PHE A 1 47  ? -13.872 -6.192  5.674   1.00 21.85 ? 43  PHE A CE2   1 
ATOM   377  C  CZ    . PHE A 1 47  ? -13.935 -5.795  4.345   1.00 25.00 ? 43  PHE A CZ    1 
ATOM   378  N  N     . GLY A 1 48  ? -8.378  -2.383  7.788   1.00 18.35 ? 44  GLY A N     1 
ATOM   379  C  CA    . GLY A 1 48  ? -7.757  -1.541  8.787   1.00 20.40 ? 44  GLY A CA    1 
ATOM   380  C  C     . GLY A 1 48  ? -8.334  -0.149  8.567   1.00 18.47 ? 44  GLY A C     1 
ATOM   381  O  O     . GLY A 1 48  ? -8.904  0.115   7.520   1.00 15.91 ? 44  GLY A O     1 
ATOM   382  N  N     . ALA A 1 49  ? -8.215  0.733   9.548   1.00 16.65 ? 45  ALA A N     1 
ATOM   383  C  CA    . ALA A 1 49  ? -8.723  2.098   9.383   1.00 16.61 ? 45  ALA A CA    1 
ATOM   384  C  C     . ALA A 1 49  ? -8.054  3.018   10.367  1.00 20.26 ? 45  ALA A C     1 
ATOM   385  O  O     . ALA A 1 49  ? -7.720  2.604   11.464  1.00 18.03 ? 45  ALA A O     1 
ATOM   386  C  CB    . ALA A 1 49  ? -10.238 2.151   9.564   1.00 16.02 ? 45  ALA A CB    1 
ATOM   387  N  N     . ARG A 1 50  ? -7.856  4.275   9.971   1.00 20.94 ? 46  ARG A N     1 
ATOM   388  C  CA    . ARG A 1 50  ? -7.297  5.260   10.880  1.00 12.07 ? 46  ARG A CA    1 
ATOM   389  C  C     . ARG A 1 50  ? -7.694  6.667   10.453  1.00 17.08 ? 46  ARG A C     1 
ATOM   390  O  O     . ARG A 1 50  ? -7.842  6.943   9.258   1.00 11.55 ? 46  ARG A O     1 
ATOM   391  C  CB    . ARG A 1 50  ? -5.775  5.135   10.945  1.00 17.67 ? 46  ARG A CB    1 
ATOM   392  C  CG    . ARG A 1 50  ? -5.195  5.587   12.275  1.00 24.24 ? 46  ARG A CG    1 
ATOM   393  C  CD    . ARG A 1 50  ? -3.701  5.765   12.199  1.00 25.65 ? 46  ARG A CD    1 
ATOM   394  N  NE    . ARG A 1 50  ? -3.341  7.136   11.873  1.00 17.49 ? 46  ARG A NE    1 
ATOM   395  C  CZ    . ARG A 1 50  ? -2.087  7.577   11.796  1.00 21.75 ? 46  ARG A CZ    1 
ATOM   396  N  NH1   . ARG A 1 50  ? -1.071  6.748   12.015  1.00 22.15 ? 46  ARG A NH1   1 
ATOM   397  N  NH2   . ARG A 1 50  ? -1.847  8.841   11.488  1.00 28.37 ? 46  ARG A NH2   1 
ATOM   398  N  N     . MET A 1 51  ? -7.912  7.543   11.430  1.00 18.90 ? 47  MET A N     1 
ATOM   399  C  CA    . MET A 1 51  ? -8.122  8.964   11.128  1.00 19.54 ? 47  MET A CA    1 
ATOM   400  C  C     . MET A 1 51  ? -6.785  9.611   10.906  1.00 19.76 ? 47  MET A C     1 
ATOM   401  O  O     . MET A 1 51  ? -5.799  9.252   11.542  1.00 25.52 ? 47  MET A O     1 
ATOM   402  C  CB    . MET A 1 51  ? -8.855  9.693   12.251  1.00 25.25 ? 47  MET A CB    1 
ATOM   403  C  CG    . MET A 1 51  ? -10.241 9.177   12.537  1.00 27.21 ? 47  MET A CG    1 
ATOM   404  S  SD    . MET A 1 51  ? -11.330 9.329   11.120  1.00 37.99 ? 47  MET A SD    1 
ATOM   405  C  CE    . MET A 1 51  ? -11.171 11.061  10.713  1.00 8.68  ? 47  MET A CE    1 
ATOM   406  N  N     . ILE A 1 52  ? -6.739  10.550  9.977   1.00 16.09 ? 48  ILE A N     1 
ATOM   407  C  CA    . ILE A 1 52  ? -5.551  11.349  9.775   1.00 17.54 ? 48  ILE A CA    1 
ATOM   408  C  C     . ILE A 1 52  ? -5.960  12.819  9.640   1.00 16.43 ? 48  ILE A C     1 
ATOM   409  O  O     . ILE A 1 52  ? -7.146  13.154  9.613   1.00 18.23 ? 48  ILE A O     1 
ATOM   410  C  CB    . ILE A 1 52  ? -4.765  10.913  8.527   1.00 23.53 ? 48  ILE A CB    1 
ATOM   411  C  CG1   . ILE A 1 52  ? -5.586  11.172  7.262   1.00 17.75 ? 48  ILE A CG1   1 
ATOM   412  C  CG2   . ILE A 1 52  ? -4.344  9.427   8.620   1.00 22.18 ? 48  ILE A CG2   1 
ATOM   413  C  CD1   . ILE A 1 52  ? -4.857  10.822  5.994   1.00 14.29 ? 48  ILE A CD1   1 
ATOM   414  N  N     . THR A 1 53  ? -4.965  13.683  9.576   1.00 18.55 ? 49  THR A N     1 
ATOM   415  C  CA    . THR A 1 53  ? -5.180  15.103  9.341   1.00 23.34 ? 49  THR A CA    1 
ATOM   416  C  C     . THR A 1 53  ? -4.459  15.524  8.073   1.00 19.94 ? 49  THR A C     1 
ATOM   417  O  O     . THR A 1 53  ? -3.260  15.319  7.944   1.00 22.45 ? 49  THR A O     1 
ATOM   418  C  CB    . THR A 1 53  ? -4.681  15.952  10.521  1.00 21.17 ? 49  THR A CB    1 
ATOM   419  O  OG1   . THR A 1 53  ? -5.306  15.501  11.726  1.00 21.43 ? 49  THR A OG1   1 
ATOM   420  C  CG2   . THR A 1 53  ? -5.008  17.426  10.305  1.00 21.31 ? 49  THR A CG2   1 
ATOM   421  N  N     . ILE A 1 54  ? -5.205  16.095  7.135   1.00 17.11 ? 50  ILE A N     1 
ATOM   422  C  CA    . ILE A 1 54  ? -4.654  16.611  5.894   1.00 13.62 ? 50  ILE A CA    1 
ATOM   423  C  C     . ILE A 1 54  ? -5.188  18.031  5.728   1.00 14.52 ? 50  ILE A C     1 
ATOM   424  O  O     . ILE A 1 54  ? -6.400  18.224  5.788   1.00 18.38 ? 50  ILE A O     1 
ATOM   425  C  CB    . ILE A 1 54  ? -5.065  15.751  4.672   1.00 13.59 ? 50  ILE A CB    1 
ATOM   426  C  CG1   . ILE A 1 54  ? -4.548  14.318  4.811   1.00 13.90 ? 50  ILE A CG1   1 
ATOM   427  C  CG2   . ILE A 1 54  ? -4.546  16.361  3.389   1.00 12.84 ? 50  ILE A CG2   1 
ATOM   428  C  CD1   . ILE A 1 54  ? -3.046  14.200  4.732   1.00 13.28 ? 50  ILE A CD1   1 
ATOM   429  N  N     . ASP A 1 55  ? -4.298  19.008  5.554   1.00 14.07 ? 51  ASP A N     1 
ATOM   430  C  CA    . ASP A 1 55  ? -4.710  20.405  5.356   1.00 16.49 ? 51  ASP A CA    1 
ATOM   431  C  C     . ASP A 1 55  ? -5.693  20.826  6.458   1.00 19.78 ? 51  ASP A C     1 
ATOM   432  O  O     . ASP A 1 55  ? -6.691  21.494  6.196   1.00 19.26 ? 51  ASP A O     1 
ATOM   433  C  CB    . ASP A 1 55  ? -5.340  20.572  3.963   1.00 17.88 ? 51  ASP A CB    1 
ATOM   434  C  CG    . ASP A 1 55  ? -5.660  22.034  3.611   1.00 21.75 ? 51  ASP A CG    1 
ATOM   435  O  OD1   . ASP A 1 55  ? -4.910  22.931  4.031   1.00 24.69 ? 51  ASP A OD1   1 
ATOM   436  O  OD2   . ASP A 1 55  ? -6.659  22.275  2.895   1.00 23.34 ? 51  ASP A OD2   1 
ATOM   437  N  N     . GLY A 1 56  ? -5.432  20.376  7.681   1.00 17.92 ? 52  GLY A N     1 
ATOM   438  C  CA    . GLY A 1 56  ? -6.285  20.679  8.816   1.00 18.94 ? 52  GLY A CA    1 
ATOM   439  C  C     . GLY A 1 56  ? -7.625  19.965  8.847   1.00 22.18 ? 52  GLY A C     1 
ATOM   440  O  O     . GLY A 1 56  ? -8.423  20.178  9.760   1.00 21.77 ? 52  GLY A O     1 
ATOM   441  N  N     . LYS A 1 57  ? -7.879  19.102  7.869   1.00 16.61 ? 53  LYS A N     1 
ATOM   442  C  CA    . LYS A 1 57  ? -9.156  18.404  7.811   1.00 16.24 ? 53  LYS A CA    1 
ATOM   443  C  C     . LYS A 1 57  ? -9.058  16.941  8.273   1.00 22.19 ? 53  LYS A C     1 
ATOM   444  O  O     . LYS A 1 57  ? -8.039  16.292  8.073   1.00 21.74 ? 53  LYS A O     1 
ATOM   445  C  CB    . LYS A 1 57  ? -9.714  18.470  6.393   1.00 17.50 ? 53  LYS A CB    1 
ATOM   446  C  CG    . LYS A 1 57  ? -9.837  19.891  5.854   1.00 20.78 ? 53  LYS A CG    1 
ATOM   447  C  CD    . LYS A 1 57  ? -10.710 19.923  4.613   1.00 23.82 ? 53  LYS A CD    1 
ATOM   448  C  CE    . LYS A 1 57  ? -10.544 21.216  3.825   1.00 22.54 ? 53  LYS A CE    1 
ATOM   449  N  NZ    . LYS A 1 57  ? -11.081 20.990  2.450   1.00 22.21 ? 53  LYS A NZ    1 
ATOM   450  N  N     . GLN A 1 58  ? -10.131 16.441  8.885   1.00 20.71 ? 54  GLN A N     1 
ATOM   451  C  CA    . GLN A 1 58  ? -10.193 15.059  9.346   1.00 23.54 ? 54  GLN A CA    1 
ATOM   452  C  C     . GLN A 1 58  ? -10.577 14.110  8.227   1.00 21.72 ? 54  GLN A C     1 
ATOM   453  O  O     . GLN A 1 58  ? -11.706 14.135  7.733   1.00 24.17 ? 54  GLN A O     1 
ATOM   454  C  CB    . GLN A 1 58  ? -11.190 14.909  10.499  1.00 20.75 ? 54  GLN A CB    1 
ATOM   455  C  CG    . GLN A 1 58  ? -10.708 15.483  11.818  1.00 22.76 ? 54  GLN A CG    1 
ATOM   456  C  CD    . GLN A 1 58  ? -9.312  15.016  12.174  1.00 29.27 ? 54  GLN A CD    1 
ATOM   457  O  OE1   . GLN A 1 58  ? -8.354  15.790  12.102  1.00 26.98 ? 54  GLN A OE1   1 
ATOM   458  N  NE2   . GLN A 1 58  ? -9.185  13.745  12.558  1.00 23.77 ? 54  GLN A NE2   1 
ATOM   459  N  N     . ILE A 1 59  ? -9.637  13.255  7.847   1.00 17.87 ? 55  ILE A N     1 
ATOM   460  C  CA    . ILE A 1 59  ? -9.880  12.291  6.797   1.00 13.05 ? 55  ILE A CA    1 
ATOM   461  C  C     . ILE A 1 59  ? -9.722  10.886  7.364   1.00 17.05 ? 55  ILE A C     1 
ATOM   462  O  O     . ILE A 1 59  ? -8.776  10.603  8.101   1.00 15.72 ? 55  ILE A O     1 
ATOM   463  C  CB    . ILE A 1 59  ? -8.930  12.527  5.605   1.00 17.35 ? 55  ILE A CB    1 
ATOM   464  C  CG1   . ILE A 1 59  ? -9.194  13.925  5.014   1.00 17.67 ? 55  ILE A CG1   1 
ATOM   465  C  CG2   . ILE A 1 59  ? -9.079  11.416  4.532   1.00 13.97 ? 55  ILE A CG2   1 
ATOM   466  C  CD1   . ILE A 1 59  ? -8.376  14.270  3.766   1.00 16.59 ? 55  ILE A CD1   1 
ATOM   467  N  N     . LYS A 1 60  ? -10.680 10.020  7.058   1.00 16.66 ? 56  LYS A N     1 
ATOM   468  C  CA    . LYS A 1 60  ? -10.592 8.622   7.463   1.00 17.03 ? 56  LYS A CA    1 
ATOM   469  C  C     . LYS A 1 60  ? -10.034 7.758   6.336   1.00 14.47 ? 56  LYS A C     1 
ATOM   470  O  O     . LYS A 1 60  ? -10.526 7.790   5.210   1.00 16.92 ? 56  LYS A O     1 
ATOM   471  C  CB    . LYS A 1 60  ? -11.960 8.098   7.893   1.00 13.88 ? 56  LYS A CB    1 
ATOM   472  C  CG    . LYS A 1 60  ? -11.939 6.645   8.401   1.00 17.25 ? 56  LYS A CG    1 
ATOM   473  C  CD    . LYS A 1 60  ? -13.180 6.387   9.240   1.00 26.01 ? 56  LYS A CD    1 
ATOM   474  C  CE    . LYS A 1 60  ? -13.048 5.118   10.045  1.00 26.57 ? 56  LYS A CE    1 
ATOM   475  N  NZ    . LYS A 1 60  ? -14.236 4.923   10.918  1.00 22.81 ? 56  LYS A NZ    1 
ATOM   476  N  N     . LEU A 1 61  ? -8.999  6.987   6.645   1.00 14.49 ? 57  LEU A N     1 
ATOM   477  C  CA    . LEU A 1 61  ? -8.453  6.039   5.690   1.00 13.60 ? 57  LEU A CA    1 
ATOM   478  C  C     . LEU A 1 61  ? -9.100  4.680   5.939   1.00 17.16 ? 57  LEU A C     1 
ATOM   479  O  O     . LEU A 1 61  ? -9.104  4.191   7.065   1.00 19.16 ? 57  LEU A O     1 
ATOM   480  C  CB    . LEU A 1 61  ? -6.921  5.951   5.818   1.00 12.63 ? 57  LEU A CB    1 
ATOM   481  C  CG    . LEU A 1 61  ? -6.130  7.253   5.601   1.00 15.19 ? 57  LEU A CG    1 
ATOM   482  C  CD1   . LEU A 1 61  ? -4.619  6.982   5.670   1.00 15.74 ? 57  LEU A CD1   1 
ATOM   483  C  CD2   . LEU A 1 61  ? -6.517  7.893   4.275   1.00 10.66 ? 57  LEU A CD2   1 
ATOM   484  N  N     . GLN A 1 62  ? -9.689  4.095   4.903   1.00 14.34 ? 58  GLN A N     1 
ATOM   485  C  CA    . GLN A 1 62  ? -10.212 2.737   4.986   1.00 12.45 ? 58  GLN A CA    1 
ATOM   486  C  C     . GLN A 1 62  ? -9.291  1.844   4.174   1.00 16.21 ? 58  GLN A C     1 
ATOM   487  O  O     . GLN A 1 62  ? -9.172  1.998   2.955   1.00 16.35 ? 58  GLN A O     1 
ATOM   488  C  CB    . GLN A 1 62  ? -11.651 2.661   4.461   1.00 15.07 ? 58  GLN A CB    1 
ATOM   489  C  CG    . GLN A 1 62  ? -12.269 1.279   4.519   1.00 13.39 ? 58  GLN A CG    1 
ATOM   490  C  CD    . GLN A 1 62  ? -13.554 1.206   3.727   1.00 18.34 ? 58  GLN A CD    1 
ATOM   491  O  OE1   . GLN A 1 62  ? -13.539 0.957   2.519   1.00 20.19 ? 58  GLN A OE1   1 
ATOM   492  N  NE2   . GLN A 1 62  ? -14.680 1.432   4.400   1.00 27.10 ? 58  GLN A NE2   1 
ATOM   493  N  N     . ILE A 1 63  ? -8.629  0.917   4.848   1.00 13.22 ? 59  ILE A N     1 
ATOM   494  C  CA    . ILE A 1 63  ? -7.519  0.220   4.229   1.00 14.43 ? 59  ILE A CA    1 
ATOM   495  C  C     . ILE A 1 63  ? -7.821  -1.256  4.064   1.00 15.78 ? 59  ILE A C     1 
ATOM   496  O  O     . ILE A 1 63  ? -8.135  -1.952  5.028   1.00 18.82 ? 59  ILE A O     1 
ATOM   497  C  CB    . ILE A 1 63  ? -6.247  0.426   5.045   1.00 17.15 ? 59  ILE A CB    1 
ATOM   498  C  CG1   . ILE A 1 63  ? -5.979  1.936   5.175   1.00 17.16 ? 59  ILE A CG1   1 
ATOM   499  C  CG2   . ILE A 1 63  ? -5.076  -0.258  4.381   1.00 10.97 ? 59  ILE A CG2   1 
ATOM   500  C  CD1   . ILE A 1 63  ? -4.947  2.296   6.218   1.00 19.44 ? 59  ILE A CD1   1 
ATOM   501  N  N     . TRP A 1 64  ? -7.765  -1.709  2.818   1.00 13.29 ? 60  TRP A N     1 
ATOM   502  C  CA    . TRP A 1 64  ? -8.048  -3.097  2.469   1.00 13.01 ? 60  TRP A CA    1 
ATOM   503  C  C     . TRP A 1 64  ? -6.754  -3.882  2.300   1.00 18.97 ? 60  TRP A C     1 
ATOM   504  O  O     . TRP A 1 64  ? -6.084  -3.775  1.281   1.00 15.12 ? 60  TRP A O     1 
ATOM   505  C  CB    . TRP A 1 64  ? -8.866  -3.173  1.177   1.00 14.73 ? 60  TRP A CB    1 
ATOM   506  C  CG    . TRP A 1 64  ? -10.235 -2.570  1.267   1.00 12.70 ? 60  TRP A CG    1 
ATOM   507  C  CD1   . TRP A 1 64  ? -10.571 -1.351  1.812   1.00 18.03 ? 60  TRP A CD1   1 
ATOM   508  C  CD2   . TRP A 1 64  ? -11.458 -3.135  0.769   1.00 15.43 ? 60  TRP A CD2   1 
ATOM   509  N  NE1   . TRP A 1 64  ? -11.927 -1.140  1.692   1.00 17.79 ? 60  TRP A NE1   1 
ATOM   510  C  CE2   . TRP A 1 64  ? -12.495 -2.219  1.059   1.00 23.24 ? 60  TRP A CE2   1 
ATOM   511  C  CE3   . TRP A 1 64  ? -11.777 -4.328  0.106   1.00 19.19 ? 60  TRP A CE3   1 
ATOM   512  C  CZ2   . TRP A 1 64  ? -13.832 -2.463  0.708   1.00 21.34 ? 60  TRP A CZ2   1 
ATOM   513  C  CZ3   . TRP A 1 64  ? -13.103 -4.574  -0.231  1.00 20.08 ? 60  TRP A CZ3   1 
ATOM   514  C  CH2   . TRP A 1 64  ? -14.114 -3.643  0.072   1.00 24.62 ? 60  TRP A CH2   1 
ATOM   515  N  N     . ASP A 1 65  ? -6.406  -4.654  3.319   1.00 11.55 ? 61  ASP A N     1 
ATOM   516  C  CA    . ASP A 1 65  ? -5.224  -5.502  3.298   1.00 20.20 ? 61  ASP A CA    1 
ATOM   517  C  C     . ASP A 1 65  ? -5.571  -6.837  2.640   1.00 21.08 ? 61  ASP A C     1 
ATOM   518  O  O     . ASP A 1 65  ? -6.494  -7.514  3.082   1.00 19.03 ? 61  ASP A O     1 
ATOM   519  C  CB    . ASP A 1 65  ? -4.722  -5.710  4.726   1.00 19.94 ? 61  ASP A CB    1 
ATOM   520  C  CG    . ASP A 1 65  ? -3.410  -6.448  4.785   1.00 17.16 ? 61  ASP A CG    1 
ATOM   521  O  OD1   . ASP A 1 65  ? -2.725  -6.519  3.741   1.00 17.42 ? 61  ASP A OD1   1 
ATOM   522  O  OD2   . ASP A 1 65  ? -3.067  -6.945  5.882   1.00 17.09 ? 61  ASP A OD2   1 
ATOM   523  N  N     . THR A 1 66  ? -4.843  -7.211  1.587   1.00 18.47 ? 62  THR A N     1 
ATOM   524  C  CA    . THR A 1 66  ? -5.229  -8.346  0.745   1.00 13.89 ? 62  THR A CA    1 
ATOM   525  C  C     . THR A 1 66  ? -4.251  -9.514  0.806   1.00 14.17 ? 62  THR A C     1 
ATOM   526  O  O     . THR A 1 66  ? -3.163  -9.401  1.375   1.00 17.81 ? 62  THR A O     1 
ATOM   527  C  CB    . THR A 1 66  ? -5.372  -7.912  -0.725  1.00 20.27 ? 62  THR A CB    1 
ATOM   528  O  OG1   . THR A 1 66  ? -4.087  -7.551  -1.247  1.00 16.88 ? 62  THR A OG1   1 
ATOM   529  C  CG2   . THR A 1 66  ? -6.321  -6.708  -0.842  1.00 15.81 ? 62  THR A CG2   1 
ATOM   530  N  N     . ALA A 1 67  ? -4.660  -10.646 0.237   1.00 13.66 ? 63  ALA A N     1 
ATOM   531  C  CA    . ALA A 1 67  ? -3.831  -11.844 0.199   1.00 15.10 ? 63  ALA A CA    1 
ATOM   532  C  C     . ALA A 1 67  ? -2.787  -11.746 -0.908  1.00 13.18 ? 63  ALA A C     1 
ATOM   533  O  O     . ALA A 1 67  ? -3.126  -11.505 -2.060  1.00 17.37 ? 63  ALA A O     1 
ATOM   534  C  CB    . ALA A 1 67  ? -4.704  -13.103 -0.001  1.00 13.66 ? 63  ALA A CB    1 
ATOM   535  N  N     . GLY A 1 68  ? -1.515  -11.906 -0.554  1.00 12.97 ? 64  GLY A N     1 
ATOM   536  C  CA    . GLY A 1 68  ? -0.482  -12.057 -1.561  1.00 10.16 ? 64  GLY A CA    1 
ATOM   537  C  C     . GLY A 1 68  ? -0.361  -13.485 -2.082  1.00 14.60 ? 64  GLY A C     1 
ATOM   538  O  O     . GLY A 1 68  ? 0.020   -13.691 -3.238  1.00 16.96 ? 64  GLY A O     1 
ATOM   539  N  N     . LEU A 1 69  ? -0.662  -14.475 -1.240  1.00 14.07 ? 65  LEU A N     1 
ATOM   540  C  CA    . LEU A 1 69  ? -0.502  -15.885 -1.629  1.00 13.15 ? 65  LEU A CA    1 
ATOM   541  C  C     . LEU A 1 69  ? -1.437  -16.252 -2.774  1.00 19.53 ? 65  LEU A C     1 
ATOM   542  O  O     . LEU A 1 69  ? -2.660  -16.157 -2.645  1.00 18.93 ? 65  LEU A O     1 
ATOM   543  C  CB    . LEU A 1 69  ? -0.763  -16.829 -0.452  1.00 15.16 ? 65  LEU A CB    1 
ATOM   544  C  CG    . LEU A 1 69  ? -0.379  -18.280 -0.741  1.00 21.59 ? 65  LEU A CG    1 
ATOM   545  C  CD1   . LEU A 1 69  ? 1.132   -18.393 -0.911  1.00 13.61 ? 65  LEU A CD1   1 
ATOM   546  C  CD2   . LEU A 1 69  ? -0.879  -19.234 0.342   1.00 14.83 ? 65  LEU A CD2   1 
ATOM   547  N  N     . GLU A 1 70  ? -0.860  -16.693 -3.885  1.00 17.66 ? 66  GLU A N     1 
ATOM   548  C  CA    . GLU A 1 70  ? -1.635  -16.973 -5.087  1.00 25.61 ? 66  GLU A CA    1 
ATOM   549  C  C     . GLU A 1 70  ? -2.749  -17.994 -4.822  1.00 21.49 ? 66  GLU A C     1 
ATOM   550  O  O     . GLU A 1 70  ? -3.828  -17.909 -5.404  1.00 20.15 ? 66  GLU A O     1 
ATOM   551  C  CB    . GLU A 1 70  ? -0.715  -17.468 -6.210  1.00 25.10 ? 66  GLU A CB    1 
ATOM   552  C  CG    . GLU A 1 70  ? -1.376  -17.442 -7.582  1.00 38.42 ? 66  GLU A CG    1 
ATOM   553  C  CD    . GLU A 1 70  ? -0.584  -18.189 -8.646  1.00 54.15 ? 66  GLU A CD    1 
ATOM   554  O  OE1   . GLU A 1 70  ? 0.603   -18.516 -8.404  1.00 50.84 ? 66  GLU A OE1   1 
ATOM   555  O  OE2   . GLU A 1 70  ? -1.161  -18.459 -9.724  1.00 48.20 ? 66  GLU A OE2   1 
ATOM   556  N  N     . ALA A 1 71  ? -2.485  -18.937 -3.920  1.00 22.49 ? 67  ALA A N     1 
ATOM   557  C  CA    . ALA A 1 71  ? -3.445  -19.983 -3.586  1.00 22.77 ? 67  ALA A CA    1 
ATOM   558  C  C     . ALA A 1 71  ? -4.697  -19.428 -2.908  1.00 25.51 ? 67  ALA A C     1 
ATOM   559  O  O     . ALA A 1 71  ? -5.771  -20.031 -2.994  1.00 18.25 ? 67  ALA A O     1 
ATOM   560  C  CB    . ALA A 1 71  ? -2.783  -21.028 -2.691  1.00 22.24 ? 67  ALA A CB    1 
ATOM   561  N  N     . PHE A 1 72  ? -4.550  -18.288 -2.230  1.00 17.45 ? 68  PHE A N     1 
ATOM   562  C  CA    . PHE A 1 72  ? -5.661  -17.647 -1.515  1.00 19.89 ? 68  PHE A CA    1 
ATOM   563  C  C     . PHE A 1 72  ? -6.354  -16.535 -2.315  1.00 25.30 ? 68  PHE A C     1 
ATOM   564  O  O     . PHE A 1 72  ? -7.459  -16.129 -1.974  1.00 26.77 ? 68  PHE A O     1 
ATOM   565  C  CB    . PHE A 1 72  ? -5.172  -17.058 -0.189  1.00 20.39 ? 68  PHE A CB    1 
ATOM   566  C  CG    . PHE A 1 72  ? -4.631  -18.074 0.777   1.00 19.45 ? 68  PHE A CG    1 
ATOM   567  C  CD1   . PHE A 1 72  ? -4.887  -19.435 0.614   1.00 20.63 ? 68  PHE A CD1   1 
ATOM   568  C  CD2   . PHE A 1 72  ? -3.869  -17.671 1.857   1.00 21.36 ? 68  PHE A CD2   1 
ATOM   569  C  CE1   . PHE A 1 72  ? -4.384  -20.363 1.507   1.00 23.26 ? 68  PHE A CE1   1 
ATOM   570  C  CE2   . PHE A 1 72  ? -3.369  -18.597 2.758   1.00 23.29 ? 68  PHE A CE2   1 
ATOM   571  C  CZ    . PHE A 1 72  ? -3.626  -19.945 2.579   1.00 23.74 ? 68  PHE A CZ    1 
ATOM   572  N  N     . ARG A 1 73  ? -5.696  -16.044 -3.365  1.00 25.45 ? 69  ARG A N     1 
ATOM   573  C  CA    . ARG A 1 73  ? -6.182  -14.896 -4.144  1.00 25.70 ? 69  ARG A CA    1 
ATOM   574  C  C     . ARG A 1 73  ? -7.354  -15.220 -5.051  1.00 22.28 ? 69  ARG A C     1 
ATOM   575  O  O     . ARG A 1 73  ? -7.267  -16.128 -5.876  1.00 26.13 ? 69  ARG A O     1 
ATOM   576  C  CB    . ARG A 1 73  ? -5.044  -14.318 -5.007  1.00 24.80 ? 69  ARG A CB    1 
ATOM   577  C  CG    . ARG A 1 73  ? -4.161  -13.317 -4.278  1.00 38.35 ? 69  ARG A CG    1 
ATOM   578  C  CD    . ARG A 1 73  ? -2.722  -13.219 -4.808  1.00 37.85 ? 69  ARG A CD    1 
ATOM   579  N  NE    . ARG A 1 73  ? -2.588  -13.258 -6.265  1.00 30.67 ? 69  ARG A NE    1 
ATOM   580  C  CZ    . ARG A 1 73  ? -1.427  -13.450 -6.886  1.00 22.49 ? 69  ARG A CZ    1 
ATOM   581  N  NH1   . ARG A 1 73  ? -1.373  -13.473 -8.209  1.00 25.25 ? 69  ARG A NH1   1 
ATOM   582  N  NH2   . ARG A 1 73  ? -0.314  -13.617 -6.180  1.00 23.06 ? 69  ARG A NH2   1 
ATOM   583  N  N     . SER A 1 74  ? -8.440  -14.460 -4.931  1.00 21.54 ? 70  SER A N     1 
ATOM   584  C  CA    . SER A 1 74  ? -9.573  -14.628 -5.838  1.00 19.19 ? 70  SER A CA    1 
ATOM   585  C  C     . SER A 1 74  ? -9.224  -14.257 -7.283  1.00 21.07 ? 70  SER A C     1 
ATOM   586  O  O     . SER A 1 74  ? -8.379  -13.396 -7.533  1.00 28.68 ? 70  SER A O     1 
ATOM   587  C  CB    . SER A 1 74  ? -10.764 -13.787 -5.375  1.00 25.64 ? 70  SER A CB    1 
ATOM   588  O  OG    . SER A 1 74  ? -11.811 -13.825 -6.344  1.00 24.90 ? 70  SER A OG    1 
ATOM   589  N  N     . ILE A 1 75  ? -9.887  -14.906 -8.231  1.00 24.45 ? 71  ILE A N     1 
ATOM   590  C  CA    . ILE A 1 75  ? -9.764  -14.540 -9.638  1.00 30.54 ? 71  ILE A CA    1 
ATOM   591  C  C     . ILE A 1 75  ? -10.695 -13.362 -9.933  1.00 31.16 ? 71  ILE A C     1 
ATOM   592  O  O     . ILE A 1 75  ? -10.625 -12.756 -10.996 1.00 28.57 ? 71  ILE A O     1 
ATOM   593  C  CB    . ILE A 1 75  ? -10.097 -15.729 -10.577 1.00 35.04 ? 71  ILE A CB    1 
ATOM   594  C  CG1   . ILE A 1 75  ? -9.502  -15.510 -11.971 1.00 41.52 ? 71  ILE A CG1   1 
ATOM   595  C  CG2   . ILE A 1 75  ? -11.615 -15.953 -10.671 1.00 28.57 ? 71  ILE A CG2   1 
ATOM   596  C  CD1   . ILE A 1 75  ? -8.000  -15.552 -12.009 1.00 41.00 ? 71  ILE A CD1   1 
ATOM   597  N  N     . THR A 1 76  ? -11.576 -13.050 -8.986  1.00 23.05 ? 72  THR A N     1 
ATOM   598  C  CA    . THR A 1 76  ? -12.472 -11.909 -9.122  1.00 27.86 ? 72  THR A CA    1 
ATOM   599  C  C     . THR A 1 76  ? -11.838 -10.707 -8.416  1.00 25.91 ? 72  THR A C     1 
ATOM   600  O  O     . THR A 1 76  ? -11.699 -10.678 -7.194  1.00 23.05 ? 72  THR A O     1 
ATOM   601  C  CB    . THR A 1 76  ? -13.880 -12.212 -8.551  1.00 25.23 ? 72  THR A CB    1 
ATOM   602  O  OG1   . THR A 1 76  ? -14.361 -13.450 -9.093  1.00 27.48 ? 72  THR A OG1   1 
ATOM   603  C  CG2   . THR A 1 76  ? -14.863 -11.100 -8.897  1.00 23.68 ? 72  THR A CG2   1 
ATOM   604  N  N     . ARG A 1 77  ? -11.441 -9.717  -9.207  1.00 27.44 ? 73  ARG A N     1 
ATOM   605  C  CA    . ARG A 1 77  ? -10.600 -8.636  -8.707  1.00 28.76 ? 73  ARG A CA    1 
ATOM   606  C  C     . ARG A 1 77  ? -11.471 -7.451  -8.309  1.00 34.95 ? 73  ARG A C     1 
ATOM   607  O  O     . ARG A 1 77  ? -11.069 -6.294  -8.414  1.00 33.45 ? 73  ARG A O     1 
ATOM   608  C  CB    . ARG A 1 77  ? -9.583  -8.226  -9.777  1.00 36.20 ? 73  ARG A CB    1 
ATOM   609  C  CG    . ARG A 1 77  ? -9.096  -9.375  -10.675 1.00 32.50 ? 73  ARG A CG    1 
ATOM   610  C  CD    . ARG A 1 77  ? -8.313  -10.413 -9.893  1.00 34.30 ? 73  ARG A CD    1 
ATOM   611  N  NE    . ARG A 1 77  ? -7.219  -9.788  -9.150  1.00 36.22 ? 73  ARG A NE    1 
ATOM   612  C  CZ    . ARG A 1 77  ? -6.963  -10.002 -7.860  1.00 41.97 ? 73  ARG A CZ    1 
ATOM   613  N  NH1   . ARG A 1 77  ? -7.720  -10.837 -7.153  1.00 40.63 ? 73  ARG A NH1   1 
ATOM   614  N  NH2   . ARG A 1 77  ? -5.945  -9.381  -7.273  1.00 37.91 ? 73  ARG A NH2   1 
ATOM   615  N  N     . SER A 1 78  ? -12.665 -7.772  -7.829  1.00 44.06 ? 74  SER A N     1 
ATOM   616  C  CA    A SER A 1 78  ? -13.702 -6.791  -7.535  0.50 40.90 ? 74  SER A CA    1 
ATOM   617  C  CA    B SER A 1 78  ? -13.690 -6.767  -7.554  0.50 40.88 ? 74  SER A CA    1 
ATOM   618  C  C     . SER A 1 78  ? -13.360 -5.834  -6.391  1.00 37.11 ? 74  SER A C     1 
ATOM   619  O  O     . SER A 1 78  ? -13.911 -4.733  -6.306  1.00 37.28 ? 74  SER A O     1 
ATOM   620  C  CB    A SER A 1 78  ? -14.997 -7.524  -7.204  0.50 36.21 ? 74  SER A CB    1 
ATOM   621  C  CB    B SER A 1 78  ? -15.037 -7.448  -7.289  0.50 36.23 ? 74  SER A CB    1 
ATOM   622  O  OG    A SER A 1 78  ? -14.788 -8.390  -6.102  0.50 33.62 ? 74  SER A OG    1 
ATOM   623  O  OG    B SER A 1 78  ? -15.801 -7.574  -8.474  0.50 35.89 ? 74  SER A OG    1 
ATOM   624  N  N     . TYR A 1 79  ? -12.457 -6.250  -5.508  1.00 34.13 ? 75  TYR A N     1 
ATOM   625  C  CA    . TYR A 1 79  ? -12.141 -5.426  -4.341  1.00 45.22 ? 75  TYR A CA    1 
ATOM   626  C  C     . TYR A 1 79  ? -11.301 -4.172  -4.670  1.00 41.65 ? 75  TYR A C     1 
ATOM   627  O  O     . TYR A 1 79  ? -11.060 -3.338  -3.803  1.00 34.66 ? 75  TYR A O     1 
ATOM   628  C  CB    . TYR A 1 79  ? -11.446 -6.265  -3.242  1.00 44.91 ? 75  TYR A CB    1 
ATOM   629  C  CG    . TYR A 1 79  ? -10.152 -6.956  -3.625  1.00 43.74 ? 75  TYR A CG    1 
ATOM   630  C  CD1   . TYR A 1 79  ? -8.967  -6.249  -3.698  1.00 54.12 ? 75  TYR A CD1   1 
ATOM   631  C  CD2   . TYR A 1 79  ? -10.104 -8.326  -3.840  1.00 48.87 ? 75  TYR A CD2   1 
ATOM   632  C  CE1   . TYR A 1 79  ? -7.772  -6.872  -4.034  1.00 57.51 ? 75  TYR A CE1   1 
ATOM   633  C  CE2   . TYR A 1 79  ? -8.909  -8.961  -4.168  1.00 50.63 ? 75  TYR A CE2   1 
ATOM   634  C  CZ    . TYR A 1 79  ? -7.744  -8.221  -4.262  1.00 48.13 ? 75  TYR A CZ    1 
ATOM   635  O  OH    . TYR A 1 79  ? -6.535  -8.801  -4.587  1.00 59.86 ? 75  TYR A OH    1 
ATOM   636  N  N     . TYR A 1 80  ? -10.869 -4.035  -5.919  1.00 38.74 ? 76  TYR A N     1 
ATOM   637  C  CA    . TYR A 1 80  ? -10.185 -2.820  -6.355  1.00 34.99 ? 76  TYR A CA    1 
ATOM   638  C  C     . TYR A 1 80  ? -11.125 -1.622  -6.406  1.00 34.94 ? 76  TYR A C     1 
ATOM   639  O  O     . TYR A 1 80  ? -10.712 -0.482  -6.176  1.00 30.90 ? 76  TYR A O     1 
ATOM   640  C  CB    . TYR A 1 80  ? -9.570  -3.001  -7.748  1.00 35.06 ? 76  TYR A CB    1 
ATOM   641  C  CG    . TYR A 1 80  ? -8.253  -3.735  -7.784  1.00 31.32 ? 76  TYR A CG    1 
ATOM   642  C  CD1   . TYR A 1 80  ? -7.071  -3.072  -7.533  1.00 39.16 ? 76  TYR A CD1   1 
ATOM   643  C  CD2   . TYR A 1 80  ? -8.189  -5.070  -8.119  1.00 38.49 ? 76  TYR A CD2   1 
ATOM   644  C  CE1   . TYR A 1 80  ? -5.866  -3.728  -7.560  1.00 34.63 ? 76  TYR A CE1   1 
ATOM   645  C  CE2   . TYR A 1 80  ? -6.983  -5.734  -8.167  1.00 40.15 ? 76  TYR A CE2   1 
ATOM   646  C  CZ    . TYR A 1 80  ? -5.824  -5.056  -7.893  1.00 33.22 ? 76  TYR A CZ    1 
ATOM   647  O  OH    . TYR A 1 80  ? -4.614  -5.713  -7.929  1.00 43.89 ? 76  TYR A OH    1 
ATOM   648  N  N     . ARG A 1 81  ? -12.383 -1.884  -6.746  1.00 24.48 ? 77  ARG A N     1 
ATOM   649  C  CA    . ARG A 1 81  ? -13.295 -0.819  -7.136  1.00 33.50 ? 77  ARG A CA    1 
ATOM   650  C  C     . ARG A 1 81  ? -13.588 0.129   -5.968  1.00 25.17 ? 77  ARG A C     1 
ATOM   651  O  O     . ARG A 1 81  ? -13.825 -0.298  -4.837  1.00 29.22 ? 77  ARG A O     1 
ATOM   652  C  CB    . ARG A 1 81  ? -14.582 -1.424  -7.713  1.00 35.16 ? 77  ARG A CB    1 
ATOM   653  C  CG    . ARG A 1 81  ? -15.619 -0.408  -8.146  1.00 36.37 ? 77  ARG A CG    1 
ATOM   654  C  CD    . ARG A 1 81  ? -15.319 0.240   -9.503  1.00 42.83 ? 77  ARG A CD    1 
ATOM   655  N  NE    . ARG A 1 81  ? -16.264 1.334   -9.747  1.00 42.01 ? 77  ARG A NE    1 
ATOM   656  C  CZ    . ARG A 1 81  ? -16.280 2.121   -10.824 1.00 43.13 ? 77  ARG A CZ    1 
ATOM   657  N  NH1   . ARG A 1 81  ? -15.387 1.966   -11.798 1.00 57.38 ? 77  ARG A NH1   1 
ATOM   658  N  NH2   . ARG A 1 81  ? -17.193 3.076   -10.921 1.00 33.44 ? 77  ARG A NH2   1 
ATOM   659  N  N     . GLY A 1 82  ? -13.522 1.425   -6.244  1.00 24.07 ? 78  GLY A N     1 
ATOM   660  C  CA    . GLY A 1 82  ? -13.704 2.431   -5.211  1.00 25.72 ? 78  GLY A CA    1 
ATOM   661  C  C     . GLY A 1 82  ? -12.445 2.884   -4.481  1.00 27.02 ? 78  GLY A C     1 
ATOM   662  O  O     . GLY A 1 82  ? -12.513 3.760   -3.618  1.00 23.12 ? 78  GLY A O     1 
ATOM   663  N  N     . ALA A 1 83  ? -11.295 2.301   -4.802  1.00 16.21 ? 79  ALA A N     1 
ATOM   664  C  CA    . ALA A 1 83  ? -10.073 2.679   -4.103  1.00 15.17 ? 79  ALA A CA    1 
ATOM   665  C  C     . ALA A 1 83  ? -9.552  4.007   -4.643  1.00 23.44 ? 79  ALA A C     1 
ATOM   666  O  O     . ALA A 1 83  ? -9.374  4.156   -5.841  1.00 19.76 ? 79  ALA A O     1 
ATOM   667  C  CB    . ALA A 1 83  ? -9.023  1.609   -4.251  1.00 16.35 ? 79  ALA A CB    1 
ATOM   668  N  N     . ALA A 1 84  ? -9.307  4.965   -3.758  1.00 17.10 ? 80  ALA A N     1 
ATOM   669  C  CA    . ALA A 1 84  ? -8.708  6.237   -4.152  1.00 18.90 ? 80  ALA A CA    1 
ATOM   670  C  C     . ALA A 1 84  ? -7.186  6.100   -4.227  1.00 17.93 ? 80  ALA A C     1 
ATOM   671  O  O     . ALA A 1 84  ? -6.518  6.861   -4.922  1.00 18.38 ? 80  ALA A O     1 
ATOM   672  C  CB    . ALA A 1 84  ? -9.105  7.341   -3.167  1.00 16.48 ? 80  ALA A CB    1 
ATOM   673  N  N     . GLY A 1 85  ? -6.648  5.115   -3.510  1.00 19.28 ? 81  GLY A N     1 
ATOM   674  C  CA    . GLY A 1 85  ? -5.208  4.899   -3.453  1.00 14.95 ? 81  GLY A CA    1 
ATOM   675  C  C     . GLY A 1 85  ? -4.859  3.423   -3.418  1.00 18.93 ? 81  GLY A C     1 
ATOM   676  O  O     . GLY A 1 85  ? -5.660  2.606   -2.968  1.00 13.42 ? 81  GLY A O     1 
ATOM   677  N  N     . ALA A 1 86  ? -3.673  3.075   -3.912  1.00 14.34 ? 82  ALA A N     1 
ATOM   678  C  CA    . ALA A 1 86  ? -3.178  1.712   -3.784  1.00 17.92 ? 82  ALA A CA    1 
ATOM   679  C  C     . ALA A 1 86  ? -1.744  1.748   -3.305  1.00 17.45 ? 82  ALA A C     1 
ATOM   680  O  O     . ALA A 1 86  ? -0.938  2.526   -3.809  1.00 15.00 ? 82  ALA A O     1 
ATOM   681  C  CB    . ALA A 1 86  ? -3.278  0.964   -5.103  1.00 13.33 ? 82  ALA A CB    1 
ATOM   682  N  N     . LEU A 1 87  ? -1.436  0.918   -2.316  1.00 15.12 ? 83  LEU A N     1 
ATOM   683  C  CA    . LEU A 1 87  ? -0.057  0.720   -1.901  1.00 15.03 ? 83  LEU A CA    1 
ATOM   684  C  C     . LEU A 1 87  ? 0.429   -0.558  -2.550  1.00 16.00 ? 83  LEU A C     1 
ATOM   685  O  O     . LEU A 1 87  ? -0.038  -1.653  -2.202  1.00 11.36 ? 83  LEU A O     1 
ATOM   686  C  CB    . LEU A 1 87  ? 0.075   0.637   -0.378  1.00 12.77 ? 83  LEU A CB    1 
ATOM   687  C  CG    . LEU A 1 87  ? -0.334  1.850   0.471   1.00 25.67 ? 83  LEU A CG    1 
ATOM   688  C  CD1   . LEU A 1 87  ? 0.495   1.959   1.736   1.00 21.05 ? 83  LEU A CD1   1 
ATOM   689  C  CD2   . LEU A 1 87  ? -0.251  3.122   -0.311  1.00 15.06 ? 83  LEU A CD2   1 
ATOM   690  N  N     . LEU A 1 88  ? 1.343   -0.424  -3.510  1.00 12.98 ? 84  LEU A N     1 
ATOM   691  C  CA    . LEU A 1 88  ? 1.874   -1.593  -4.214  1.00 17.11 ? 84  LEU A CA    1 
ATOM   692  C  C     . LEU A 1 88  ? 3.247   -1.968  -3.661  1.00 15.69 ? 84  LEU A C     1 
ATOM   693  O  O     . LEU A 1 88  ? 4.207   -1.210  -3.785  1.00 18.32 ? 84  LEU A O     1 
ATOM   694  C  CB    . LEU A 1 88  ? 1.932   -1.314  -5.714  1.00 18.18 ? 84  LEU A CB    1 
ATOM   695  C  CG    . LEU A 1 88  ? 2.554   -2.368  -6.622  1.00 24.71 ? 84  LEU A CG    1 
ATOM   696  C  CD1   . LEU A 1 88  ? 1.840   -3.692  -6.461  1.00 18.37 ? 84  LEU A CD1   1 
ATOM   697  C  CD2   . LEU A 1 88  ? 2.505   -1.903  -8.058  1.00 22.67 ? 84  LEU A CD2   1 
ATOM   698  N  N     . VAL A 1 89  ? 3.337   -3.138  -3.035  1.00 16.22 ? 85  VAL A N     1 
ATOM   699  C  CA    . VAL A 1 89  ? 4.476   -3.435  -2.182  1.00 11.29 ? 85  VAL A CA    1 
ATOM   700  C  C     . VAL A 1 89  ? 5.342   -4.589  -2.705  1.00 14.12 ? 85  VAL A C     1 
ATOM   701  O  O     . VAL A 1 89  ? 4.839   -5.628  -3.177  1.00 12.74 ? 85  VAL A O     1 
ATOM   702  C  CB    . VAL A 1 89  ? 4.004   -3.771  -0.737  1.00 18.75 ? 85  VAL A CB    1 
ATOM   703  C  CG1   . VAL A 1 89  ? 5.186   -3.860  0.216   1.00 13.53 ? 85  VAL A CG1   1 
ATOM   704  C  CG2   . VAL A 1 89  ? 2.990   -2.743  -0.243  1.00 14.37 ? 85  VAL A CG2   1 
ATOM   705  N  N     . TYR A 1 90  ? 6.650   -4.396  -2.632  1.00 11.47 ? 86  TYR A N     1 
ATOM   706  C  CA    . TYR A 1 90  ? 7.585   -5.492  -2.861  1.00 16.31 ? 86  TYR A CA    1 
ATOM   707  C  C     . TYR A 1 90  ? 8.622   -5.556  -1.741  1.00 14.20 ? 86  TYR A C     1 
ATOM   708  O  O     . TYR A 1 90  ? 8.719   -4.657  -0.904  1.00 17.15 ? 86  TYR A O     1 
ATOM   709  C  CB    . TYR A 1 90  ? 8.264   -5.360  -4.235  1.00 14.96 ? 86  TYR A CB    1 
ATOM   710  C  CG    . TYR A 1 90  ? 9.219   -4.201  -4.392  1.00 11.32 ? 86  TYR A CG    1 
ATOM   711  C  CD1   . TYR A 1 90  ? 8.760   -2.925  -4.758  1.00 13.41 ? 86  TYR A CD1   1 
ATOM   712  C  CD2   . TYR A 1 90  ? 10.587  -4.377  -4.205  1.00 17.58 ? 86  TYR A CD2   1 
ATOM   713  C  CE1   . TYR A 1 90  ? 9.649   -1.858  -4.919  1.00 13.01 ? 86  TYR A CE1   1 
ATOM   714  C  CE2   . TYR A 1 90  ? 11.483  -3.317  -4.352  1.00 12.29 ? 86  TYR A CE2   1 
ATOM   715  C  CZ    . TYR A 1 90  ? 11.005  -2.065  -4.709  1.00 19.72 ? 86  TYR A CZ    1 
ATOM   716  O  OH    . TYR A 1 90  ? 11.903  -1.034  -4.860  1.00 15.38 ? 86  TYR A OH    1 
ATOM   717  N  N     . ASP A 1 91  ? 9.377   -6.645  -1.730  1.00 15.56 ? 87  ASP A N     1 
ATOM   718  C  CA    . ASP A 1 91  ? 10.397  -6.915  -0.734  1.00 15.33 ? 87  ASP A CA    1 
ATOM   719  C  C     . ASP A 1 91  ? 11.731  -6.530  -1.362  1.00 15.34 ? 87  ASP A C     1 
ATOM   720  O  O     . ASP A 1 91  ? 12.095  -7.125  -2.376  1.00 17.21 ? 87  ASP A O     1 
ATOM   721  C  CB    . ASP A 1 91  ? 10.349  -8.414  -0.356  1.00 14.41 ? 87  ASP A CB    1 
ATOM   722  C  CG    . ASP A 1 91  ? 11.235  -8.777  0.816   1.00 17.70 ? 87  ASP A CG    1 
ATOM   723  O  OD1   . ASP A 1 91  ? 12.246  -8.081  1.072   1.00 16.55 ? 87  ASP A OD1   1 
ATOM   724  O  OD2   . ASP A 1 91  ? 10.911  -9.795  1.480   1.00 18.24 ? 87  ASP A OD2   1 
ATOM   725  N  N     . ILE A 1 92  ? 12.455  -5.551  -0.802  1.00 16.84 ? 88  ILE A N     1 
ATOM   726  C  CA    . ILE A 1 92  ? 13.732  -5.146  -1.410  1.00 14.49 ? 88  ILE A CA    1 
ATOM   727  C  C     . ILE A 1 92  ? 14.766  -6.289  -1.383  1.00 13.14 ? 88  ILE A C     1 
ATOM   728  O  O     . ILE A 1 92  ? 15.749  -6.249  -2.123  1.00 13.98 ? 88  ILE A O     1 
ATOM   729  C  CB    . ILE A 1 92  ? 14.380  -3.902  -0.740  1.00 16.49 ? 88  ILE A CB    1 
ATOM   730  C  CG1   . ILE A 1 92  ? 14.810  -4.203  0.691   1.00 19.00 ? 88  ILE A CG1   1 
ATOM   731  C  CG2   . ILE A 1 92  ? 13.456  -2.678  -0.796  1.00 14.21 ? 88  ILE A CG2   1 
ATOM   732  C  CD1   . ILE A 1 92  ? 16.056  -3.451  1.095   1.00 24.10 ? 88  ILE A CD1   1 
ATOM   733  N  N     . THR A 1 93  ? 14.548  -7.291  -0.531  1.00 15.98 ? 89  THR A N     1 
ATOM   734  C  CA    . THR A 1 93  ? 15.461  -8.436  -0.468  1.00 15.31 ? 89  THR A CA    1 
ATOM   735  C  C     . THR A 1 93  ? 15.052  -9.595  -1.368  1.00 18.70 ? 89  THR A C     1 
ATOM   736  O  O     . THR A 1 93  ? 15.696  -10.657 -1.343  1.00 17.77 ? 89  THR A O     1 
ATOM   737  C  CB    . THR A 1 93  ? 15.584  -9.012  0.971   1.00 19.04 ? 89  THR A CB    1 
ATOM   738  O  OG1   . THR A 1 93  ? 14.401  -9.763  1.293   1.00 13.72 ? 89  THR A OG1   1 
ATOM   739  C  CG2   . THR A 1 93  ? 15.807  -7.890  1.997   1.00 18.78 ? 89  THR A CG2   1 
ATOM   740  N  N     . ARG A 1 94  ? 13.984  -9.440  -2.142  1.00 17.78 ? 90  ARG A N     1 
ATOM   741  C  CA    . ARG A 1 94  ? 13.535  -10.569 -2.966  1.00 19.96 ? 90  ARG A CA    1 
ATOM   742  C  C     . ARG A 1 94  ? 13.150  -10.155 -4.377  1.00 18.31 ? 90  ARG A C     1 
ATOM   743  O  O     . ARG A 1 94  ? 12.041  -9.683  -4.626  1.00 16.70 ? 90  ARG A O     1 
ATOM   744  C  CB    . ARG A 1 94  ? 12.364  -11.300 -2.290  1.00 15.02 ? 90  ARG A CB    1 
ATOM   745  C  CG    . ARG A 1 94  ? 12.793  -12.205 -1.138  1.00 13.90 ? 90  ARG A CG    1 
ATOM   746  C  CD    . ARG A 1 94  ? 11.660  -13.108 -0.671  1.00 22.65 ? 90  ARG A CD    1 
ATOM   747  N  NE    . ARG A 1 94  ? 10.573  -12.360 -0.041  1.00 20.84 ? 90  ARG A NE    1 
ATOM   748  C  CZ    . ARG A 1 94  ? 9.296   -12.464 -0.392  1.00 18.83 ? 90  ARG A CZ    1 
ATOM   749  N  NH1   . ARG A 1 94  ? 8.372   -11.742 0.236   1.00 21.45 ? 90  ARG A NH1   1 
ATOM   750  N  NH2   . ARG A 1 94  ? 8.943   -13.288 -1.372  1.00 20.56 ? 90  ARG A NH2   1 
ATOM   751  N  N     . ARG A 1 95  ? 14.084  -10.373 -5.297  1.00 20.11 ? 91  ARG A N     1 
ATOM   752  C  CA    . ARG A 1 95  ? 13.963  -9.908  -6.665  1.00 17.75 ? 91  ARG A CA    1 
ATOM   753  C  C     . ARG A 1 95  ? 12.647  -10.340 -7.304  1.00 19.06 ? 91  ARG A C     1 
ATOM   754  O  O     . ARG A 1 95  ? 12.065  -9.568  -8.056  1.00 15.09 ? 91  ARG A O     1 
ATOM   755  C  CB    . ARG A 1 95  ? 15.152  -10.403 -7.494  1.00 21.53 ? 91  ARG A CB    1 
ATOM   756  C  CG    . ARG A 1 95  ? 14.994  -10.274 -9.007  1.00 24.03 ? 91  ARG A CG    1 
ATOM   757  C  CD    . ARG A 1 95  ? 14.977  -8.835  -9.474  1.00 21.45 ? 91  ARG A CD    1 
ATOM   758  N  NE    . ARG A 1 95  ? 16.168  -8.104  -9.048  1.00 23.23 ? 91  ARG A NE    1 
ATOM   759  C  CZ    . ARG A 1 95  ? 16.453  -6.861  -9.428  1.00 29.69 ? 91  ARG A CZ    1 
ATOM   760  N  NH1   . ARG A 1 95  ? 15.641  -6.228  -10.260 1.00 18.11 ? 91  ARG A NH1   1 
ATOM   761  N  NH2   . ARG A 1 95  ? 17.553  -6.256  -8.985  1.00 17.98 ? 91  ARG A NH2   1 
ATOM   762  N  N     . GLU A 1 96  ? 12.161  -11.545 -6.992  1.00 16.82 ? 92  GLU A N     1 
ATOM   763  C  CA    . GLU A 1 96  ? 10.962  -12.050 -7.665  1.00 16.68 ? 92  GLU A CA    1 
ATOM   764  C  C     . GLU A 1 96  ? 9.727   -11.203 -7.349  1.00 17.01 ? 92  GLU A C     1 
ATOM   765  O  O     . GLU A 1 96  ? 8.843   -11.053 -8.194  1.00 15.90 ? 92  GLU A O     1 
ATOM   766  C  CB    . GLU A 1 96  ? 10.702  -13.537 -7.327  1.00 14.21 ? 92  GLU A CB    1 
ATOM   767  C  CG    . GLU A 1 96  ? 10.257  -13.864 -5.907  1.00 22.08 ? 92  GLU A CG    1 
ATOM   768  C  CD    . GLU A 1 96  ? 11.414  -13.950 -4.907  1.00 27.79 ? 92  GLU A CD    1 
ATOM   769  O  OE1   . GLU A 1 96  ? 12.489  -13.360 -5.178  1.00 20.64 ? 92  GLU A OE1   1 
ATOM   770  O  OE2   . GLU A 1 96  ? 11.247  -14.613 -3.850  1.00 18.90 ? 92  GLU A OE2   1 
ATOM   771  N  N     . THR A 1 97  ? 9.671   -10.627 -6.151  1.00 20.43 ? 93  THR A N     1 
ATOM   772  C  CA    . THR A 1 97  ? 8.525   -9.794  -5.774  1.00 18.41 ? 93  THR A CA    1 
ATOM   773  C  C     . THR A 1 97  ? 8.535   -8.480  -6.563  1.00 17.56 ? 93  THR A C     1 
ATOM   774  O  O     . THR A 1 97  ? 7.476   -7.911  -6.839  1.00 14.90 ? 93  THR A O     1 
ATOM   775  C  CB    . THR A 1 97  ? 8.495   -9.519  -4.247  1.00 15.59 ? 93  THR A CB    1 
ATOM   776  O  OG1   . THR A 1 97  ? 9.521   -8.578  -3.879  1.00 15.90 ? 93  THR A OG1   1 
ATOM   777  C  CG2   . THR A 1 97  ? 8.699   -10.850 -3.482  1.00 16.66 ? 93  THR A CG2   1 
ATOM   778  N  N     . PHE A 1 98  ? 9.728   -8.029  -6.948  1.00 14.05 ? 94  PHE A N     1 
ATOM   779  C  CA    . PHE A 1 98  ? 9.887   -6.846  -7.801  1.00 19.72 ? 94  PHE A CA    1 
ATOM   780  C  C     . PHE A 1 98  ? 9.531   -7.180  -9.254  1.00 18.70 ? 94  PHE A C     1 
ATOM   781  O  O     . PHE A 1 98  ? 8.906   -6.372  -9.957  1.00 14.77 ? 94  PHE A O     1 
ATOM   782  C  CB    . PHE A 1 98  ? 11.325  -6.297  -7.699  1.00 13.32 ? 94  PHE A CB    1 
ATOM   783  C  CG    . PHE A 1 98  ? 11.577  -5.067  -8.525  1.00 18.16 ? 94  PHE A CG    1 
ATOM   784  C  CD1   . PHE A 1 98  ? 11.266  -3.803  -8.036  1.00 17.05 ? 94  PHE A CD1   1 
ATOM   785  C  CD2   . PHE A 1 98  ? 12.159  -5.169  -9.777  1.00 19.53 ? 94  PHE A CD2   1 
ATOM   786  C  CE1   . PHE A 1 98  ? 11.509  -2.666  -8.798  1.00 18.36 ? 94  PHE A CE1   1 
ATOM   787  C  CE2   . PHE A 1 98  ? 12.408  -4.036  -10.548 1.00 19.05 ? 94  PHE A CE2   1 
ATOM   788  C  CZ    . PHE A 1 98  ? 12.074  -2.784  -10.062 1.00 16.22 ? 94  PHE A CZ    1 
ATOM   789  N  N     . ASN A 1 99  ? 9.898   -8.377  -9.708  1.00 15.20 ? 95  ASN A N     1 
ATOM   790  C  CA    . ASN A 1 99  ? 9.552   -8.772  -11.076 1.00 16.52 ? 95  ASN A CA    1 
ATOM   791  C  C     . ASN A 1 99  ? 8.036   -8.904  -11.272 1.00 18.20 ? 95  ASN A C     1 
ATOM   792  O  O     . ASN A 1 99  ? 7.536   -8.695  -12.372 1.00 19.68 ? 95  ASN A O     1 
ATOM   793  C  CB    . ASN A 1 99  ? 10.261  -10.086 -11.471 1.00 16.94 ? 95  ASN A CB    1 
ATOM   794  C  CG    . ASN A 1 99  ? 11.757  -9.894  -11.702 1.00 26.20 ? 95  ASN A CG    1 
ATOM   795  O  OD1   . ASN A 1 99  ? 12.241  -8.770  -11.743 1.00 23.84 ? 95  ASN A OD1   1 
ATOM   796  N  ND2   . ASN A 1 99  ? 12.492  -10.994 -11.862 1.00 25.32 ? 95  ASN A ND2   1 
ATOM   797  N  N     . HIS A 1 100 ? 7.298   -9.220  -10.210 1.00 14.67 ? 96  HIS A N     1 
ATOM   798  C  CA    . HIS A 1 100 ? 5.844   -9.369  -10.323 1.00 14.41 ? 96  HIS A CA    1 
ATOM   799  C  C     . HIS A 1 100 ? 5.091   -8.041  -10.357 1.00 17.09 ? 96  HIS A C     1 
ATOM   800  O  O     . HIS A 1 100 ? 3.868   -8.040  -10.472 1.00 18.10 ? 96  HIS A O     1 
ATOM   801  C  CB    . HIS A 1 100 ? 5.290   -10.214 -9.164  1.00 14.16 ? 96  HIS A CB    1 
ATOM   802  C  CG    . HIS A 1 100 ? 5.688   -11.661 -9.224  1.00 19.16 ? 96  HIS A CG    1 
ATOM   803  N  ND1   . HIS A 1 100 ? 5.958   -12.405 -8.095  1.00 20.79 ? 96  HIS A ND1   1 
ATOM   804  C  CD2   . HIS A 1 100 ? 5.851   -12.499 -10.273 1.00 20.19 ? 96  HIS A CD2   1 
ATOM   805  C  CE1   . HIS A 1 100 ? 6.277   -13.640 -8.448  1.00 20.07 ? 96  HIS A CE1   1 
ATOM   806  N  NE2   . HIS A 1 100 ? 6.225   -13.722 -9.763  1.00 26.64 ? 96  HIS A NE2   1 
ATOM   807  N  N     . LEU A 1 101 ? 5.800   -6.920  -10.257 1.00 17.13 ? 97  LEU A N     1 
ATOM   808  C  CA    . LEU A 1 101 ? 5.132   -5.622  -10.137 1.00 17.74 ? 97  LEU A CA    1 
ATOM   809  C  C     . LEU A 1 101 ? 4.333   -5.294  -11.384 1.00 15.85 ? 97  LEU A C     1 
ATOM   810  O  O     . LEU A 1 101 ? 3.221   -4.755  -11.299 1.00 24.18 ? 97  LEU A O     1 
ATOM   811  C  CB    . LEU A 1 101 ? 6.138   -4.500  -9.863  1.00 13.33 ? 97  LEU A CB    1 
ATOM   812  C  CG    . LEU A 1 101 ? 6.761   -4.439  -8.467  1.00 20.01 ? 97  LEU A CG    1 
ATOM   813  C  CD1   . LEU A 1 101 ? 7.867   -3.417  -8.465  1.00 14.96 ? 97  LEU A CD1   1 
ATOM   814  C  CD2   . LEU A 1 101 ? 5.731   -4.107  -7.392  1.00 14.00 ? 97  LEU A CD2   1 
ATOM   815  N  N     . THR A 1 102 ? 4.901   -5.605  -12.545 1.00 22.92 ? 98  THR A N     1 
ATOM   816  C  CA    . THR A 1 102 ? 4.230   -5.298  -13.803 1.00 21.69 ? 98  THR A CA    1 
ATOM   817  C  C     . THR A 1 102 ? 2.852   -5.950  -13.806 1.00 17.63 ? 98  THR A C     1 
ATOM   818  O  O     . THR A 1 102 ? 1.868   -5.314  -14.148 1.00 17.79 ? 98  THR A O     1 
ATOM   819  C  CB    . THR A 1 102 ? 5.055   -5.756  -15.031 1.00 23.26 ? 98  THR A CB    1 
ATOM   820  O  OG1   . THR A 1 102 ? 5.715   -6.991  -14.735 1.00 46.51 ? 98  THR A OG1   1 
ATOM   821  C  CG2   . THR A 1 102 ? 6.110   -4.725  -15.385 1.00 23.73 ? 98  THR A CG2   1 
ATOM   822  N  N     . THR A 1 103 ? 2.769   -7.201  -13.361 1.00 21.78 ? 99  THR A N     1 
ATOM   823  C  CA    . THR A 1 103 ? 1.486   -7.899  -13.391 1.00 25.51 ? 99  THR A CA    1 
ATOM   824  C  C     . THR A 1 103 ? 0.509   -7.345  -12.350 1.00 18.63 ? 99  THR A C     1 
ATOM   825  O  O     . THR A 1 103 ? -0.666  -7.149  -12.648 1.00 20.76 ? 99  THR A O     1 
ATOM   826  C  CB    . THR A 1 103 ? 1.672   -9.411  -13.182 1.00 19.42 ? 99  THR A CB    1 
ATOM   827  O  OG1   . THR A 1 103 ? 2.705   -9.871  -14.054 1.00 26.16 ? 99  THR A OG1   1 
ATOM   828  C  CG2   . THR A 1 103 ? 0.382   -10.156 -13.499 1.00 21.32 ? 99  THR A CG2   1 
ATOM   829  N  N     . TRP A 1 104 ? 0.988   -7.096  -11.130 1.00 18.01 ? 100 TRP A N     1 
ATOM   830  C  CA    . TRP A 1 104 ? 0.175   -6.426  -10.118 1.00 15.85 ? 100 TRP A CA    1 
ATOM   831  C  C     . TRP A 1 104 ? -0.354  -5.073  -10.624 1.00 28.14 ? 100 TRP A C     1 
ATOM   832  O  O     . TRP A 1 104 ? -1.506  -4.705  -10.372 1.00 18.08 ? 100 TRP A O     1 
ATOM   833  C  CB    . TRP A 1 104 ? 0.977   -6.195  -8.826  1.00 17.79 ? 100 TRP A CB    1 
ATOM   834  C  CG    . TRP A 1 104 ? 1.099   -7.391  -7.940  1.00 20.61 ? 100 TRP A CG    1 
ATOM   835  C  CD1   . TRP A 1 104 ? 2.238   -8.085  -7.648  1.00 13.47 ? 100 TRP A CD1   1 
ATOM   836  C  CD2   . TRP A 1 104 ? 0.043   -8.036  -7.225  1.00 16.07 ? 100 TRP A CD2   1 
ATOM   837  N  NE1   . TRP A 1 104 ? 1.960   -9.117  -6.797  1.00 14.69 ? 100 TRP A NE1   1 
ATOM   838  C  CE2   . TRP A 1 104 ? 0.616   -9.116  -6.522  1.00 16.96 ? 100 TRP A CE2   1 
ATOM   839  C  CE3   . TRP A 1 104 ? -1.333  -7.806  -7.114  1.00 16.63 ? 100 TRP A CE3   1 
ATOM   840  C  CZ2   . TRP A 1 104 ? -0.138  -9.967  -5.720  1.00 18.83 ? 100 TRP A CZ2   1 
ATOM   841  C  CZ3   . TRP A 1 104 ? -2.081  -8.645  -6.317  1.00 21.08 ? 100 TRP A CZ3   1 
ATOM   842  C  CH2   . TRP A 1 104 ? -1.485  -9.724  -5.637  1.00 19.72 ? 100 TRP A CH2   1 
ATOM   843  N  N     . LEU A 1 105 ? 0.495   -4.324  -11.322 1.00 20.90 ? 101 LEU A N     1 
ATOM   844  C  CA    . LEU A 1 105 ? 0.112   -2.986  -11.780 1.00 19.94 ? 101 LEU A CA    1 
ATOM   845  C  C     . LEU A 1 105 ? -0.975  -3.069  -12.849 1.00 19.98 ? 101 LEU A C     1 
ATOM   846  O  O     . LEU A 1 105 ? -1.981  -2.360  -12.779 1.00 26.11 ? 101 LEU A O     1 
ATOM   847  C  CB    . LEU A 1 105 ? 1.328   -2.225  -12.313 1.00 20.84 ? 101 LEU A CB    1 
ATOM   848  C  CG    . LEU A 1 105 ? 1.077   -0.768  -12.712 1.00 24.91 ? 101 LEU A CG    1 
ATOM   849  C  CD1   . LEU A 1 105 ? 0.622   0.048   -11.519 1.00 26.70 ? 101 LEU A CD1   1 
ATOM   850  C  CD2   . LEU A 1 105 ? 2.324   -0.174  -13.323 1.00 19.71 ? 101 LEU A CD2   1 
ATOM   851  N  N     . GLU A 1 106 ? -0.762  -3.943  -13.831 1.00 27.65 ? 102 GLU A N     1 
ATOM   852  C  CA    . GLU A 1 106 ? -1.763  -4.230  -14.853 1.00 28.31 ? 102 GLU A CA    1 
ATOM   853  C  C     . GLU A 1 106 ? -3.086  -4.659  -14.229 1.00 31.72 ? 102 GLU A C     1 
ATOM   854  O  O     . GLU A 1 106 ? -4.133  -4.105  -14.557 1.00 30.48 ? 102 GLU A O     1 
ATOM   855  C  CB    . GLU A 1 106 ? -1.257  -5.321  -15.802 1.00 34.70 ? 102 GLU A CB    1 
ATOM   856  C  CG    . GLU A 1 106 ? -0.061  -4.906  -16.647 1.00 45.66 ? 102 GLU A CG    1 
ATOM   857  C  CD    . GLU A 1 106 ? 0.488   -6.042  -17.510 1.00 59.51 ? 102 GLU A CD    1 
ATOM   858  O  OE1   . GLU A 1 106 ? 0.458   -7.215  -17.064 1.00 49.65 ? 102 GLU A OE1   1 
ATOM   859  O  OE2   . GLU A 1 106 ? 0.953   -5.757  -18.636 1.00 64.40 ? 102 GLU A OE2   1 
ATOM   860  N  N     . ASP A 1 107 ? -3.024  -5.647  -13.335 1.00 29.12 ? 103 ASP A N     1 
ATOM   861  C  CA    . ASP A 1 107 ? -4.182  -6.094  -12.554 1.00 25.41 ? 103 ASP A CA    1 
ATOM   862  C  C     . ASP A 1 107 ? -4.893  -4.907  -11.902 1.00 27.13 ? 103 ASP A C     1 
ATOM   863  O  O     . ASP A 1 107 ? -6.112  -4.790  -11.954 1.00 27.21 ? 103 ASP A O     1 
ATOM   864  C  CB    . ASP A 1 107 ? -3.737  -7.109  -11.483 1.00 26.81 ? 103 ASP A CB    1 
ATOM   865  C  CG    . ASP A 1 107 ? -4.901  -7.664  -10.657 1.00 36.05 ? 103 ASP A CG    1 
ATOM   866  O  OD1   . ASP A 1 107 ? -5.919  -8.072  -11.246 1.00 29.70 ? 103 ASP A OD1   1 
ATOM   867  O  OD2   . ASP A 1 107 ? -4.793  -7.701  -9.410  1.00 26.56 ? 103 ASP A OD2   1 
ATOM   868  N  N     . ALA A 1 108 ? -4.119  -4.012  -11.310 1.00 23.84 ? 104 ALA A N     1 
ATOM   869  C  CA    . ALA A 1 108 ? -4.684  -2.898  -10.567 1.00 21.38 ? 104 ALA A CA    1 
ATOM   870  C  C     . ALA A 1 108 ? -5.383  -1.898  -11.481 1.00 33.33 ? 104 ALA A C     1 
ATOM   871  O  O     . ALA A 1 108 ? -6.460  -1.389  -11.169 1.00 32.32 ? 104 ALA A O     1 
ATOM   872  C  CB    . ALA A 1 108 ? -3.594  -2.201  -9.759  1.00 24.00 ? 104 ALA A CB    1 
ATOM   873  N  N     . ARG A 1 109 ? -4.766  -1.613  -12.615 1.00 30.66 ? 105 ARG A N     1 
ATOM   874  C  CA    . ARG A 1 109 ? -5.294  -0.581  -13.488 1.00 39.00 ? 105 ARG A CA    1 
ATOM   875  C  C     . ARG A 1 109 ? -6.415  -1.103  -14.371 1.00 37.10 ? 105 ARG A C     1 
ATOM   876  O  O     . ARG A 1 109 ? -7.217  -0.324  -14.865 1.00 35.39 ? 105 ARG A O     1 
ATOM   877  C  CB    . ARG A 1 109 ? -4.165  0.020   -14.334 1.00 29.97 ? 105 ARG A CB    1 
ATOM   878  C  CG    . ARG A 1 109 ? -3.153  0.783   -13.487 1.00 36.90 ? 105 ARG A CG    1 
ATOM   879  C  CD    . ARG A 1 109 ? -2.369  1.787   -14.297 1.00 38.16 ? 105 ARG A CD    1 
ATOM   880  N  NE    . ARG A 1 109 ? -2.000  2.960   -13.507 1.00 30.74 ? 105 ARG A NE    1 
ATOM   881  C  CZ    . ARG A 1 109 ? -0.814  3.557   -13.577 1.00 30.61 ? 105 ARG A CZ    1 
ATOM   882  N  NH1   . ARG A 1 109 ? 0.121   3.079   -14.389 1.00 24.11 ? 105 ARG A NH1   1 
ATOM   883  N  NH2   . ARG A 1 109 ? -0.557  4.626   -12.830 1.00 26.12 ? 105 ARG A NH2   1 
ATOM   884  N  N     . GLN A 1 110 ? -6.483  -2.420  -14.557 1.00 30.46 ? 106 GLN A N     1 
ATOM   885  C  CA    . GLN A 1 110 ? -7.556  -2.985  -15.370 1.00 36.33 ? 106 GLN A CA    1 
ATOM   886  C  C     . GLN A 1 110 ? -8.859  -3.095  -14.581 1.00 35.12 ? 106 GLN A C     1 
ATOM   887  O  O     . GLN A 1 110 ? -9.932  -3.226  -15.165 1.00 46.54 ? 106 GLN A O     1 
ATOM   888  C  CB    . GLN A 1 110 ? -7.176  -4.366  -15.930 1.00 39.63 ? 106 GLN A CB    1 
ATOM   889  C  CG    . GLN A 1 110 ? -5.962  -4.364  -16.847 1.00 46.89 ? 106 GLN A CG    1 
ATOM   890  C  CD    . GLN A 1 110 ? -6.312  -4.182  -18.310 1.00 65.55 ? 106 GLN A CD    1 
ATOM   891  O  OE1   . GLN A 1 110 ? -7.458  -3.881  -18.659 1.00 62.09 ? 106 GLN A OE1   1 
ATOM   892  N  NE2   . GLN A 1 110 ? -5.316  -4.349  -19.177 1.00 56.22 ? 106 GLN A NE2   1 
ATOM   893  N  N     . HIS A 1 111 ? -8.771  -3.046  -13.257 1.00 34.56 ? 107 HIS A N     1 
ATOM   894  C  CA    . HIS A 1 111 ? -9.958  -3.248  -12.431 1.00 39.50 ? 107 HIS A CA    1 
ATOM   895  C  C     . HIS A 1 111 ? -10.228 -2.066  -11.535 1.00 29.79 ? 107 HIS A C     1 
ATOM   896  O  O     . HIS A 1 111 ? -11.037 -2.145  -10.615 1.00 27.70 ? 107 HIS A O     1 
ATOM   897  C  CB    . HIS A 1 111 ? -9.824  -4.516  -11.587 1.00 33.38 ? 107 HIS A CB    1 
ATOM   898  C  CG    . HIS A 1 111 ? -9.580  -5.745  -12.398 1.00 30.00 ? 107 HIS A CG    1 
ATOM   899  N  ND1   . HIS A 1 111 ? -8.317  -6.225  -12.661 1.00 31.62 ? 107 HIS A ND1   1 
ATOM   900  C  CD2   . HIS A 1 111 ? -10.441 -6.583  -13.025 1.00 27.00 ? 107 HIS A CD2   1 
ATOM   901  C  CE1   . HIS A 1 111 ? -8.407  -7.308  -13.411 1.00 29.14 ? 107 HIS A CE1   1 
ATOM   902  N  NE2   . HIS A 1 111 ? -9.686  -7.547  -13.644 1.00 31.35 ? 107 HIS A NE2   1 
ATOM   903  N  N     . SER A 1 112 ? -9.553  -0.963  -11.819 1.00 37.30 ? 108 SER A N     1 
ATOM   904  C  CA    . SER A 1 112 ? -9.719  0.248   -11.038 1.00 29.50 ? 108 SER A CA    1 
ATOM   905  C  C     . SER A 1 112 ? -9.716  1.477   -11.936 1.00 39.53 ? 108 SER A C     1 
ATOM   906  O  O     . SER A 1 112 ? -9.668  1.363   -13.159 1.00 42.00 ? 108 SER A O     1 
ATOM   907  C  CB    . SER A 1 112 ? -8.615  0.351   -9.980  1.00 42.97 ? 108 SER A CB    1 
ATOM   908  O  OG    . SER A 1 112 ? -8.490  1.676   -9.490  1.00 67.60 ? 108 SER A OG    1 
ATOM   909  N  N     . ASN A 1 113 ? -9.782  2.653   -11.322 1.00 42.38 ? 109 ASN A N     1 
ATOM   910  C  CA    . ASN A 1 113 ? -9.733  3.904   -12.068 1.00 44.75 ? 109 ASN A CA    1 
ATOM   911  C  C     . ASN A 1 113 ? -8.305  4.274   -12.458 1.00 41.08 ? 109 ASN A C     1 
ATOM   912  O  O     . ASN A 1 113 ? -7.361  3.977   -11.722 1.00 36.40 ? 109 ASN A O     1 
ATOM   913  C  CB    . ASN A 1 113 ? -10.346 5.042   -11.249 1.00 49.30 ? 109 ASN A CB    1 
ATOM   914  C  CG    . ASN A 1 113 ? -11.851 5.121   -11.393 1.00 50.85 ? 109 ASN A CG    1 
ATOM   915  O  OD1   . ASN A 1 113 ? -12.488 4.217   -11.938 1.00 43.64 ? 109 ASN A OD1   1 
ATOM   916  N  ND2   . ASN A 1 113 ? -12.431 6.216   -10.901 1.00 57.11 ? 109 ASN A ND2   1 
ATOM   917  N  N     . SER A 1 114 ? -8.154  4.929   -13.611 1.00 40.91 ? 110 SER A N     1 
ATOM   918  C  CA    . SER A 1 114 ? -6.873  5.519   -14.008 1.00 38.99 ? 110 SER A CA    1 
ATOM   919  C  C     . SER A 1 114 ? -6.537  6.648   -13.036 1.00 43.14 ? 110 SER A C     1 
ATOM   920  O  O     . SER A 1 114 ? -5.397  7.104   -12.945 1.00 48.52 ? 110 SER A O     1 
ATOM   921  C  CB    . SER A 1 114 ? -6.932  6.042   -15.445 1.00 46.26 ? 110 SER A CB    1 
ATOM   922  O  OG    . SER A 1 114 ? -7.871  7.107   -15.574 1.00 40.19 ? 110 SER A OG    1 
ATOM   923  N  N     . ASN A 1 115 ? -7.570  7.076   -12.316 1.00 38.10 ? 111 ASN A N     1 
ATOM   924  C  CA    . ASN A 1 115 ? -7.504  8.064   -11.241 1.00 48.82 ? 111 ASN A CA    1 
ATOM   925  C  C     . ASN A 1 115 ? -6.612  7.690   -10.075 1.00 36.24 ? 111 ASN A C     1 
ATOM   926  O  O     . ASN A 1 115 ? -5.908  8.533   -9.521  1.00 41.26 ? 111 ASN A O     1 
ATOM   927  C  CB    . ASN A 1 115 ? -8.905  8.287   -10.683 1.00 42.09 ? 111 ASN A CB    1 
ATOM   928  C  CG    . ASN A 1 115 ? -9.530  9.548   -11.181 1.00 44.99 ? 111 ASN A CG    1 
ATOM   929  O  OD1   . ASN A 1 115 ? -8.843  10.440  -11.683 1.00 61.62 ? 111 ASN A OD1   1 
ATOM   930  N  ND2   . ASN A 1 115 ? -10.850 9.638   -11.054 1.00 38.35 ? 111 ASN A ND2   1 
ATOM   931  N  N     . MET A 1 116 ? -6.706  6.423   -9.689  1.00 27.74 ? 112 MET A N     1 
ATOM   932  C  CA    . MET A 1 116 ? -6.145  5.923   -8.452  1.00 19.13 ? 112 MET A CA    1 
ATOM   933  C  C     . MET A 1 116 ? -4.702  6.340   -8.251  1.00 22.18 ? 112 MET A C     1 
ATOM   934  O  O     . MET A 1 116 ? -3.854  6.092   -9.102  1.00 24.25 ? 112 MET A O     1 
ATOM   935  C  CB    . MET A 1 116 ? -6.252  4.402   -8.423  1.00 24.82 ? 112 MET A CB    1 
ATOM   936  C  CG    . MET A 1 116 ? -6.049  3.789   -7.068  1.00 19.96 ? 112 MET A CG    1 
ATOM   937  S  SD    . MET A 1 116 ? -6.473  2.036   -7.088  1.00 24.31 ? 112 MET A SD    1 
ATOM   938  C  CE    . MET A 1 116 ? -5.336  1.445   -8.342  1.00 26.34 ? 112 MET A CE    1 
ATOM   939  N  N     . VAL A 1 117 ? -4.435  6.992   -7.127  1.00 19.27 ? 113 VAL A N     1 
ATOM   940  C  CA    . VAL A 1 117 ? -3.069  7.305   -6.726  1.00 13.38 ? 113 VAL A CA    1 
ATOM   941  C  C     . VAL A 1 117 ? -2.356  6.017   -6.312  1.00 21.16 ? 113 VAL A C     1 
ATOM   942  O  O     . VAL A 1 117 ? -2.827  5.299   -5.432  1.00 17.69 ? 113 VAL A O     1 
ATOM   943  C  CB    . VAL A 1 117 ? -3.050  8.319   -5.568  1.00 17.76 ? 113 VAL A CB    1 
ATOM   944  C  CG1   . VAL A 1 117 ? -1.654  8.478   -4.999  1.00 15.61 ? 113 VAL A CG1   1 
ATOM   945  C  CG2   . VAL A 1 117 ? -3.598  9.664   -6.034  1.00 10.89 ? 113 VAL A CG2   1 
ATOM   946  N  N     . ILE A 1 118 ? -1.235  5.712   -6.955  1.00 18.00 ? 114 ILE A N     1 
ATOM   947  C  CA    . ILE A 1 118 ? -0.505  4.489   -6.630  1.00 20.55 ? 114 ILE A CA    1 
ATOM   948  C  C     . ILE A 1 118 ? 0.855   4.822   -6.011  1.00 16.95 ? 114 ILE A C     1 
ATOM   949  O  O     . ILE A 1 118 ? 1.691   5.503   -6.613  1.00 18.57 ? 114 ILE A O     1 
ATOM   950  C  CB    . ILE A 1 118 ? -0.337  3.584   -7.879  1.00 17.13 ? 114 ILE A CB    1 
ATOM   951  C  CG1   . ILE A 1 118 ? -1.713  3.168   -8.417  1.00 14.23 ? 114 ILE A CG1   1 
ATOM   952  C  CG2   . ILE A 1 118 ? 0.507   2.333   -7.554  1.00 17.22 ? 114 ILE A CG2   1 
ATOM   953  C  CD1   . ILE A 1 118 ? -1.660  2.290   -9.667  1.00 19.26 ? 114 ILE A CD1   1 
ATOM   954  N  N     . MET A 1 119 ? 1.034   4.354   -4.780  1.00 14.70 ? 115 MET A N     1 
ATOM   955  C  CA    . MET A 1 119 ? 2.284   4.455   -4.037  1.00 13.47 ? 115 MET A CA    1 
ATOM   956  C  C     . MET A 1 119 ? 3.051   3.126   -4.120  1.00 23.71 ? 115 MET A C     1 
ATOM   957  O  O     . MET A 1 119 ? 2.583   2.106   -3.616  1.00 13.50 ? 115 MET A O     1 
ATOM   958  C  CB    . MET A 1 119 ? 1.979   4.824   -2.578  1.00 12.64 ? 115 MET A CB    1 
ATOM   959  C  CG    . MET A 1 119 ? 3.147   4.779   -1.600  1.00 15.28 ? 115 MET A CG    1 
ATOM   960  S  SD    . MET A 1 119 ? 4.421   6.021   -1.884  1.00 21.34 ? 115 MET A SD    1 
ATOM   961  C  CE    . MET A 1 119 ? 3.668   7.531   -1.268  1.00 22.66 ? 115 MET A CE    1 
ATOM   962  N  N     . LEU A 1 120 ? 4.210   3.142   -4.774  1.00 17.55 ? 116 LEU A N     1 
ATOM   963  C  CA    . LEU A 1 120 ? 5.071   1.971   -4.843  1.00 18.59 ? 116 LEU A CA    1 
ATOM   964  C  C     . LEU A 1 120 ? 6.005   1.948   -3.638  1.00 15.49 ? 116 LEU A C     1 
ATOM   965  O  O     . LEU A 1 120 ? 6.684   2.926   -3.353  1.00 15.84 ? 116 LEU A O     1 
ATOM   966  C  CB    . LEU A 1 120 ? 5.883   1.964   -6.144  1.00 13.36 ? 116 LEU A CB    1 
ATOM   967  C  CG    . LEU A 1 120 ? 6.876   0.805   -6.286  1.00 18.31 ? 116 LEU A CG    1 
ATOM   968  C  CD1   . LEU A 1 120 ? 6.121   -0.509  -6.491  1.00 15.12 ? 116 LEU A CD1   1 
ATOM   969  C  CD2   . LEU A 1 120 ? 7.892   1.060   -7.409  1.00 12.43 ? 116 LEU A CD2   1 
ATOM   970  N  N     . ILE A 1 121 ? 6.032   0.819   -2.942  1.00 16.66 ? 117 ILE A N     1 
ATOM   971  C  CA    . ILE A 1 121 ? 6.773   0.688   -1.696  1.00 16.46 ? 117 ILE A CA    1 
ATOM   972  C  C     . ILE A 1 121 ? 7.778   -0.461  -1.745  1.00 20.39 ? 117 ILE A C     1 
ATOM   973  O  O     . ILE A 1 121 ? 7.399   -1.622  -1.916  1.00 18.69 ? 117 ILE A O     1 
ATOM   974  C  CB    . ILE A 1 121 ? 5.815   0.449   -0.513  1.00 16.85 ? 117 ILE A CB    1 
ATOM   975  C  CG1   . ILE A 1 121 ? 4.905   1.662   -0.317  1.00 20.92 ? 117 ILE A CG1   1 
ATOM   976  C  CG2   . ILE A 1 121 ? 6.599   0.123   0.775   1.00 10.10 ? 117 ILE A CG2   1 
ATOM   977  C  CD1   . ILE A 1 121 ? 3.966   1.527   0.857   1.00 17.47 ? 117 ILE A CD1   1 
ATOM   978  N  N     . GLY A 1 122 ? 9.060   -0.135  -1.604  1.00 16.28 ? 118 GLY A N     1 
ATOM   979  C  CA    . GLY A 1 122 ? 10.076  -1.153  -1.390  1.00 12.05 ? 118 GLY A CA    1 
ATOM   980  C  C     . GLY A 1 122 ? 10.263  -1.359  0.104   1.00 16.66 ? 118 GLY A C     1 
ATOM   981  O  O     . GLY A 1 122 ? 10.906  -0.553  0.775   1.00 17.40 ? 118 GLY A O     1 
ATOM   982  N  N     . ASN A 1 123 ? 9.703   -2.440  0.639   1.00 13.51 ? 119 ASN A N     1 
ATOM   983  C  CA    . ASN A 1 123 ? 9.714   -2.664  2.084   1.00 12.85 ? 119 ASN A CA    1 
ATOM   984  C  C     . ASN A 1 123 ? 10.901  -3.539  2.534   1.00 18.87 ? 119 ASN A C     1 
ATOM   985  O  O     . ASN A 1 123 ? 11.555  -4.168  1.708   1.00 15.78 ? 119 ASN A O     1 
ATOM   986  C  CB    . ASN A 1 123 ? 8.375   -3.290  2.502   1.00 16.37 ? 119 ASN A CB    1 
ATOM   987  C  CG    . ASN A 1 123 ? 8.204   -3.385  4.006   1.00 14.06 ? 119 ASN A CG    1 
ATOM   988  O  OD1   . ASN A 1 123 ? 8.491   -2.438  4.751   1.00 22.14 ? 119 ASN A OD1   1 
ATOM   989  N  ND2   . ASN A 1 123 ? 7.730   -4.536  4.462   1.00 12.49 ? 119 ASN A ND2   1 
ATOM   990  N  N     . LYS A 1 124 ? 11.164  -3.553  3.844   1.00 17.43 ? 120 LYS A N     1 
ATOM   991  C  CA    . LYS A 1 124 ? 12.285  -4.258  4.481   1.00 13.55 ? 120 LYS A CA    1 
ATOM   992  C  C     . LYS A 1 124 ? 13.624  -3.584  4.210   1.00 23.45 ? 120 LYS A C     1 
ATOM   993  O  O     . LYS A 1 124 ? 14.637  -4.259  4.012   1.00 17.99 ? 120 LYS A O     1 
ATOM   994  C  CB    . LYS A 1 124 ? 12.330  -5.733  4.053   1.00 15.60 ? 120 LYS A CB    1 
ATOM   995  C  CG    . LYS A 1 124 ? 11.003  -6.454  4.282   1.00 15.80 ? 120 LYS A CG    1 
ATOM   996  C  CD    . LYS A 1 124 ? 11.137  -7.971  4.222   1.00 17.38 ? 120 LYS A CD    1 
ATOM   997  C  CE    . LYS A 1 124 ? 9.762   -8.638  4.211   1.00 15.39 ? 120 LYS A CE    1 
ATOM   998  N  NZ    . LYS A 1 124 ? 9.889   -10.132 4.050   1.00 17.76 ? 120 LYS A NZ    1 
ATOM   999  N  N     . SER A 1 125 ? 13.627  -2.249  4.242   1.00 18.18 ? 121 SER A N     1 
ATOM   1000 C  CA    . SER A 1 125 ? 14.837  -1.470  4.003   1.00 14.84 ? 121 SER A CA    1 
ATOM   1001 C  C     . SER A 1 125 ? 15.851  -1.645  5.139   1.00 22.38 ? 121 SER A C     1 
ATOM   1002 O  O     . SER A 1 125 ? 17.026  -1.284  5.000   1.00 26.33 ? 121 SER A O     1 
ATOM   1003 C  CB    . SER A 1 125 ? 14.493  0.019   3.822   1.00 19.64 ? 121 SER A CB    1 
ATOM   1004 O  OG    . SER A 1 125 ? 14.075  0.600   5.048   1.00 20.60 ? 121 SER A OG    1 
ATOM   1005 N  N     . ASP A 1 126 ? 15.398  -2.203  6.255   1.00 22.70 ? 122 ASP A N     1 
ATOM   1006 C  CA    . ASP A 1 126 ? 16.285  -2.500  7.381   1.00 24.04 ? 122 ASP A CA    1 
ATOM   1007 C  C     . ASP A 1 126 ? 17.193  -3.695  7.102   1.00 22.24 ? 122 ASP A C     1 
ATOM   1008 O  O     . ASP A 1 126 ? 18.178  -3.901  7.802   1.00 26.05 ? 122 ASP A O     1 
ATOM   1009 C  CB    . ASP A 1 126 ? 15.479  -2.761  8.665   1.00 17.14 ? 122 ASP A CB    1 
ATOM   1010 C  CG    . ASP A 1 126 ? 14.484  -3.895  8.520   1.00 24.00 ? 122 ASP A CG    1 
ATOM   1011 O  OD1   . ASP A 1 126 ? 13.504  -3.737  7.755   1.00 26.27 ? 122 ASP A OD1   1 
ATOM   1012 O  OD2   . ASP A 1 126 ? 14.663  -4.946  9.179   1.00 23.34 ? 122 ASP A OD2   1 
ATOM   1013 N  N     . LEU A 1 127 ? 16.873  -4.481  6.083   1.00 18.79 ? 123 LEU A N     1 
ATOM   1014 C  CA    . LEU A 1 127 ? 17.670  -5.675  5.797   1.00 23.48 ? 123 LEU A CA    1 
ATOM   1015 C  C     . LEU A 1 127 ? 18.683  -5.404  4.697   1.00 29.88 ? 123 LEU A C     1 
ATOM   1016 O  O     . LEU A 1 127 ? 18.762  -6.157  3.731   1.00 25.91 ? 123 LEU A O     1 
ATOM   1017 C  CB    . LEU A 1 127 ? 16.770  -6.843  5.394   1.00 21.30 ? 123 LEU A CB    1 
ATOM   1018 C  CG    . LEU A 1 127 ? 15.699  -7.297  6.384   1.00 17.74 ? 123 LEU A CG    1 
ATOM   1019 C  CD1   . LEU A 1 127 ? 14.908  -8.458  5.812   1.00 18.32 ? 123 LEU A CD1   1 
ATOM   1020 C  CD2   . LEU A 1 127 ? 16.307  -7.674  7.751   1.00 17.87 ? 123 LEU A CD2   1 
ATOM   1021 N  N     . ASP A 1 128 ? 19.460  -4.335  4.846   1.00 29.98 ? 124 ASP A N     1 
ATOM   1022 C  CA    . ASP A 1 128 ? 20.346  -3.878  3.774   1.00 26.77 ? 124 ASP A CA    1 
ATOM   1023 C  C     . ASP A 1 128 ? 21.359  -4.929  3.318   1.00 27.88 ? 124 ASP A C     1 
ATOM   1024 O  O     . ASP A 1 128 ? 21.683  -4.991  2.133   1.00 28.43 ? 124 ASP A O     1 
ATOM   1025 C  CB    . ASP A 1 128 ? 21.084  -2.596  4.190   1.00 34.24 ? 124 ASP A CB    1 
ATOM   1026 C  CG    . ASP A 1 128 ? 21.698  -1.853  2.997   1.00 55.33 ? 124 ASP A CG    1 
ATOM   1027 O  OD1   . ASP A 1 128 ? 20.944  -1.372  2.113   1.00 41.13 ? 124 ASP A OD1   1 
ATOM   1028 O  OD2   . ASP A 1 128 ? 22.943  -1.744  2.944   1.00 66.64 ? 124 ASP A OD2   1 
ATOM   1029 N  N     . SER A 1 129 ? 21.849  -5.772  4.224   1.00 25.24 ? 125 SER A N     1 
ATOM   1030 C  CA    . SER A 1 129 ? 22.819  -6.774  3.799   1.00 32.18 ? 125 SER A CA    1 
ATOM   1031 C  C     . SER A 1 129 ? 22.189  -7.789  2.840   1.00 31.18 ? 125 SER A C     1 
ATOM   1032 O  O     . SER A 1 129 ? 22.900  -8.465  2.086   1.00 31.96 ? 125 SER A O     1 
ATOM   1033 C  CB    . SER A 1 129 ? 23.437  -7.488  5.004   1.00 25.83 ? 125 SER A CB    1 
ATOM   1034 O  OG    . SER A 1 129 ? 22.492  -8.295  5.674   1.00 26.89 ? 125 SER A OG    1 
ATOM   1035 N  N     . ARG A 1 130 ? 20.859  -7.889  2.845   1.00 24.46 ? 126 ARG A N     1 
ATOM   1036 C  CA    . ARG A 1 130 ? 20.182  -8.858  1.982   1.00 23.90 ? 126 ARG A CA    1 
ATOM   1037 C  C     . ARG A 1 130 ? 19.502  -8.200  0.786   1.00 22.07 ? 126 ARG A C     1 
ATOM   1038 O  O     . ARG A 1 130 ? 18.724  -8.848  0.082   1.00 18.83 ? 126 ARG A O     1 
ATOM   1039 C  CB    . ARG A 1 130 ? 19.142  -9.676  2.770   1.00 24.16 ? 126 ARG A CB    1 
ATOM   1040 C  CG    . ARG A 1 130 ? 19.703  -10.687 3.784   1.00 28.79 ? 126 ARG A CG    1 
ATOM   1041 C  CD    . ARG A 1 130 ? 20.340  -11.911 3.111   1.00 43.68 ? 126 ARG A CD    1 
ATOM   1042 N  NE    . ARG A 1 130 ? 19.487  -12.520 2.086   1.00 35.26 ? 126 ARG A NE    1 
ATOM   1043 C  CZ    . ARG A 1 130 ? 18.957  -13.740 2.169   1.00 43.95 ? 126 ARG A CZ    1 
ATOM   1044 N  NH1   . ARG A 1 130 ? 19.177  -14.508 3.236   1.00 40.85 ? 126 ARG A NH1   1 
ATOM   1045 N  NH2   . ARG A 1 130 ? 18.200  -14.198 1.180   1.00 40.52 ? 126 ARG A NH2   1 
ATOM   1046 N  N     . ARG A 1 131 ? 19.787  -6.923  0.549   1.00 22.16 ? 127 ARG A N     1 
ATOM   1047 C  CA    . ARG A 1 131 ? 19.136  -6.199  -0.538  1.00 17.81 ? 127 ARG A CA    1 
ATOM   1048 C  C     . ARG A 1 131 ? 19.383  -6.872  -1.890  1.00 18.46 ? 127 ARG A C     1 
ATOM   1049 O  O     . ARG A 1 131 ? 20.521  -7.210  -2.222  1.00 24.17 ? 127 ARG A O     1 
ATOM   1050 C  CB    . ARG A 1 131 ? 19.610  -4.728  -0.581  1.00 19.65 ? 127 ARG A CB    1 
ATOM   1051 C  CG    . ARG A 1 131 ? 19.093  -3.958  -1.804  1.00 16.37 ? 127 ARG A CG    1 
ATOM   1052 C  CD    . ARG A 1 131 ? 19.612  -2.489  -1.886  1.00 19.06 ? 127 ARG A CD    1 
ATOM   1053 N  NE    . ARG A 1 131 ? 19.196  -1.690  -0.734  1.00 19.75 ? 127 ARG A NE    1 
ATOM   1054 C  CZ    . ARG A 1 131 ? 18.070  -0.987  -0.695  1.00 19.61 ? 127 ARG A CZ    1 
ATOM   1055 N  NH1   . ARG A 1 131 ? 17.257  -0.993  -1.739  1.00 15.16 ? 127 ARG A NH1   1 
ATOM   1056 N  NH2   . ARG A 1 131 ? 17.755  -0.284  0.383   1.00 16.15 ? 127 ARG A NH2   1 
ATOM   1057 N  N     . GLU A 1 132 ? 18.317  -7.072  -2.668  1.00 14.84 ? 128 GLU A N     1 
ATOM   1058 C  CA    . GLU A 1 132 ? 18.451  -7.601  -4.024  1.00 12.47 ? 128 GLU A CA    1 
ATOM   1059 C  C     . GLU A 1 132 ? 18.050  -6.589  -5.091  1.00 17.02 ? 128 GLU A C     1 
ATOM   1060 O  O     . GLU A 1 132 ? 18.381  -6.747  -6.261  1.00 18.81 ? 128 GLU A O     1 
ATOM   1061 C  CB    . GLU A 1 132 ? 17.627  -8.886  -4.183  1.00 17.30 ? 128 GLU A CB    1 
ATOM   1062 C  CG    . GLU A 1 132 ? 18.238  -10.048 -3.386  1.00 21.71 ? 128 GLU A CG    1 
ATOM   1063 C  CD    . GLU A 1 132 ? 17.489  -11.357 -3.505  1.00 22.69 ? 128 GLU A CD    1 
ATOM   1064 O  OE1   . GLU A 1 132 ? 16.531  -11.459 -4.315  1.00 18.16 ? 128 GLU A OE1   1 
ATOM   1065 O  OE2   . GLU A 1 132 ? 17.866  -12.293 -2.761  1.00 21.10 ? 128 GLU A OE2   1 
ATOM   1066 N  N     . VAL A 1 133 ? 17.342  -5.543  -4.678  1.00 20.22 ? 129 VAL A N     1 
ATOM   1067 C  CA    . VAL A 1 133 ? 16.815  -4.548  -5.604  1.00 16.69 ? 129 VAL A CA    1 
ATOM   1068 C  C     . VAL A 1 133 ? 17.345  -3.170  -5.214  1.00 17.29 ? 129 VAL A C     1 
ATOM   1069 O  O     . VAL A 1 133 ? 17.167  -2.737  -4.081  1.00 19.58 ? 129 VAL A O     1 
ATOM   1070 C  CB    . VAL A 1 133 ? 15.268  -4.527  -5.601  1.00 15.73 ? 129 VAL A CB    1 
ATOM   1071 C  CG1   . VAL A 1 133 ? 14.733  -3.534  -6.625  1.00 14.35 ? 129 VAL A CG1   1 
ATOM   1072 C  CG2   . VAL A 1 133 ? 14.708  -5.917  -5.868  1.00 14.17 ? 129 VAL A CG2   1 
ATOM   1073 N  N     . LYS A 1 134 ? 18.011  -2.493  -6.144  1.00 19.15 ? 130 LYS A N     1 
ATOM   1074 C  CA    . LYS A 1 134 ? 18.530  -1.151  -5.878  1.00 20.74 ? 130 LYS A CA    1 
ATOM   1075 C  C     . LYS A 1 134 ? 17.396  -0.147  -5.708  1.00 15.98 ? 130 LYS A C     1 
ATOM   1076 O  O     . LYS A 1 134 ? 16.383  -0.238  -6.386  1.00 13.62 ? 130 LYS A O     1 
ATOM   1077 C  CB    . LYS A 1 134 ? 19.449  -0.701  -7.011  1.00 19.89 ? 130 LYS A CB    1 
ATOM   1078 C  CG    . LYS A 1 134 ? 20.576  -1.671  -7.336  1.00 28.10 ? 130 LYS A CG    1 
ATOM   1079 C  CD    . LYS A 1 134 ? 21.621  -1.716  -6.237  1.00 40.49 ? 130 LYS A CD    1 
ATOM   1080 C  CE    . LYS A 1 134 ? 22.930  -2.309  -6.755  1.00 47.58 ? 130 LYS A CE    1 
ATOM   1081 N  NZ    . LYS A 1 134 ? 23.790  -2.799  -5.641  1.00 42.52 ? 130 LYS A NZ    1 
ATOM   1082 N  N     . LYS A 1 135 ? 17.571  0.821   -4.815  1.00 21.05 ? 131 LYS A N     1 
ATOM   1083 C  CA    . LYS A 1 135 ? 16.584  1.886   -4.653  1.00 19.99 ? 131 LYS A CA    1 
ATOM   1084 C  C     . LYS A 1 135 ? 16.253  2.544   -6.003  1.00 19.00 ? 131 LYS A C     1 
ATOM   1085 O  O     . LYS A 1 135 ? 15.100  2.844   -6.286  1.00 19.13 ? 131 LYS A O     1 
ATOM   1086 C  CB    . LYS A 1 135 ? 17.089  2.930   -3.656  1.00 15.07 ? 131 LYS A CB    1 
ATOM   1087 C  CG    . LYS A 1 135 ? 16.008  3.844   -3.122  1.00 30.34 ? 131 LYS A CG    1 
ATOM   1088 C  CD    . LYS A 1 135 ? 16.586  4.949   -2.253  1.00 34.87 ? 131 LYS A CD    1 
ATOM   1089 C  CE    . LYS A 1 135 ? 15.486  5.695   -1.491  1.00 42.50 ? 131 LYS A CE    1 
ATOM   1090 N  NZ    . LYS A 1 135 ? 14.693  6.633   -2.358  1.00 43.75 ? 131 LYS A NZ    1 
ATOM   1091 N  N     . GLU A 1 136 ? 17.271  2.724   -6.843  1.00 22.40 ? 132 GLU A N     1 
ATOM   1092 C  CA    . GLU A 1 136 ? 17.112  3.320   -8.171  1.00 24.69 ? 132 GLU A CA    1 
ATOM   1093 C  C     . GLU A 1 136 ? 16.138  2.557   -9.077  1.00 21.31 ? 132 GLU A C     1 
ATOM   1094 O  O     . GLU A 1 136 ? 15.477  3.156   -9.925  1.00 15.27 ? 132 GLU A O     1 
ATOM   1095 C  CB    . GLU A 1 136 ? 18.472  3.421   -8.874  1.00 18.13 ? 132 GLU A CB    1 
ATOM   1096 C  CG    . GLU A 1 136 ? 19.439  4.425   -8.271  1.00 27.17 ? 132 GLU A CG    1 
ATOM   1097 C  CD    . GLU A 1 136 ? 20.252  3.881   -7.090  1.00 38.90 ? 132 GLU A CD    1 
ATOM   1098 O  OE1   . GLU A 1 136 ? 20.077  2.709   -6.693  1.00 24.79 ? 132 GLU A OE1   1 
ATOM   1099 O  OE2   . GLU A 1 136 ? 21.081  4.646   -6.556  1.00 43.06 ? 132 GLU A OE2   1 
ATOM   1100 N  N     . GLU A 1 137 ? 16.064  1.239   -8.912  1.00 20.10 ? 133 GLU A N     1 
ATOM   1101 C  CA    . GLU A 1 137 ? 15.171  0.411   -9.726  1.00 14.22 ? 133 GLU A CA    1 
ATOM   1102 C  C     . GLU A 1 137 ? 13.712  0.651   -9.375  1.00 14.01 ? 133 GLU A C     1 
ATOM   1103 O  O     . GLU A 1 137 ? 12.848  0.664   -10.250 1.00 17.28 ? 133 GLU A O     1 
ATOM   1104 C  CB    . GLU A 1 137 ? 15.504  -1.069  -9.552  1.00 14.61 ? 133 GLU A CB    1 
ATOM   1105 C  CG    . GLU A 1 137 ? 16.909  -1.442  -9.992  1.00 18.72 ? 133 GLU A CG    1 
ATOM   1106 C  CD    . GLU A 1 137 ? 17.168  -2.930  -9.893  1.00 19.41 ? 133 GLU A CD    1 
ATOM   1107 O  OE1   . GLU A 1 137 ? 17.719  -3.382  -8.861  1.00 21.59 ? 133 GLU A OE1   1 
ATOM   1108 O  OE2   . GLU A 1 137 ? 16.810  -3.648  -10.848 1.00 18.80 ? 133 GLU A OE2   1 
ATOM   1109 N  N     . GLY A 1 138 ? 13.432  0.814   -8.087  1.00 14.16 ? 134 GLY A N     1 
ATOM   1110 C  CA    . GLY A 1 138 ? 12.086  1.131   -7.661  1.00 12.89 ? 134 GLY A CA    1 
ATOM   1111 C  C     . GLY A 1 138 ? 11.723  2.560   -8.051  1.00 19.48 ? 134 GLY A C     1 
ATOM   1112 O  O     . GLY A 1 138 ? 10.595  2.834   -8.462  1.00 16.26 ? 134 GLY A O     1 
ATOM   1113 N  N     . GLU A 1 139 ? 12.676  3.478   -7.908  1.00 17.20 ? 135 GLU A N     1 
ATOM   1114 C  CA    . GLU A 1 139 ? 12.482  4.858   -8.353  1.00 21.02 ? 135 GLU A CA    1 
ATOM   1115 C  C     . GLU A 1 139 ? 12.117  4.893   -9.844  1.00 16.51 ? 135 GLU A C     1 
ATOM   1116 O  O     . GLU A 1 139 ? 11.174  5.568   -10.252 1.00 18.78 ? 135 GLU A O     1 
ATOM   1117 C  CB    . GLU A 1 139 ? 13.743  5.702   -8.076  1.00 15.34 ? 135 GLU A CB    1 
ATOM   1118 C  CG    . GLU A 1 139 ? 13.874  6.148   -6.609  1.00 26.52 ? 135 GLU A CG    1 
ATOM   1119 C  CD    . GLU A 1 139 ? 15.282  6.606   -6.198  1.00 35.09 ? 135 GLU A CD    1 
ATOM   1120 O  OE1   . GLU A 1 139 ? 16.212  6.588   -7.032  1.00 28.27 ? 135 GLU A OE1   1 
ATOM   1121 O  OE2   . GLU A 1 139 ? 15.457  6.990   -5.019  1.00 34.22 ? 135 GLU A OE2   1 
ATOM   1122 N  N     . ALA A 1 140 ? 12.846  4.135   -10.653 1.00 12.95 ? 136 ALA A N     1 
ATOM   1123 C  CA    . ALA A 1 140 ? 12.619  4.137   -12.095 1.00 10.56 ? 136 ALA A CA    1 
ATOM   1124 C  C     . ALA A 1 140 ? 11.288  3.489   -12.494 1.00 17.79 ? 136 ALA A C     1 
ATOM   1125 O  O     . ALA A 1 140 ? 10.604  3.969   -13.398 1.00 16.61 ? 136 ALA A O     1 
ATOM   1126 C  CB    . ALA A 1 140 ? 13.785  3.448   -12.794 1.00 14.72 ? 136 ALA A CB    1 
ATOM   1127 N  N     . PHE A 1 141 ? 10.921  2.389   -11.835 1.00 20.95 ? 137 PHE A N     1 
ATOM   1128 C  CA    . PHE A 1 141 ? 9.639   1.743   -12.122 1.00 15.34 ? 137 PHE A CA    1 
ATOM   1129 C  C     . PHE A 1 141 ? 8.503   2.718   -11.825 1.00 12.03 ? 137 PHE A C     1 
ATOM   1130 O  O     . PHE A 1 141 ? 7.582   2.850   -12.610 1.00 17.67 ? 137 PHE A O     1 
ATOM   1131 C  CB    . PHE A 1 141 ? 9.472   0.456   -11.303 1.00 16.76 ? 137 PHE A CB    1 
ATOM   1132 C  CG    . PHE A 1 141 ? 8.249   -0.345  -11.665 1.00 17.68 ? 137 PHE A CG    1 
ATOM   1133 C  CD1   . PHE A 1 141 ? 7.031   -0.109  -11.045 1.00 16.93 ? 137 PHE A CD1   1 
ATOM   1134 C  CD2   . PHE A 1 141 ? 8.329   -1.356  -12.618 1.00 21.41 ? 137 PHE A CD2   1 
ATOM   1135 C  CE1   . PHE A 1 141 ? 5.899   -0.851  -11.377 1.00 16.55 ? 137 PHE A CE1   1 
ATOM   1136 C  CE2   . PHE A 1 141 ? 7.207   -2.108  -12.956 1.00 19.07 ? 137 PHE A CE2   1 
ATOM   1137 C  CZ    . PHE A 1 141 ? 5.991   -1.856  -12.338 1.00 17.96 ? 137 PHE A CZ    1 
ATOM   1138 N  N     . ALA A 1 142 ? 8.570   3.385   -10.680 1.00 11.51 ? 138 ALA A N     1 
ATOM   1139 C  CA    . ALA A 1 142 ? 7.584   4.411   -10.325 1.00 16.18 ? 138 ALA A CA    1 
ATOM   1140 C  C     . ALA A 1 142 ? 7.456   5.514   -11.385 1.00 19.80 ? 138 ALA A C     1 
ATOM   1141 O  O     . ALA A 1 142 ? 6.344   5.833   -11.841 1.00 20.28 ? 138 ALA A O     1 
ATOM   1142 C  CB    . ALA A 1 142 ? 7.935   5.024   -8.985  1.00 14.40 ? 138 ALA A CB    1 
ATOM   1143 N  N     . ARG A 1 143 ? 8.585   6.110   -11.766 1.00 19.86 ? 139 ARG A N     1 
ATOM   1144 C  CA    . ARG A 1 143 ? 8.579   7.172   -12.789 1.00 15.79 ? 139 ARG A CA    1 
ATOM   1145 C  C     . ARG A 1 143 ? 7.984   6.693   -14.094 1.00 20.54 ? 139 ARG A C     1 
ATOM   1146 O  O     . ARG A 1 143 ? 7.158   7.375   -14.686 1.00 21.05 ? 139 ARG A O     1 
ATOM   1147 C  CB    . ARG A 1 143 ? 9.989   7.689   -13.064 1.00 14.34 ? 139 ARG A CB    1 
ATOM   1148 C  CG    . ARG A 1 143 ? 10.006  8.855   -14.057 1.00 17.48 ? 139 ARG A CG    1 
ATOM   1149 C  CD    . ARG A 1 143 ? 11.373  9.059   -14.686 1.00 12.78 ? 139 ARG A CD    1 
ATOM   1150 N  NE    . ARG A 1 143 ? 11.839  7.899   -15.432 1.00 16.43 ? 139 ARG A NE    1 
ATOM   1151 C  CZ    . ARG A 1 143 ? 11.479  7.613   -16.679 1.00 20.96 ? 139 ARG A CZ    1 
ATOM   1152 N  NH1   . ARG A 1 143 ? 10.625  8.392   -17.332 1.00 16.10 ? 139 ARG A NH1   1 
ATOM   1153 N  NH2   . ARG A 1 143 ? 11.966  6.532   -17.270 1.00 23.28 ? 139 ARG A NH2   1 
ATOM   1154 N  N     . GLU A 1 144 ? 8.419   5.513   -14.529 1.00 16.51 ? 140 GLU A N     1 
ATOM   1155 C  CA    . GLU A 1 144 ? 8.007   4.952   -15.800 1.00 20.97 ? 140 GLU A CA    1 
ATOM   1156 C  C     . GLU A 1 144 ? 6.502   4.719   -15.826 1.00 23.69 ? 140 GLU A C     1 
ATOM   1157 O  O     . GLU A 1 144 ? 5.882   4.799   -16.885 1.00 20.16 ? 140 GLU A O     1 
ATOM   1158 C  CB    . GLU A 1 144 ? 8.767   3.644   -16.084 1.00 21.78 ? 140 GLU A CB    1 
ATOM   1159 C  CG    . GLU A 1 144 ? 10.256  3.851   -16.444 1.00 33.77 ? 140 GLU A CG    1 
ATOM   1160 C  CD    . GLU A 1 144 ? 11.080  2.556   -16.440 1.00 36.79 ? 140 GLU A CD    1 
ATOM   1161 O  OE1   . GLU A 1 144 ? 10.463  1.470   -16.442 1.00 39.73 ? 140 GLU A OE1   1 
ATOM   1162 O  OE2   . GLU A 1 144 ? 12.344  2.624   -16.419 1.00 24.51 ? 140 GLU A OE2   1 
ATOM   1163 N  N     . HIS A 1 145 ? 5.905   4.460   -14.663 1.00 21.27 ? 141 HIS A N     1 
ATOM   1164 C  CA    . HIS A 1 145 ? 4.484   4.134   -14.628 1.00 18.58 ? 141 HIS A CA    1 
ATOM   1165 C  C     . HIS A 1 145 ? 3.606   5.174   -13.938 1.00 19.42 ? 141 HIS A C     1 
ATOM   1166 O  O     . HIS A 1 145 ? 2.419   4.928   -13.699 1.00 25.39 ? 141 HIS A O     1 
ATOM   1167 C  CB    . HIS A 1 145 ? 4.287   2.785   -13.959 1.00 18.45 ? 141 HIS A CB    1 
ATOM   1168 C  CG    . HIS A 1 145 ? 4.966   1.660   -14.672 1.00 21.74 ? 141 HIS A CG    1 
ATOM   1169 N  ND1   . HIS A 1 145 ? 4.446   1.077   -15.810 1.00 24.03 ? 141 HIS A ND1   1 
ATOM   1170 C  CD2   . HIS A 1 145 ? 6.124   1.011   -14.410 1.00 16.17 ? 141 HIS A CD2   1 
ATOM   1171 C  CE1   . HIS A 1 145 ? 5.251   0.105   -16.207 1.00 18.00 ? 141 HIS A CE1   1 
ATOM   1172 N  NE2   . HIS A 1 145 ? 6.280   0.051   -15.381 1.00 18.70 ? 141 HIS A NE2   1 
ATOM   1173 N  N     . GLY A 1 146 ? 4.180   6.325   -13.609 1.00 19.48 ? 142 GLY A N     1 
ATOM   1174 C  CA    . GLY A 1 146 ? 3.415   7.395   -12.996 1.00 16.68 ? 142 GLY A CA    1 
ATOM   1175 C  C     . GLY A 1 146 ? 2.971   7.047   -11.587 1.00 21.10 ? 142 GLY A C     1 
ATOM   1176 O  O     . GLY A 1 146 ? 1.836   7.318   -11.201 1.00 21.27 ? 142 GLY A O     1 
ATOM   1177 N  N     . LEU A 1 147 ? 3.879   6.446   -10.821 1.00 19.40 ? 143 LEU A N     1 
ATOM   1178 C  CA    . LEU A 1 147 ? 3.636   6.138   -9.424  1.00 15.24 ? 143 LEU A CA    1 
ATOM   1179 C  C     . LEU A 1 147 ? 4.492   7.045   -8.546  1.00 15.99 ? 143 LEU A C     1 
ATOM   1180 O  O     . LEU A 1 147 ? 5.460   7.605   -9.018  1.00 17.64 ? 143 LEU A O     1 
ATOM   1181 C  CB    . LEU A 1 147 ? 3.962   4.658   -9.132  1.00 19.85 ? 143 LEU A CB    1 
ATOM   1182 C  CG    . LEU A 1 147 ? 3.675   3.632   -10.253 1.00 15.32 ? 143 LEU A CG    1 
ATOM   1183 C  CD1   . LEU A 1 147 ? 4.195   2.246   -9.924  1.00 15.43 ? 143 LEU A CD1   1 
ATOM   1184 C  CD2   . LEU A 1 147 ? 2.195   3.568   -10.616 1.00 13.42 ? 143 LEU A CD2   1 
ATOM   1185 N  N     . VAL A 1 148 ? 4.137   7.169   -7.271  1.00 14.55 ? 144 VAL A N     1 
ATOM   1186 C  CA    . VAL A 1 148 ? 5.049   7.691   -6.258  1.00 19.01 ? 144 VAL A CA    1 
ATOM   1187 C  C     . VAL A 1 148 ? 5.833   6.520   -5.660  1.00 17.69 ? 144 VAL A C     1 
ATOM   1188 O  O     . VAL A 1 148 ? 5.381   5.383   -5.719  1.00 17.97 ? 144 VAL A O     1 
ATOM   1189 C  CB    . VAL A 1 148 ? 4.284   8.451   -5.161  1.00 25.54 ? 144 VAL A CB    1 
ATOM   1190 C  CG1   . VAL A 1 148 ? 5.230   9.027   -4.138  1.00 29.51 ? 144 VAL A CG1   1 
ATOM   1191 C  CG2   . VAL A 1 148 ? 3.495   9.569   -5.785  1.00 31.62 ? 144 VAL A CG2   1 
ATOM   1192 N  N     . PHE A 1 149 ? 7.016   6.779   -5.116  1.00 23.16 ? 145 PHE A N     1 
ATOM   1193 C  CA    . PHE A 1 149 ? 7.840   5.703   -4.573  1.00 15.48 ? 145 PHE A CA    1 
ATOM   1194 C  C     . PHE A 1 149 ? 8.485   6.050   -3.241  1.00 24.94 ? 145 PHE A C     1 
ATOM   1195 O  O     . PHE A 1 149 ? 8.923   7.183   -3.024  1.00 15.76 ? 145 PHE A O     1 
ATOM   1196 C  CB    . PHE A 1 149 ? 8.934   5.319   -5.569  1.00 22.26 ? 145 PHE A CB    1 
ATOM   1197 C  CG    . PHE A 1 149 ? 9.965   4.383   -5.001  1.00 21.58 ? 145 PHE A CG    1 
ATOM   1198 C  CD1   . PHE A 1 149 ? 9.663   3.034   -4.789  1.00 22.94 ? 145 PHE A CD1   1 
ATOM   1199 C  CD2   . PHE A 1 149 ? 11.237  4.847   -4.675  1.00 16.01 ? 145 PHE A CD2   1 
ATOM   1200 C  CE1   . PHE A 1 149 ? 10.616  2.158   -4.273  1.00 15.24 ? 145 PHE A CE1   1 
ATOM   1201 C  CE2   . PHE A 1 149 ? 12.188  3.987   -4.157  1.00 20.90 ? 145 PHE A CE2   1 
ATOM   1202 C  CZ    . PHE A 1 149 ? 11.879  2.633   -3.952  1.00 22.74 ? 145 PHE A CZ    1 
ATOM   1203 N  N     . MET A 1 150 ? 8.567   5.044   -2.373  1.00 13.04 ? 146 MET A N     1 
ATOM   1204 C  CA    . MET A 1 150 ? 9.173   5.169   -1.054  1.00 14.92 ? 146 MET A CA    1 
ATOM   1205 C  C     . MET A 1 150 ? 9.729   3.801   -0.609  1.00 18.14 ? 146 MET A C     1 
ATOM   1206 O  O     . MET A 1 150 ? 9.110   2.791   -0.884  1.00 15.12 ? 146 MET A O     1 
ATOM   1207 C  CB    . MET A 1 150 ? 8.116   5.664   -0.074  1.00 18.99 ? 146 MET A CB    1 
ATOM   1208 C  CG    . MET A 1 150 ? 8.622   6.365   1.136   1.00 39.79 ? 146 MET A CG    1 
ATOM   1209 S  SD    . MET A 1 150 ? 7.193   7.058   1.990   1.00 37.04 ? 146 MET A SD    1 
ATOM   1210 C  CE    . MET A 1 150 ? 6.628   8.248   0.796   1.00 19.65 ? 146 MET A CE    1 
ATOM   1211 N  N     . GLU A 1 151 ? 10.881  3.765   0.064   1.00 18.48 ? 147 GLU A N     1 
ATOM   1212 C  CA    . GLU A 1 151 ? 11.324  2.543   0.735   1.00 22.91 ? 147 GLU A CA    1 
ATOM   1213 C  C     . GLU A 1 151 ? 10.990  2.646   2.220   1.00 18.75 ? 147 GLU A C     1 
ATOM   1214 O  O     . GLU A 1 151 ? 11.145  3.699   2.824   1.00 19.54 ? 147 GLU A O     1 
ATOM   1215 C  CB    . GLU A 1 151 ? 12.828  2.288   0.546   1.00 13.01 ? 147 GLU A CB    1 
ATOM   1216 C  CG    . GLU A 1 151 ? 13.201  1.746   -0.822  1.00 13.59 ? 147 GLU A CG    1 
ATOM   1217 C  CD    . GLU A 1 151 ? 14.644  1.269   -0.889  1.00 18.44 ? 147 GLU A CD    1 
ATOM   1218 O  OE1   . GLU A 1 151 ? 15.392  1.478   0.089   1.00 22.71 ? 147 GLU A OE1   1 
ATOM   1219 O  OE2   . GLU A 1 151 ? 15.034  0.681   -1.919  1.00 20.68 ? 147 GLU A OE2   1 
ATOM   1220 N  N     . THR A 1 152 ? 10.523  1.545   2.789   1.00 17.99 ? 148 THR A N     1 
ATOM   1221 C  CA    . THR A 1 152 ? 10.034  1.504   4.163   1.00 18.14 ? 148 THR A CA    1 
ATOM   1222 C  C     . THR A 1 152 ? 10.619  0.330   4.938   1.00 17.17 ? 148 THR A C     1 
ATOM   1223 O  O     . THR A 1 152 ? 11.131  -0.630  4.353   1.00 16.56 ? 148 THR A O     1 
ATOM   1224 C  CB    . THR A 1 152 ? 8.498   1.372   4.210   1.00 16.02 ? 148 THR A CB    1 
ATOM   1225 O  OG1   . THR A 1 152 ? 8.112   0.125   3.606   1.00 16.33 ? 148 THR A OG1   1 
ATOM   1226 C  CG2   . THR A 1 152 ? 7.823   2.534   3.463   1.00 15.40 ? 148 THR A CG2   1 
ATOM   1227 N  N     . SER A 1 153 ? 10.535  0.412   6.259   1.00 17.20 ? 149 SER A N     1 
ATOM   1228 C  CA    . SER A 1 153 ? 10.702  -0.769  7.110   1.00 17.60 ? 149 SER A CA    1 
ATOM   1229 C  C     . SER A 1 153 ? 9.556   -0.810  8.105   1.00 19.90 ? 149 SER A C     1 
ATOM   1230 O  O     . SER A 1 153 ? 9.428   0.088   8.946   1.00 17.97 ? 149 SER A O     1 
ATOM   1231 C  CB    . SER A 1 153 ? 12.036  -0.748  7.851   1.00 18.45 ? 149 SER A CB    1 
ATOM   1232 O  OG    . SER A 1 153 ? 12.097  -1.806  8.802   1.00 21.33 ? 149 SER A OG    1 
ATOM   1233 N  N     . ALA A 1 154 ? 8.706   -1.826  7.992   1.00 16.22 ? 150 ALA A N     1 
ATOM   1234 C  CA    . ALA A 1 154 ? 7.661   -2.058  8.979   1.00 21.92 ? 150 ALA A CA    1 
ATOM   1235 C  C     . ALA A 1 154 ? 8.286   -2.416  10.322  1.00 21.70 ? 150 ALA A C     1 
ATOM   1236 O  O     . ALA A 1 154 ? 7.687   -2.211  11.380  1.00 22.10 ? 150 ALA A O     1 
ATOM   1237 C  CB    . ALA A 1 154 ? 6.721   -3.170  8.520   1.00 15.17 ? 150 ALA A CB    1 
ATOM   1238 N  N     . ARG A 1 155 ? 9.500   -2.949  10.274  1.00 24.22 ? 151 ARG A N     1 
ATOM   1239 C  CA    . ARG A 1 155 ? 10.179  -3.389  11.484  1.00 21.73 ? 151 ARG A CA    1 
ATOM   1240 C  C     . ARG A 1 155 ? 10.619  -2.217  12.340  1.00 25.03 ? 151 ARG A C     1 
ATOM   1241 O  O     . ARG A 1 155 ? 10.340  -2.183  13.539  1.00 24.09 ? 151 ARG A O     1 
ATOM   1242 C  CB    . ARG A 1 155 ? 11.388  -4.254  11.141  1.00 21.12 ? 151 ARG A CB    1 
ATOM   1243 C  CG    . ARG A 1 155 ? 12.136  -4.747  12.370  1.00 22.45 ? 151 ARG A CG    1 
ATOM   1244 C  CD    . ARG A 1 155 ? 13.222  -5.729  11.981  1.00 28.72 ? 151 ARG A CD    1 
ATOM   1245 N  NE    . ARG A 1 155 ? 13.742  -6.457  13.132  1.00 44.60 ? 151 ARG A NE    1 
ATOM   1246 C  CZ    . ARG A 1 155 ? 14.870  -6.152  13.761  1.00 55.38 ? 151 ARG A CZ    1 
ATOM   1247 N  NH1   . ARG A 1 155 ? 15.603  -5.122  13.355  1.00 48.09 ? 151 ARG A NH1   1 
ATOM   1248 N  NH2   . ARG A 1 155 ? 15.262  -6.880  14.799  1.00 63.34 ? 151 ARG A NH2   1 
ATOM   1249 N  N     . THR A 1 156 ? 11.299  -1.257  11.719  1.00 20.34 ? 152 THR A N     1 
ATOM   1250 C  CA    . THR A 1 156 ? 11.825  -0.103  12.446  1.00 22.70 ? 152 THR A CA    1 
ATOM   1251 C  C     . THR A 1 156 ? 10.900  1.114   12.375  1.00 20.77 ? 152 THR A C     1 
ATOM   1252 O  O     . THR A 1 156 ? 11.099  2.073   13.116  1.00 20.04 ? 152 THR A O     1 
ATOM   1253 C  CB    . THR A 1 156 ? 13.213  0.290   11.920  1.00 16.58 ? 152 THR A CB    1 
ATOM   1254 O  OG1   . THR A 1 156 ? 13.085  1.088   10.740  1.00 23.63 ? 152 THR A OG1   1 
ATOM   1255 C  CG2   . THR A 1 156 ? 14.021  -0.955  11.590  1.00 19.60 ? 152 THR A CG2   1 
ATOM   1256 N  N     . ALA A 1 157 ? 9.910   1.042   11.475  1.00 22.89 ? 153 ALA A N     1 
ATOM   1257 C  CA    . ALA A 1 157 ? 8.846   2.046   11.242  1.00 24.33 ? 153 ALA A CA    1 
ATOM   1258 C  C     . ALA A 1 157 ? 9.299   3.163   10.307  1.00 17.79 ? 153 ALA A C     1 
ATOM   1259 O  O     . ALA A 1 157 ? 8.584   4.152   10.119  1.00 23.28 ? 153 ALA A O     1 
ATOM   1260 C  CB    . ALA A 1 157 ? 8.321   2.639   12.561  1.00 24.57 ? 153 ALA A CB    1 
ATOM   1261 N  N     . ALA A 1 158 ? 10.477  2.992   9.714   1.00 15.55 ? 154 ALA A N     1 
ATOM   1262 C  CA    . ALA A 1 158 ? 11.023  3.965   8.787   1.00 20.55 ? 154 ALA A CA    1 
ATOM   1263 C  C     . ALA A 1 158 ? 10.092  4.212   7.594   1.00 20.64 ? 154 ALA A C     1 
ATOM   1264 O  O     . ALA A 1 158 ? 9.752   3.284   6.862   1.00 16.67 ? 154 ALA A O     1 
ATOM   1265 C  CB    . ALA A 1 158 ? 12.396  3.511   8.307   1.00 20.08 ? 154 ALA A CB    1 
ATOM   1266 N  N     . ASN A 1 159 ? 9.698   5.473   7.417   1.00 21.12 ? 155 ASN A N     1 
ATOM   1267 C  CA    . ASN A 1 159 ? 8.839   5.936   6.319   1.00 18.32 ? 155 ASN A CA    1 
ATOM   1268 C  C     . ASN A 1 159 ? 7.437   5.310   6.270   1.00 21.01 ? 155 ASN A C     1 
ATOM   1269 O  O     . ASN A 1 159 ? 6.704   5.497   5.302   1.00 22.88 ? 155 ASN A O     1 
ATOM   1270 C  CB    . ASN A 1 159 ? 9.534   5.717   4.969   1.00 13.65 ? 155 ASN A CB    1 
ATOM   1271 C  CG    . ASN A 1 159 ? 10.600  6.756   4.684   1.00 23.25 ? 155 ASN A CG    1 
ATOM   1272 O  OD1   . ASN A 1 159 ? 10.663  7.794   5.344   1.00 25.30 ? 155 ASN A OD1   1 
ATOM   1273 N  ND2   . ASN A 1 159 ? 11.433  6.491   3.685   1.00 22.69 ? 155 ASN A ND2   1 
ATOM   1274 N  N     . VAL A 1 160 ? 7.046   4.592   7.313   1.00 16.73 ? 156 VAL A N     1 
ATOM   1275 C  CA    . VAL A 1 160 ? 5.748   3.929   7.300   1.00 16.82 ? 156 VAL A CA    1 
ATOM   1276 C  C     . VAL A 1 160 ? 4.629   4.964   7.394   1.00 22.08 ? 156 VAL A C     1 
ATOM   1277 O  O     . VAL A 1 160 ? 3.709   4.959   6.578   1.00 17.79 ? 156 VAL A O     1 
ATOM   1278 C  CB    . VAL A 1 160 ? 5.643   2.904   8.425   1.00 23.26 ? 156 VAL A CB    1 
ATOM   1279 C  CG1   . VAL A 1 160 ? 4.194   2.458   8.627   1.00 14.44 ? 156 VAL A CG1   1 
ATOM   1280 C  CG2   . VAL A 1 160 ? 6.533   1.712   8.098   1.00 14.15 ? 156 VAL A CG2   1 
ATOM   1281 N  N     . GLU A 1 161 ? 4.727   5.867   8.363   1.00 17.06 ? 157 GLU A N     1 
ATOM   1282 C  CA    . GLU A 1 161 ? 3.750   6.947   8.479   1.00 20.31 ? 157 GLU A CA    1 
ATOM   1283 C  C     . GLU A 1 161 ? 3.668   7.717   7.168   1.00 16.23 ? 157 GLU A C     1 
ATOM   1284 O  O     . GLU A 1 161 ? 2.583   7.922   6.612   1.00 15.65 ? 157 GLU A O     1 
ATOM   1285 C  CB    . GLU A 1 161 ? 4.117   7.881   9.629   1.00 19.32 ? 157 GLU A CB    1 
ATOM   1286 C  CG    . GLU A 1 161 ? 3.071   8.939   9.924   1.00 27.93 ? 157 GLU A CG    1 
ATOM   1287 C  CD    . GLU A 1 161 ? 1.867   8.390   10.661  1.00 29.40 ? 157 GLU A CD    1 
ATOM   1288 O  OE1   . GLU A 1 161 ? 1.903   7.221   11.106  1.00 29.97 ? 157 GLU A OE1   1 
ATOM   1289 O  OE2   . GLU A 1 161 ? 0.875   9.133   10.795  1.00 33.19 ? 157 GLU A OE2   1 
ATOM   1290 N  N     . GLU A 1 162 ? 4.835   8.089   6.655   1.00 14.67 ? 158 GLU A N     1 
ATOM   1291 C  CA    . GLU A 1 162 ? 4.934   8.854   5.420   1.00 25.07 ? 158 GLU A CA    1 
ATOM   1292 C  C     . GLU A 1 162 ? 4.324   8.134   4.229   1.00 24.85 ? 158 GLU A C     1 
ATOM   1293 O  O     . GLU A 1 162 ? 3.726   8.780   3.378   1.00 20.69 ? 158 GLU A O     1 
ATOM   1294 C  CB    . GLU A 1 162 ? 6.392   9.186   5.107   1.00 18.43 ? 158 GLU A CB    1 
ATOM   1295 C  CG    . GLU A 1 162 ? 7.016   10.208  6.034   1.00 28.93 ? 158 GLU A CG    1 
ATOM   1296 C  CD    . GLU A 1 162 ? 7.452   9.623   7.369   1.00 34.42 ? 158 GLU A CD    1 
ATOM   1297 O  OE1   . GLU A 1 162 ? 7.273   8.398   7.605   1.00 21.70 ? 158 GLU A OE1   1 
ATOM   1298 O  OE2   . GLU A 1 162 ? 7.977   10.407  8.186   1.00 42.17 ? 158 GLU A OE2   1 
ATOM   1299 N  N     . ALA A 1 163 ? 4.492   6.812   4.149   1.00 17.23 ? 159 ALA A N     1 
ATOM   1300 C  CA    . ALA A 1 163 ? 3.927   6.051   3.031   1.00 20.63 ? 159 ALA A CA    1 
ATOM   1301 C  C     . ALA A 1 163 ? 2.425   6.240   2.940   1.00 19.98 ? 159 ALA A C     1 
ATOM   1302 O  O     . ALA A 1 163 ? 1.887   6.492   1.860   1.00 18.10 ? 159 ALA A O     1 
ATOM   1303 C  CB    . ALA A 1 163 ? 4.252   4.564   3.159   1.00 16.01 ? 159 ALA A CB    1 
ATOM   1304 N  N     . PHE A 1 164 ? 1.749   6.094   4.079   1.00 16.47 ? 160 PHE A N     1 
ATOM   1305 C  CA    . PHE A 1 164 ? 0.296   6.234   4.129   1.00 15.26 ? 160 PHE A CA    1 
ATOM   1306 C  C     . PHE A 1 164 ? -0.149  7.698   4.033   1.00 15.60 ? 160 PHE A C     1 
ATOM   1307 O  O     . PHE A 1 164 ? -1.129  8.011   3.346   1.00 13.43 ? 160 PHE A O     1 
ATOM   1308 C  CB    . PHE A 1 164 ? -0.260  5.613   5.413   1.00 18.76 ? 160 PHE A CB    1 
ATOM   1309 C  CG    . PHE A 1 164 ? -0.261  4.095   5.411   1.00 13.38 ? 160 PHE A CG    1 
ATOM   1310 C  CD1   . PHE A 1 164 ? 0.873   3.388   5.773   1.00 17.96 ? 160 PHE A CD1   1 
ATOM   1311 C  CD2   . PHE A 1 164 ? -1.407  3.391   5.064   1.00 14.27 ? 160 PHE A CD2   1 
ATOM   1312 C  CE1   . PHE A 1 164 ? 0.879   1.981   5.785   1.00 12.86 ? 160 PHE A CE1   1 
ATOM   1313 C  CE2   . PHE A 1 164 ? -1.419  1.987   5.068   1.00 16.59 ? 160 PHE A CE2   1 
ATOM   1314 C  CZ    . PHE A 1 164 ? -0.270  1.285   5.428   1.00 11.12 ? 160 PHE A CZ    1 
ATOM   1315 N  N     . ILE A 1 165 ? 0.553   8.584   4.733   1.00 12.31 ? 161 ILE A N     1 
ATOM   1316 C  CA    . ILE A 1 165 ? 0.169   10.003  4.754   1.00 13.17 ? 161 ILE A CA    1 
ATOM   1317 C  C     . ILE A 1 165 ? 0.457   10.670  3.412   1.00 17.08 ? 161 ILE A C     1 
ATOM   1318 O  O     . ILE A 1 165 ? -0.364  11.446  2.920   1.00 20.47 ? 161 ILE A O     1 
ATOM   1319 C  CB    . ILE A 1 165 ? 0.882   10.793  5.889   1.00 15.36 ? 161 ILE A CB    1 
ATOM   1320 C  CG1   . ILE A 1 165 ? 0.515   10.247  7.275   1.00 22.40 ? 161 ILE A CG1   1 
ATOM   1321 C  CG2   . ILE A 1 165 ? 0.537   12.294  5.817   1.00 17.39 ? 161 ILE A CG2   1 
ATOM   1322 C  CD1   . ILE A 1 165 ? -0.948  10.442  7.659   1.00 21.33 ? 161 ILE A CD1   1 
ATOM   1323 N  N     . ASN A 1 166 ? 1.605   10.372  2.801   1.00 13.39 ? 162 ASN A N     1 
ATOM   1324 C  CA    . ASN A 1 166 ? 1.916   10.973  1.501   1.00 14.33 ? 162 ASN A CA    1 
ATOM   1325 C  C     . ASN A 1 166 ? 0.972   10.518  0.404   1.00 19.89 ? 162 ASN A C     1 
ATOM   1326 O  O     . ASN A 1 166 ? 0.724   11.254  -0.554  1.00 16.59 ? 162 ASN A O     1 
ATOM   1327 C  CB    . ASN A 1 166 ? 3.351   10.668  1.087   1.00 17.18 ? 162 ASN A CB    1 
ATOM   1328 C  CG    . ASN A 1 166 ? 4.353   11.469  1.876   1.00 31.31 ? 162 ASN A CG    1 
ATOM   1329 O  OD1   . ASN A 1 166 ? 4.002   12.104  2.868   1.00 29.66 ? 162 ASN A OD1   1 
ATOM   1330 N  ND2   . ASN A 1 166 ? 5.608   11.449  1.442   1.00 27.50 ? 162 ASN A ND2   1 
ATOM   1331 N  N     . THR A 1 167 ? 0.460   9.297   0.527   1.00 15.31 ? 163 THR A N     1 
ATOM   1332 C  CA    . THR A 1 167 ? -0.538  8.814   -0.424  1.00 14.62 ? 163 THR A CA    1 
ATOM   1333 C  C     . THR A 1 167 ? -1.784  9.688   -0.345  1.00 12.32 ? 163 THR A C     1 
ATOM   1334 O  O     . THR A 1 167 ? -2.343  10.084  -1.372  1.00 12.89 ? 163 THR A O     1 
ATOM   1335 C  CB    . THR A 1 167 ? -0.922  7.353   -0.169  1.00 13.71 ? 163 THR A CB    1 
ATOM   1336 O  OG1   . THR A 1 167 ? 0.242   6.535   -0.318  1.00 13.37 ? 163 THR A OG1   1 
ATOM   1337 C  CG2   . THR A 1 167 ? -2.003  6.903   -1.169  1.00 8.88  ? 163 THR A CG2   1 
ATOM   1338 N  N     . ALA A 1 168 ? -2.208  9.992   0.878   1.00 10.86 ? 164 ALA A N     1 
ATOM   1339 C  CA    . ALA A 1 168 ? -3.402  10.812  1.081   1.00 13.42 ? 164 ALA A CA    1 
ATOM   1340 C  C     . ALA A 1 168 ? -3.176  12.255  0.621   1.00 12.95 ? 164 ALA A C     1 
ATOM   1341 O  O     . ALA A 1 168 ? -4.089  12.897  0.118   1.00 15.37 ? 164 ALA A O     1 
ATOM   1342 C  CB    . ALA A 1 168 ? -3.817  10.790  2.541   1.00 12.27 ? 164 ALA A CB    1 
ATOM   1343 N  N     . LYS A 1 169 ? -1.961  12.764  0.801   1.00 16.19 ? 165 LYS A N     1 
ATOM   1344 C  CA    . LYS A 1 169 ? -1.622  14.109  0.342   1.00 14.75 ? 165 LYS A CA    1 
ATOM   1345 C  C     . LYS A 1 169 ? -1.709  14.172  -1.161  1.00 17.52 ? 165 LYS A C     1 
ATOM   1346 O  O     . LYS A 1 169 ? -2.190  15.146  -1.718  1.00 16.47 ? 165 LYS A O     1 
ATOM   1347 C  CB    . LYS A 1 169 ? -0.224  14.517  0.794   1.00 12.87 ? 165 LYS A CB    1 
ATOM   1348 C  CG    . LYS A 1 169 ? -0.148  14.873  2.251   1.00 19.19 ? 165 LYS A CG    1 
ATOM   1349 C  CD    . LYS A 1 169 ? 1.263   15.293  2.622   1.00 19.78 ? 165 LYS A CD    1 
ATOM   1350 C  CE    . LYS A 1 169 ? 1.363   15.623  4.095   1.00 30.66 ? 165 LYS A CE    1 
ATOM   1351 N  NZ    . LYS A 1 169 ? 2.753   16.047  4.436   1.00 45.41 ? 165 LYS A NZ    1 
ATOM   1352 N  N     . GLU A 1 170 ? -1.244  13.117  -1.814  1.00 15.83 ? 166 GLU A N     1 
ATOM   1353 C  CA    . GLU A 1 170 ? -1.364  13.006  -3.258  1.00 11.68 ? 166 GLU A CA    1 
ATOM   1354 C  C     . GLU A 1 170 ? -2.827  12.984  -3.719  1.00 18.91 ? 166 GLU A C     1 
ATOM   1355 O  O     . GLU A 1 170 ? -3.189  13.698  -4.661  1.00 12.39 ? 166 GLU A O     1 
ATOM   1356 C  CB    . GLU A 1 170 ? -0.629  11.758  -3.749  1.00 14.45 ? 166 GLU A CB    1 
ATOM   1357 C  CG    . GLU A 1 170 ? 0.885   11.881  -3.649  1.00 18.03 ? 166 GLU A CG    1 
ATOM   1358 C  CD    . GLU A 1 170 ? 1.500   12.616  -4.832  1.00 28.25 ? 166 GLU A CD    1 
ATOM   1359 O  OE1   . GLU A 1 170 ? 0.763   12.958  -5.790  1.00 22.08 ? 166 GLU A OE1   1 
ATOM   1360 O  OE2   . GLU A 1 170 ? 2.731   12.837  -4.807  1.00 31.37 ? 166 GLU A OE2   1 
ATOM   1361 N  N     . ILE A 1 171 ? -3.669  12.190  -3.052  1.00 14.68 ? 167 ILE A N     1 
ATOM   1362 C  CA    . ILE A 1 171 ? -5.096  12.151  -3.390  1.00 14.59 ? 167 ILE A CA    1 
ATOM   1363 C  C     . ILE A 1 171 ? -5.727  13.540  -3.182  1.00 14.46 ? 167 ILE A C     1 
ATOM   1364 O  O     . ILE A 1 171 ? -6.442  14.052  -4.044  1.00 16.37 ? 167 ILE A O     1 
ATOM   1365 C  CB    . ILE A 1 171 ? -5.856  11.094  -2.550  1.00 11.31 ? 167 ILE A CB    1 
ATOM   1366 C  CG1   . ILE A 1 171 ? -5.306  9.679   -2.822  1.00 13.63 ? 167 ILE A CG1   1 
ATOM   1367 C  CG2   . ILE A 1 171 ? -7.343  11.153  -2.843  1.00 14.82 ? 167 ILE A CG2   1 
ATOM   1368 C  CD1   . ILE A 1 171 ? -5.593  8.649   -1.686  1.00 13.57 ? 167 ILE A CD1   1 
ATOM   1369 N  N     . TYR A 1 172 ? -5.434  14.146  -2.039  1.00 15.83 ? 168 TYR A N     1 
ATOM   1370 C  CA    . TYR A 1 172 ? -5.958  15.468  -1.695  1.00 15.56 ? 168 TYR A CA    1 
ATOM   1371 C  C     . TYR A 1 172 ? -5.598  16.509  -2.766  1.00 18.47 ? 168 TYR A C     1 
ATOM   1372 O  O     . TYR A 1 172 ? -6.468  17.254  -3.233  1.00 16.17 ? 168 TYR A O     1 
ATOM   1373 C  CB    . TYR A 1 172 ? -5.422  15.887  -0.326  1.00 15.52 ? 168 TYR A CB    1 
ATOM   1374 C  CG    . TYR A 1 172 ? -6.134  17.066  0.297   1.00 22.84 ? 168 TYR A CG    1 
ATOM   1375 C  CD1   . TYR A 1 172 ? -7.311  16.893  1.014   1.00 23.05 ? 168 TYR A CD1   1 
ATOM   1376 C  CD2   . TYR A 1 172 ? -5.611  18.353  0.195   1.00 22.97 ? 168 TYR A CD2   1 
ATOM   1377 C  CE1   . TYR A 1 172 ? -7.961  17.972  1.599   1.00 21.03 ? 168 TYR A CE1   1 
ATOM   1378 C  CE2   . TYR A 1 172 ? -6.253  19.434  0.782   1.00 22.13 ? 168 TYR A CE2   1 
ATOM   1379 C  CZ    . TYR A 1 172 ? -7.432  19.233  1.477   1.00 25.01 ? 168 TYR A CZ    1 
ATOM   1380 O  OH    . TYR A 1 172 ? -8.074  20.300  2.058   1.00 23.51 ? 168 TYR A OH    1 
ATOM   1381 N  N     . GLU A 1 173 ? -4.323  16.543  -3.164  1.00 16.50 ? 169 GLU A N     1 
ATOM   1382 C  CA    . GLU A 1 173 ? -3.867  17.461  -4.199  1.00 20.60 ? 169 GLU A CA    1 
ATOM   1383 C  C     . GLU A 1 173 ? -4.519  17.174  -5.540  1.00 21.74 ? 169 GLU A C     1 
ATOM   1384 O  O     . GLU A 1 173 ? -4.725  18.079  -6.340  1.00 18.62 ? 169 GLU A O     1 
ATOM   1385 C  CB    . GLU A 1 173 ? -2.346  17.412  -4.350  1.00 26.03 ? 169 GLU A CB    1 
ATOM   1386 C  CG    . GLU A 1 173 ? -1.577  18.060  -3.210  1.00 20.90 ? 169 GLU A CG    1 
ATOM   1387 C  CD    . GLU A 1 173 ? -1.969  19.517  -2.977  1.00 25.67 ? 169 GLU A CD    1 
ATOM   1388 O  OE1   . GLU A 1 173 ? -2.372  20.192  -3.941  1.00 21.27 ? 169 GLU A OE1   1 
ATOM   1389 O  OE2   . GLU A 1 173 ? -1.888  19.983  -1.821  1.00 21.79 ? 169 GLU A OE2   1 
ATOM   1390 N  N     . LYS A 1 174 ? -4.843  15.916  -5.795  1.00 15.91 ? 170 LYS A N     1 
ATOM   1391 C  CA    . LYS A 1 174 ? -5.493  15.577  -7.049  1.00 15.91 ? 170 LYS A CA    1 
ATOM   1392 C  C     . LYS A 1 174 ? -6.931  16.101  -7.092  1.00 22.76 ? 170 LYS A C     1 
ATOM   1393 O  O     . LYS A 1 174 ? -7.344  16.696  -8.083  1.00 18.66 ? 170 LYS A O     1 
ATOM   1394 C  CB    . LYS A 1 174 ? -5.479  14.068  -7.271  1.00 17.97 ? 170 LYS A CB    1 
ATOM   1395 C  CG    . LYS A 1 174 ? -6.298  13.600  -8.477  1.00 23.41 ? 170 LYS A CG    1 
ATOM   1396 C  CD    . LYS A 1 174 ? -5.855  14.269  -9.793  1.00 28.57 ? 170 LYS A CD    1 
ATOM   1397 C  CE    . LYS A 1 174 ? -6.690  13.766  -10.976 1.00 37.94 ? 170 LYS A CE    1 
ATOM   1398 N  NZ    . LYS A 1 174 ? -6.528  14.585  -12.213 1.00 33.34 ? 170 LYS A NZ    1 
ATOM   1399 N  N     . ILE A 1 175 ? -7.684  15.900  -6.016  1.00 14.71 ? 171 ILE A N     1 
ATOM   1400 C  CA    . ILE A 1 175 ? -9.125  16.162  -6.055  1.00 19.70 ? 171 ILE A CA    1 
ATOM   1401 C  C     . ILE A 1 175 ? -9.518  17.545  -5.559  1.00 17.51 ? 171 ILE A C     1 
ATOM   1402 O  O     . ILE A 1 175 ? -10.650 17.982  -5.777  1.00 24.42 ? 171 ILE A O     1 
ATOM   1403 C  CB    . ILE A 1 175 ? -9.919  15.108  -5.230  1.00 18.82 ? 171 ILE A CB    1 
ATOM   1404 C  CG1   . ILE A 1 175 ? -9.642  15.265  -3.730  1.00 22.23 ? 171 ILE A CG1   1 
ATOM   1405 C  CG2   . ILE A 1 175 ? -9.600  13.697  -5.731  1.00 15.29 ? 171 ILE A CG2   1 
ATOM   1406 C  CD1   . ILE A 1 175 ? -10.459 14.332  -2.840  1.00 18.63 ? 171 ILE A CD1   1 
ATOM   1407 N  N     . GLN A 1 176 ? -8.615  18.260  -4.905  1.00 21.60 ? 172 GLN A N     1 
ATOM   1408 C  CA    . GLN A 1 176 ? -8.962  19.638  -4.569  1.00 23.77 ? 172 GLN A CA    1 
ATOM   1409 C  C     . GLN A 1 176 ? -7.767  20.582  -4.489  1.00 30.08 ? 172 GLN A C     1 
ATOM   1410 O  O     . GLN A 1 176 ? -7.783  21.557  -3.734  1.00 33.51 ? 172 GLN A O     1 
ATOM   1411 C  CB    . GLN A 1 176 ? -9.761  19.679  -3.264  1.00 26.76 ? 172 GLN A CB    1 
ATOM   1412 C  CG    . GLN A 1 176 ? -8.999  19.389  -2.007  1.00 25.88 ? 172 GLN A CG    1 
ATOM   1413 C  CD    . GLN A 1 176 ? -9.489  20.256  -0.869  1.00 23.95 ? 172 GLN A CD    1 
ATOM   1414 O  OE1   . GLN A 1 176 ? -10.440 19.912  -0.173  1.00 22.49 ? 172 GLN A OE1   1 
ATOM   1415 N  NE2   . GLN A 1 176 ? -8.843  21.397  -0.683  1.00 29.60 ? 172 GLN A NE2   1 
ATOM   1416 O  OXT   . GLN A 1 176 ? -6.776  20.418  -5.207  1.00 30.55 ? 172 GLN A OXT   1 
HETATM 1417 P  PG    . GNP B 2 .   ? 0.636   -12.056 2.926   1.00 18.61 ? 201 GNP A PG    1 
HETATM 1418 O  O1G   . GNP B 2 .   ? 0.860   -13.554 2.846   1.00 22.87 ? 201 GNP A O1G   1 
HETATM 1419 O  O2G   . GNP B 2 .   ? -0.451  -11.647 3.890   1.00 19.69 ? 201 GNP A O2G   1 
HETATM 1420 O  O3G   . GNP B 2 .   ? 0.391   -11.615 1.502   1.00 13.89 ? 201 GNP A O3G   1 
HETATM 1421 N  N3B   . GNP B 2 .   ? 1.992   -11.410 3.463   1.00 12.87 ? 201 GNP A N3B   1 
HETATM 1422 P  PB    . GNP B 2 .   ? 2.268   -9.886  3.843   1.00 17.70 ? 201 GNP A PB    1 
HETATM 1423 O  O1B   . GNP B 2 .   ? 2.698   -9.133  2.642   1.00 15.04 ? 201 GNP A O1B   1 
HETATM 1424 O  O2B   . GNP B 2 .   ? 1.109   -9.299  4.559   1.00 15.36 ? 201 GNP A O2B   1 
HETATM 1425 O  O3A   . GNP B 2 .   ? 3.518   -9.910  4.754   1.00 15.69 ? 201 GNP A O3A   1 
HETATM 1426 P  PA    . GNP B 2 .   ? 3.551   -9.756  6.298   1.00 17.32 ? 201 GNP A PA    1 
HETATM 1427 O  O1A   . GNP B 2 .   ? 3.267   -8.325  6.559   1.00 18.91 ? 201 GNP A O1A   1 
HETATM 1428 O  O2A   . GNP B 2 .   ? 2.758   -10.799 6.974   1.00 14.64 ? 201 GNP A O2A   1 
HETATM 1429 O  "O5'" . GNP B 2 .   ? 5.029   -9.993  6.785   1.00 18.55 ? 201 GNP A "O5'" 1 
HETATM 1430 C  "C5'" . GNP B 2 .   ? 5.779   -11.091 6.250   1.00 19.10 ? 201 GNP A "C5'" 1 
HETATM 1431 C  "C4'" . GNP B 2 .   ? 7.015   -11.370 7.090   1.00 19.37 ? 201 GNP A "C4'" 1 
HETATM 1432 O  "O4'" . GNP B 2 .   ? 8.027   -10.362 6.837   1.00 18.05 ? 201 GNP A "O4'" 1 
HETATM 1433 C  "C3'" . GNP B 2 .   ? 6.789   -11.380 8.601   1.00 20.36 ? 201 GNP A "C3'" 1 
HETATM 1434 O  "O3'" . GNP B 2 .   ? 7.627   -12.383 9.196   1.00 23.75 ? 201 GNP A "O3'" 1 
HETATM 1435 C  "C2'" . GNP B 2 .   ? 7.216   -9.975  9.023   1.00 19.81 ? 201 GNP A "C2'" 1 
HETATM 1436 O  "O2'" . GNP B 2 .   ? 7.690   -9.932  10.358  1.00 22.34 ? 201 GNP A "O2'" 1 
HETATM 1437 C  "C1'" . GNP B 2 .   ? 8.350   -9.681  8.043   1.00 17.53 ? 201 GNP A "C1'" 1 
HETATM 1438 N  N9    . GNP B 2 .   ? 8.535   -8.258  7.733   1.00 22.35 ? 201 GNP A N9    1 
HETATM 1439 C  C8    . GNP B 2 .   ? 7.588   -7.398  7.215   1.00 15.49 ? 201 GNP A C8    1 
HETATM 1440 N  N7    . GNP B 2 .   ? 8.029   -6.178  7.033   1.00 19.35 ? 201 GNP A N7    1 
HETATM 1441 C  C5    . GNP B 2 .   ? 9.357   -6.239  7.440   1.00 20.12 ? 201 GNP A C5    1 
HETATM 1442 C  C6    . GNP B 2 .   ? 10.348  -5.234  7.468   1.00 18.20 ? 201 GNP A C6    1 
HETATM 1443 O  O6    . GNP B 2 .   ? 10.245  -4.057  7.127   1.00 19.13 ? 201 GNP A O6    1 
HETATM 1444 N  N1    . GNP B 2 .   ? 11.568  -5.694  7.951   1.00 19.75 ? 201 GNP A N1    1 
HETATM 1445 C  C2    . GNP B 2 .   ? 11.801  -6.981  8.358   1.00 21.53 ? 201 GNP A C2    1 
HETATM 1446 N  N2    . GNP B 2 .   ? 13.044  -7.238  8.799   1.00 19.30 ? 201 GNP A N2    1 
HETATM 1447 N  N3    . GNP B 2 .   ? 10.880  -7.942  8.340   1.00 19.39 ? 201 GNP A N3    1 
HETATM 1448 C  C4    . GNP B 2 .   ? 9.684   -7.509  7.870   1.00 20.30 ? 201 GNP A C4    1 
HETATM 1449 MG MG    . MG  C 3 .   ? -0.740  -10.095 4.900   1.00 19.70 ? 202 MG  A MG    1 
HETATM 1450 O  OH4   . 1PE D 4 .   ? 11.322  9.124   -6.900  0.50 28.61 ? 203 1PE A OH4   1 
HETATM 1451 C  C14   . 1PE D 4 .   ? 9.989   8.266   -8.729  0.50 23.64 ? 203 1PE A C14   1 
HETATM 1452 C  C24   . 1PE D 4 .   ? 11.395  8.462   -8.146  0.50 28.80 ? 203 1PE A C24   1 
HETATM 1453 O  OH5   . 1PE D 4 .   ? 9.331   9.528   -8.787  0.50 35.29 ? 203 1PE A OH5   1 
HETATM 1454 C  C15   . 1PE D 4 .   ? 7.335   10.876  -8.845  0.50 26.57 ? 203 1PE A C15   1 
HETATM 1455 C  C25   . 1PE D 4 .   ? 7.905   9.458   -8.856  0.50 26.63 ? 203 1PE A C25   1 
HETATM 1456 O  OH6   . 1PE D 4 .   ? 6.629   11.095  -7.670  0.50 35.34 ? 203 1PE A OH6   1 
HETATM 1457 C  C16   . 1PE D 4 .   ? 6.491   12.459  -5.673  0.50 28.83 ? 203 1PE A C16   1 
HETATM 1458 C  C26   . 1PE D 4 .   ? 6.645   12.443  -7.219  0.50 23.64 ? 203 1PE A C26   1 
HETATM 1459 O  OH7   . 1PE D 4 .   ? 7.793   12.646  -5.041  0.50 28.30 ? 203 1PE A OH7   1 
HETATM 1460 O  OH4   . 1PE E 4 .   ? 1.734   -13.063 -9.595  1.00 29.79 ? 204 1PE A OH4   1 
HETATM 1461 C  C14   . 1PE E 4 .   ? 0.019   -11.612 -10.344 1.00 22.03 ? 204 1PE A C14   1 
HETATM 1462 C  C24   . 1PE E 4 .   ? 1.357   -11.701 -9.607  1.00 16.40 ? 204 1PE A C24   1 
HETATM 1463 O  OH5   . 1PE E 4 .   ? -0.880  -10.745 -9.672  1.00 28.38 ? 204 1PE A OH5   1 
HETATM 1464 C  C15   . 1PE E 4 .   ? -3.278  -10.825 -9.854  1.00 26.26 ? 204 1PE A C15   1 
HETATM 1465 C  C25   . 1PE E 4 .   ? -1.982  -10.383 -10.506 1.00 25.90 ? 204 1PE A C25   1 
HETATM 1466 O  OH6   . 1PE E 4 .   ? -3.576  -12.122 -10.219 1.00 39.12 ? 204 1PE A OH6   1 
HETATM 1467 O  O     . HOH F 5 .   ? -1.668  -8.868  3.383   1.00 13.92 ? 301 HOH A O     1 
HETATM 1468 O  O     . HOH F 5 .   ? 0.203   -11.048 6.718   1.00 13.78 ? 302 HOH A O     1 
HETATM 1469 O  O     . HOH F 5 .   ? 19.177  -11.520 -0.647  1.00 17.33 ? 303 HOH A O     1 
HETATM 1470 O  O     . HOH F 5 .   ? 14.303  -1.121  -3.927  1.00 12.68 ? 304 HOH A O     1 
HETATM 1471 O  O     . HOH F 5 .   ? 2.005   -17.181 -4.084  1.00 17.45 ? 305 HOH A O     1 
HETATM 1472 O  O     . HOH F 5 .   ? 10.915  -13.421 -12.177 1.00 17.19 ? 306 HOH A O     1 
HETATM 1473 O  O     . HOH F 5 .   ? -0.163  7.266   -9.269  1.00 16.91 ? 307 HOH A O     1 
HETATM 1474 O  O     . HOH F 5 .   ? 5.287   -7.790  -4.851  1.00 13.51 ? 308 HOH A O     1 
HETATM 1475 O  O     . HOH F 5 .   ? 13.748  5.208   -15.638 1.00 17.79 ? 309 HOH A O     1 
HETATM 1476 O  O     . HOH F 5 .   ? -12.214 6.548   -1.192  1.00 18.06 ? 310 HOH A O     1 
HETATM 1477 O  O     . HOH F 5 .   ? 1.934   -11.325 9.541   1.00 22.42 ? 311 HOH A O     1 
HETATM 1478 O  O     . HOH F 5 .   ? -10.941 -7.123  8.849   1.00 19.14 ? 312 HOH A O     1 
HETATM 1479 O  O     . HOH F 5 .   ? -8.809  18.508  12.044  1.00 28.93 ? 313 HOH A O     1 
HETATM 1480 O  O     . HOH F 5 .   ? -8.010  6.908   14.303  1.00 20.25 ? 314 HOH A O     1 
HETATM 1481 O  O     . HOH F 5 .   ? -1.516  18.262  5.482   1.00 21.83 ? 315 HOH A O     1 
HETATM 1482 O  O     . HOH F 5 .   ? -2.171  6.278   -11.249 1.00 23.85 ? 316 HOH A O     1 
HETATM 1483 O  O     . HOH F 5 .   ? -4.181  -6.759  8.420   1.00 25.95 ? 317 HOH A O     1 
HETATM 1484 O  O     . HOH F 5 .   ? 0.096   0.853   -16.016 1.00 28.47 ? 318 HOH A O     1 
HETATM 1485 O  O     . HOH F 5 .   ? 13.393  3.037   4.447   1.00 22.13 ? 319 HOH A O     1 
HETATM 1486 O  O     . HOH F 5 .   ? -1.496  -14.323 1.729   1.00 16.52 ? 320 HOH A O     1 
HETATM 1487 O  O     . HOH F 5 .   ? -2.402  -8.658  -2.730  1.00 21.09 ? 321 HOH A O     1 
HETATM 1488 O  O     . HOH F 5 .   ? -9.588  21.920  10.643  1.00 30.28 ? 322 HOH A O     1 
HETATM 1489 O  O     . HOH F 5 .   ? 3.783   -4.591  11.985  1.00 21.67 ? 323 HOH A O     1 
HETATM 1490 O  O     . HOH F 5 .   ? 8.182   9.350   -5.570  1.00 20.17 ? 324 HOH A O     1 
HETATM 1491 O  O     . HOH F 5 .   ? -13.592 19.782  2.217   1.00 28.58 ? 325 HOH A O     1 
HETATM 1492 O  O     . HOH F 5 .   ? 2.191   5.277   12.779  1.00 28.63 ? 326 HOH A O     1 
HETATM 1493 O  O     . HOH F 5 .   ? 0.297   8.966   -12.845 1.00 18.42 ? 327 HOH A O     1 
HETATM 1494 O  O     . HOH F 5 .   ? -18.135 7.464   3.529   1.00 25.58 ? 328 HOH A O     1 
HETATM 1495 O  O     . HOH F 5 .   ? 6.641   5.655   10.602  1.00 21.72 ? 329 HOH A O     1 
HETATM 1496 O  O     . HOH F 5 .   ? -2.934  19.718  8.700   1.00 24.19 ? 330 HOH A O     1 
HETATM 1497 O  O     . HOH F 5 .   ? -2.286  12.564  10.679  1.00 29.00 ? 331 HOH A O     1 
HETATM 1498 O  O     . HOH F 5 .   ? -11.740 -9.137  7.391   1.00 25.88 ? 332 HOH A O     1 
HETATM 1499 O  O     . HOH F 5 .   ? -15.280 1.855   0.712   1.00 30.99 ? 333 HOH A O     1 
HETATM 1500 O  O     . HOH F 5 .   ? 16.204  3.015   1.893   1.00 30.27 ? 334 HOH A O     1 
HETATM 1501 O  O     . HOH F 5 .   ? 3.130   -14.188 -3.948  1.00 16.49 ? 335 HOH A O     1 
HETATM 1502 O  O     . HOH F 5 .   ? 6.679   -16.620 10.292  1.00 21.93 ? 336 HOH A O     1 
HETATM 1503 O  O     . HOH F 5 .   ? -2.371  -5.830  9.783   1.00 23.91 ? 337 HOH A O     1 
HETATM 1504 O  O     . HOH F 5 .   ? 12.416  6.167   0.177   1.00 23.65 ? 338 HOH A O     1 
HETATM 1505 O  O     . HOH F 5 .   ? -14.276 6.229   13.282  1.00 23.75 ? 339 HOH A O     1 
HETATM 1506 O  O     . HOH F 5 .   ? 7.911   12.893  2.542   1.00 37.62 ? 340 HOH A O     1 
HETATM 1507 O  O     . HOH F 5 .   ? 15.898  1.362   7.120   1.00 29.27 ? 341 HOH A O     1 
HETATM 1508 O  O     . HOH F 5 .   ? 13.668  -15.503 -2.620  1.00 26.06 ? 342 HOH A O     1 
HETATM 1509 O  O     . HOH F 5 .   ? -15.530 -0.832  -1.669  1.00 25.31 ? 343 HOH A O     1 
HETATM 1510 O  O     . HOH F 5 .   ? -15.236 16.899  1.718   1.00 33.06 ? 344 HOH A O     1 
HETATM 1511 O  O     . HOH F 5 .   ? 22.233  -4.830  -4.673  1.00 37.04 ? 345 HOH A O     1 
HETATM 1512 O  O     . HOH F 5 .   ? 13.317  -0.490  -12.464 1.00 24.79 ? 346 HOH A O     1 
HETATM 1513 O  O     . HOH F 5 .   ? -14.197 14.155  11.772  1.00 26.71 ? 347 HOH A O     1 
HETATM 1514 O  O     . HOH F 5 .   ? 18.380  -0.112  2.718   1.00 29.27 ? 348 HOH A O     1 
HETATM 1515 O  O     . HOH F 5 .   ? 16.035  -13.229 -0.223  1.00 29.18 ? 349 HOH A O     1 
HETATM 1516 O  O     . HOH F 5 .   ? 2.608   -13.729 -6.775  1.00 24.67 ? 350 HOH A O     1 
HETATM 1517 O  O     . HOH F 5 .   ? 8.071   9.909   -2.324  1.00 28.28 ? 351 HOH A O     1 
HETATM 1518 O  O     . HOH F 5 .   ? -7.397  -11.064 -0.034  1.00 31.28 ? 352 HOH A O     1 
HETATM 1519 O  O     . HOH F 5 .   ? -7.897  9.060   -6.487  1.00 27.83 ? 353 HOH A O     1 
HETATM 1520 O  O     . HOH F 5 .   ? 17.932  -17.084 4.188   1.00 33.87 ? 354 HOH A O     1 
HETATM 1521 O  O     . HOH F 5 .   ? -3.915  22.035  -0.113  1.00 29.62 ? 355 HOH A O     1 
HETATM 1522 O  O     . HOH F 5 .   ? -19.976 8.904   3.185   1.00 29.94 ? 356 HOH A O     1 
HETATM 1523 O  O     . HOH F 5 .   ? 20.114  -8.170  6.457   1.00 28.40 ? 357 HOH A O     1 
HETATM 1524 O  O     . HOH F 5 .   ? 15.015  -13.805 -4.281  1.00 21.37 ? 358 HOH A O     1 
HETATM 1525 O  O     . HOH F 5 .   ? -3.616  20.869  -5.917  1.00 34.79 ? 359 HOH A O     1 
HETATM 1526 O  O     . HOH F 5 .   ? 14.087  -7.109  -12.526 1.00 26.14 ? 360 HOH A O     1 
HETATM 1527 O  O     . HOH F 5 .   ? 13.879  -10.280 9.266   1.00 33.56 ? 361 HOH A O     1 
HETATM 1528 O  O     . HOH F 5 .   ? 10.382  7.495   9.313   1.00 29.11 ? 362 HOH A O     1 
HETATM 1529 O  O     . HOH F 5 .   ? -9.968  12.199  -12.482 1.00 26.37 ? 363 HOH A O     1 
HETATM 1530 O  O     . HOH F 5 .   ? 6.616   -3.606  18.112  1.00 33.40 ? 364 HOH A O     1 
HETATM 1531 O  O     . HOH F 5 .   ? -3.698  10.747  13.042  1.00 40.44 ? 365 HOH A O     1 
HETATM 1532 O  O     . HOH F 5 .   ? 9.664   -13.513 2.598   1.00 31.31 ? 366 HOH A O     1 
HETATM 1533 O  O     . HOH F 5 .   ? 6.447   -14.278 -4.584  1.00 22.19 ? 367 HOH A O     1 
HETATM 1534 O  O     . HOH F 5 .   ? 9.417   -4.862  -12.337 1.00 31.20 ? 368 HOH A O     1 
HETATM 1535 O  O     . HOH F 5 .   ? 4.573   8.654   14.329  1.00 45.51 ? 369 HOH A O     1 
HETATM 1536 O  O     . HOH F 5 .   ? 2.365   9.338   14.731  1.00 43.41 ? 370 HOH A O     1 
HETATM 1537 O  O     . HOH F 5 .   ? -5.161  22.274  -6.886  1.00 34.13 ? 371 HOH A O     1 
HETATM 1538 O  O     . HOH F 5 .   ? -13.557 -11.286 -4.850  1.00 29.23 ? 372 HOH A O     1 
HETATM 1539 O  O     . HOH F 5 .   ? 2.094   2.367   -16.762 1.00 30.87 ? 373 HOH A O     1 
HETATM 1540 O  O     . HOH F 5 .   ? 14.910  -10.130 -13.235 1.00 26.64 ? 374 HOH A O     1 
HETATM 1541 O  O     . HOH F 5 .   ? 6.436   11.183  -1.400  1.00 32.41 ? 375 HOH A O     1 
HETATM 1542 O  O     . HOH F 5 .   ? 8.908   -15.777 -3.104  0.50 39.35 ? 376 HOH A O     1 
HETATM 1543 O  O     . HOH F 5 .   ? -4.880  -2.117  11.652  1.00 29.51 ? 377 HOH A O     1 
HETATM 1544 O  O     . HOH F 5 .   ? 15.423  1.398   9.311   1.00 32.15 ? 378 HOH A O     1 
HETATM 1545 O  O     . HOH F 5 .   ? -12.303 23.933  2.696   1.00 29.09 ? 379 HOH A O     1 
HETATM 1546 O  O     . HOH F 5 .   ? 16.629  5.696   -11.047 1.00 23.67 ? 380 HOH A O     1 
HETATM 1547 O  O     . HOH F 5 .   ? -17.359 -14.274 -8.433  1.00 36.63 ? 381 HOH A O     1 
HETATM 1548 O  O     . HOH F 5 .   ? 4.183   13.577  5.121   1.00 34.79 ? 382 HOH A O     1 
HETATM 1549 O  O     . HOH F 5 .   ? 7.326   13.679  5.058   1.00 47.30 ? 383 HOH A O     1 
HETATM 1550 O  O     . HOH F 5 .   ? -7.587  23.919  0.769   1.00 25.79 ? 384 HOH A O     1 
HETATM 1551 O  O     . HOH F 5 .   ? 7.952   8.309   -19.390 1.00 26.09 ? 385 HOH A O     1 
HETATM 1552 O  O     . HOH F 5 .   ? -2.549  18.703  -8.159  1.00 32.70 ? 386 HOH A O     1 
HETATM 1553 O  O     . HOH F 5 .   ? -4.179  4.283   -11.646 1.00 37.22 ? 387 HOH A O     1 
HETATM 1554 O  O     . HOH F 5 .   ? 15.293  -2.682  -12.816 1.00 29.43 ? 388 HOH A O     1 
HETATM 1555 O  O     . HOH F 5 .   ? 22.083  -9.446  -2.353  1.00 30.58 ? 389 HOH A O     1 
HETATM 1556 O  O     . HOH F 5 .   ? -15.685 2.175   -13.982 1.00 34.90 ? 390 HOH A O     1 
HETATM 1557 O  O     . HOH F 5 .   ? -5.790  -10.955 -3.273  1.00 35.97 ? 391 HOH A O     1 
HETATM 1558 O  O     . HOH F 5 .   ? -3.079  20.800  11.409  1.00 36.39 ? 392 HOH A O     1 
HETATM 1559 O  O     . HOH F 5 .   ? -2.326  -21.060 -7.067  1.00 33.19 ? 393 HOH A O     1 
HETATM 1560 O  O     . HOH F 5 .   ? -12.782 8.400   -13.773 1.00 33.81 ? 394 HOH A O     1 
HETATM 1561 O  O     . HOH F 5 .   ? -10.195 -1.421  -17.789 1.00 40.40 ? 395 HOH A O     1 
HETATM 1562 O  O     . HOH F 5 .   ? 18.891  0.495   6.746   1.00 35.22 ? 396 HOH A O     1 
HETATM 1563 O  O     . HOH F 5 .   ? -2.277  22.646  4.004   1.00 32.82 ? 397 HOH A O     1 
HETATM 1564 O  O     . HOH F 5 .   ? 8.522   -0.677  15.893  1.00 34.60 ? 398 HOH A O     1 
HETATM 1565 O  O     . HOH F 5 .   ? -14.512 3.548   -1.244  1.00 36.97 ? 399 HOH A O     1 
HETATM 1566 O  O     . HOH F 5 .   ? 7.697   -6.552  17.852  1.00 34.57 ? 400 HOH A O     1 
HETATM 1567 O  O     . HOH F 5 .   ? 20.026  0.728   -3.401  1.00 22.92 ? 401 HOH A O     1 
HETATM 1568 O  O     . HOH F 5 .   ? -3.883  1.589   18.987  1.00 36.46 ? 402 HOH A O     1 
HETATM 1569 O  O     . HOH F 5 .   ? 0.275   7.707   -19.797 0.50 27.09 ? 403 HOH A O     1 
HETATM 1570 O  O     . HOH F 5 .   ? -0.529  6.722   -16.763 1.00 41.06 ? 404 HOH A O     1 
HETATM 1571 O  O     . HOH F 5 .   ? 17.707  0.218   10.449  1.00 34.91 ? 405 HOH A O     1 
HETATM 1572 O  O     . HOH F 5 .   ? -8.371  -11.918 -3.123  1.00 23.09 ? 406 HOH A O     1 
HETATM 1573 O  O     . HOH F 5 .   ? -0.789  -21.877 -5.306  1.00 42.59 ? 407 HOH A O     1 
HETATM 1574 O  O     . HOH F 5 .   ? 4.040   12.493  -2.622  1.00 25.30 ? 408 HOH A O     1 
HETATM 1575 O  O     . HOH F 5 .   ? -3.474  -17.392 8.492   1.00 31.41 ? 409 HOH A O     1 
HETATM 1576 O  O     . HOH F 5 .   ? 2.458   -18.078 -6.621  1.00 33.91 ? 410 HOH A O     1 
HETATM 1577 O  O     . HOH F 5 .   ? -12.835 -9.286  -11.802 1.00 29.97 ? 411 HOH A O     1 
HETATM 1578 O  O     . HOH F 5 .   ? 5.713   9.501   -11.711 0.50 23.88 ? 412 HOH A O     1 
HETATM 1579 O  O     . HOH F 5 .   ? -5.150  -13.120 -8.754  1.00 38.09 ? 413 HOH A O     1 
# 
